data_3ETR
#
_entry.id   3ETR
#
_cell.length_a   133.190
_cell.length_b   73.491
_cell.length_c   146.505
_cell.angle_alpha   90.000
_cell.angle_beta   98.680
_cell.angle_gamma   90.000
#
_symmetry.space_group_name_H-M   'P 1 21 1'
#
loop_
_entity.id
_entity.type
_entity.pdbx_description
1 polymer 'Xanthine dehydrogenase/oxidase'
2 polymer 'Xanthine dehydrogenase/oxidase'
3 polymer 'Xanthine dehydrogenase/oxidase'
4 non-polymer 'FE2/S2 (INORGANIC) CLUSTER'
5 non-polymer 'FLAVIN-ADENINE DINUCLEOTIDE'
6 non-polymer 'PHOSPHONIC ACIDMONO-(2-AMINO-5,6-DIMERCAPTO-4-OXO-3,7,8A,9,10,10A-HEXAHYDRO-4H-8-OXA-1,3,9,10-TETRAAZA-ANTHRACEN-7-YLMETHYL)ESTER'
7 non-polymer 'DIOXOTHIOMOLYBDENUM(VI) ION'
8 non-polymer pteridine-2,4(1H,3H)-dione
9 non-polymer 'CALCIUM ION'
10 water water
#
loop_
_entity_poly.entity_id
_entity_poly.type
_entity_poly.pdbx_seq_one_letter_code
_entity_poly.pdbx_strand_id
1 'polypeptide(L)'
;TADELVFFVNGKKVVEKNADPETTLLAYLRRKLGLRGTKLGCGEGGCGACTVMLSKYDRLQDKIIHFSANACLAPICTLH
HVAVTTVEGIGSTKTRLHPVQERIAKSHGSQCGFCTPGIVMSMYTLLRNQPEPTVEEIEDAFQGNLCRCTGYRPILQGFR
TFAK
;
A,L
2 'polypeptide(L)'
;PKQLRFEGERVTWIQASTLKELLDLKAQHPEAKLVVGNTEIGIEMKFKNQLFPMIICPAWIPELNAVEHGPEGISFGAAC
ALSSVEKTLLEAVAKLPTQKTEVFRGVLEQLRWFAGKQVKSVASLGGNIITASPISDLNPVFMASGTKLTIVSRGTRRTV
PMDHTFFPSYRKTLLGPEEILLSIEIPYSREDEFFSAFKQASRREDDIAKVTCGMRVLFQPGSMQVKELALCYGGMADRT
ISALKTTQKQLSKFWNEKLLQDVCAGLAEELSLSPDAPGGMIEFRRTLTLSFFFKFYLTVLKKLG
;
B,M
3 'polypeptide(L)'
;DTVGRPLPHLAAAMQASGEAVYCDDIPRYENELFLRLVTSTRAHAKIKSIDVSEAQKVPGFVCFLSADDIPGSNETGLFN
DETVFAKDTVTCVGHIIGAVVADTPEHAERAAHVVKVTYEDLPAIITIEDAIKNNSFYGSELKIEKGDLKKGFSEADNVV
SGELYIGGQDHFYLETHCTIAIPKGEEGEMELFVSTQNAMKTQSFVAKMLGVPVNRILVRVKRMGGGFGGKETRSTLVSV
AVALAAYKTGHPVRCMLDRNEDMLITGGRHPFLARYKVGFMKTGTIVALEVDHYSNAGNSRDLSHSIMERALFHMDNCYK
IPNIRGTGRLCKTNLSSNTAFRGFGGPQALFIAENWMSEVAVTCGLPAEEVRWKNMYKEGDLTHFNQRLEGFSVPRCWDE
CLKSSQYYARKSEVDKFNKENCWKKRGLCIIPTKFGISFTVPFLNQAGALIHVYTDGSVLVSHGGTEMGQGLHTKMVQVA
SKALKIPISKIYISETSTNTVPNSSPTAASVSTDIYGQAVYEACQTILKRLEPFKKKNPDGSWEDWVMAAYQDRVSLSTT
GFYRTPNLGYSFETNSGNAFHYFTYGVACSEVEIDCLTGDHKNLRTDIVMDVGSSLNPAIDIGQVEGAFVQGLGLFTLEE
LHYSPEGSLHTRGPSTYKIPAFGSIPTEFRVSLLRDCPNKKAIYASKAVGEPPLFLGASVFFAIKDAIRAARAQHTNNNT
KELFRLDSPATPEKIRNACVDKFTTLCVTGAPGNC
;
C,N
#
# COMPACT_ATOMS: atom_id res chain seq x y z
N THR A 1 -31.67 2.84 23.43
CA THR A 1 -32.86 2.41 22.59
C THR A 1 -33.04 3.37 21.39
N ALA A 2 -32.86 2.83 20.17
CA ALA A 2 -32.63 3.63 18.94
C ALA A 2 -32.96 2.86 17.64
N ASP A 3 -33.54 3.54 16.67
CA ASP A 3 -34.07 2.89 15.47
C ASP A 3 -33.02 2.55 14.42
N GLU A 4 -33.30 1.59 13.56
CA GLU A 4 -32.40 1.31 12.43
C GLU A 4 -32.71 2.26 11.26
N LEU A 5 -31.67 2.82 10.63
CA LEU A 5 -31.82 3.61 9.39
C LEU A 5 -31.66 2.72 8.19
N VAL A 6 -32.61 2.75 7.28
CA VAL A 6 -32.63 1.83 6.16
C VAL A 6 -32.70 2.60 4.85
N PHE A 7 -31.74 2.37 3.97
CA PHE A 7 -31.73 3.11 2.70
C PHE A 7 -31.04 2.27 1.69
N PHE A 8 -30.99 2.70 0.43
CA PHE A 8 -30.44 1.91 -0.67
C PHE A 8 -29.37 2.75 -1.38
N VAL A 9 -28.31 2.09 -1.83
CA VAL A 9 -27.26 2.72 -2.62
C VAL A 9 -26.99 1.85 -3.86
N ASN A 10 -27.11 2.45 -5.02
CA ASN A 10 -26.98 1.68 -6.27
C ASN A 10 -27.73 0.33 -6.19
N GLY A 11 -28.95 0.35 -5.64
CA GLY A 11 -29.86 -0.82 -5.57
C GLY A 11 -29.65 -1.80 -4.41
N LYS A 12 -28.62 -1.60 -3.60
CA LYS A 12 -28.32 -2.49 -2.50
C LYS A 12 -28.79 -1.87 -1.18
N LYS A 13 -29.40 -2.70 -0.35
CA LYS A 13 -29.98 -2.24 0.91
C LYS A 13 -28.95 -2.04 1.97
N VAL A 14 -29.03 -0.89 2.63
CA VAL A 14 -28.13 -0.55 3.71
C VAL A 14 -29.01 -0.40 4.95
N VAL A 15 -28.68 -1.13 6.01
CA VAL A 15 -29.35 -1.05 7.29
C VAL A 15 -28.25 -0.60 8.25
N GLU A 16 -28.39 0.61 8.75
CA GLU A 16 -27.41 1.18 9.65
C GLU A 16 -28.04 1.19 11.03
N LYS A 17 -27.61 0.30 11.92
CA LYS A 17 -28.21 0.12 13.27
C LYS A 17 -27.83 1.20 14.26
N ASN A 18 -26.78 1.94 13.97
CA ASN A 18 -26.40 2.99 14.87
C ASN A 18 -26.06 4.28 14.14
N ALA A 19 -27.02 4.81 13.38
CA ALA A 19 -26.83 6.09 12.68
C ALA A 19 -26.44 7.24 13.58
N ASP A 20 -25.35 7.90 13.29
CA ASP A 20 -25.03 9.12 14.05
C ASP A 20 -25.69 10.27 13.35
N PRO A 21 -26.53 11.04 14.05
CA PRO A 21 -27.10 12.25 13.40
C PRO A 21 -26.13 13.11 12.52
N GLU A 22 -24.84 13.15 12.88
CA GLU A 22 -23.88 14.06 12.26
C GLU A 22 -23.21 13.50 11.00
N THR A 23 -23.48 12.23 10.67
CA THR A 23 -22.96 11.60 9.49
C THR A 23 -23.57 12.11 8.18
N THR A 24 -22.74 12.72 7.34
CA THR A 24 -23.14 13.14 6.00
C THR A 24 -23.10 11.95 5.09
N LEU A 25 -23.94 11.94 4.05
CA LEU A 25 -23.88 10.91 2.99
C LEU A 25 -22.53 10.72 2.30
N LEU A 26 -21.85 11.82 1.93
CA LEU A 26 -20.48 11.67 1.34
C LEU A 26 -19.54 10.90 2.25
N ALA A 27 -19.52 11.22 3.54
CA ALA A 27 -18.67 10.48 4.51
C ALA A 27 -19.07 9.01 4.61
N TYR A 28 -20.37 8.73 4.56
CA TYR A 28 -20.80 7.33 4.59
C TYR A 28 -20.48 6.50 3.36
N LEU A 29 -20.72 7.10 2.22
CA LEU A 29 -20.37 6.54 0.96
C LEU A 29 -18.90 6.19 0.87
N ARG A 30 -18.04 7.16 1.14
CA ARG A 30 -16.60 7.03 0.99
C ARG A 30 -15.95 6.16 2.08
N ARG A 31 -16.39 6.32 3.34
CA ARG A 31 -15.61 5.76 4.40
C ARG A 31 -16.26 4.62 5.19
N LYS A 32 -17.50 4.32 4.89
CA LYS A 32 -18.20 3.19 5.40
C LYS A 32 -18.43 2.19 4.25
N LEU A 33 -18.99 2.66 3.13
CA LEU A 33 -19.33 1.80 2.03
C LEU A 33 -18.24 1.56 0.99
N GLY A 34 -17.22 2.42 0.95
CA GLY A 34 -16.02 2.17 0.13
C GLY A 34 -16.21 2.55 -1.34
N LEU A 35 -17.09 3.51 -1.61
CA LEU A 35 -17.43 3.92 -2.95
C LEU A 35 -16.92 5.33 -3.10
N ARG A 36 -15.69 5.44 -3.55
CA ARG A 36 -14.99 6.69 -3.56
C ARG A 36 -15.08 7.48 -4.90
N GLY A 37 -15.91 7.02 -5.83
CA GLY A 37 -16.24 7.76 -7.05
C GLY A 37 -16.76 9.18 -6.82
N THR A 38 -17.59 9.34 -5.76
CA THR A 38 -18.15 10.57 -5.24
C THR A 38 -17.10 11.27 -4.42
N LYS A 39 -16.84 12.56 -4.76
CA LYS A 39 -15.68 13.33 -4.22
C LYS A 39 -16.06 14.43 -3.29
N LEU A 40 -15.09 14.80 -2.45
CA LEU A 40 -15.09 16.01 -1.65
C LEU A 40 -14.32 17.13 -2.39
N GLY A 41 -15.01 18.21 -2.81
CA GLY A 41 -14.36 19.46 -3.31
C GLY A 41 -14.41 20.69 -2.41
N CYS A 42 -15.31 20.74 -1.42
CA CYS A 42 -15.62 22.01 -0.70
C CYS A 42 -16.38 21.78 0.60
N GLY A 43 -17.30 20.82 0.65
CA GLY A 43 -18.03 20.54 1.86
C GLY A 43 -19.09 21.53 2.20
N GLU A 44 -19.37 22.40 1.25
CA GLU A 44 -20.29 23.53 1.47
C GLU A 44 -21.29 23.73 0.38
N GLY A 45 -21.53 22.72 -0.45
CA GLY A 45 -22.60 22.82 -1.43
C GLY A 45 -22.33 23.63 -2.69
N GLY A 46 -21.16 24.22 -2.83
CA GLY A 46 -20.87 25.05 -4.02
C GLY A 46 -20.35 24.38 -5.31
N CYS A 47 -19.70 23.24 -5.22
CA CYS A 47 -18.93 22.79 -6.35
C CYS A 47 -19.49 21.57 -7.03
N GLY A 48 -20.38 20.83 -6.36
CA GLY A 48 -21.02 19.60 -6.95
C GLY A 48 -20.14 18.38 -7.19
N ALA A 49 -18.95 18.35 -6.65
CA ALA A 49 -18.09 17.14 -6.77
C ALA A 49 -18.67 15.91 -6.07
N CYS A 50 -19.46 16.18 -5.04
CA CYS A 50 -20.20 15.17 -4.25
C CYS A 50 -21.66 14.89 -4.74
N THR A 51 -22.00 15.30 -5.97
CA THR A 51 -23.34 15.16 -6.52
C THR A 51 -23.71 13.67 -6.65
N VAL A 52 -24.88 13.30 -6.10
CA VAL A 52 -25.49 11.96 -6.28
C VAL A 52 -26.92 12.15 -6.80
N MET A 53 -27.57 11.07 -7.27
CA MET A 53 -29.03 11.11 -7.51
C MET A 53 -29.78 10.55 -6.31
N LEU A 54 -30.87 11.13 -5.87
CA LEU A 54 -31.71 10.46 -4.87
C LEU A 54 -33.09 10.16 -5.44
N SER A 55 -33.71 9.07 -5.01
CA SER A 55 -35.00 8.65 -5.57
C SER A 55 -35.84 8.29 -4.37
N LYS A 56 -37.07 8.77 -4.36
CA LYS A 56 -38.01 8.40 -3.32
C LYS A 56 -39.46 8.46 -3.83
N TYR A 57 -40.37 7.76 -3.13
CA TYR A 57 -41.77 7.88 -3.44
C TYR A 57 -42.28 9.12 -2.77
N ASP A 58 -42.82 10.02 -3.56
CA ASP A 58 -43.44 11.18 -3.00
C ASP A 58 -44.92 10.83 -2.75
N ARG A 59 -45.23 10.40 -1.52
CA ARG A 59 -46.61 10.09 -1.05
C ARG A 59 -47.46 11.38 -1.12
N LEU A 60 -47.75 11.79 -2.34
CA LEU A 60 -48.53 12.99 -2.62
C LEU A 60 -48.67 13.06 -4.11
N GLN A 61 -47.53 13.04 -4.80
CA GLN A 61 -47.50 13.10 -6.24
C GLN A 61 -47.86 11.79 -6.90
N ASP A 62 -48.07 10.73 -6.09
CA ASP A 62 -47.72 9.34 -6.51
C ASP A 62 -46.23 9.41 -6.78
N LYS A 63 -45.83 8.98 -7.96
CA LYS A 63 -44.51 9.23 -8.49
C LYS A 63 -43.38 8.88 -7.49
N ILE A 64 -42.52 8.00 -7.95
CA ILE A 64 -41.12 8.04 -7.60
C ILE A 64 -40.63 9.35 -8.24
N ILE A 65 -39.90 10.17 -7.47
CA ILE A 65 -39.21 11.35 -7.97
C ILE A 65 -37.68 11.11 -7.96
N HIS A 66 -36.98 11.71 -8.93
CA HIS A 66 -35.53 11.62 -9.04
C HIS A 66 -34.96 13.02 -9.05
N PHE A 67 -33.96 13.31 -8.22
CA PHE A 67 -33.39 14.66 -8.14
C PHE A 67 -31.91 14.57 -7.71
N SER A 68 -31.12 15.60 -7.91
CA SER A 68 -29.74 15.47 -7.50
C SER A 68 -29.60 16.19 -6.17
N ALA A 69 -28.49 15.93 -5.49
CA ALA A 69 -28.16 16.47 -4.18
C ALA A 69 -26.67 16.36 -3.95
N ASN A 70 -26.18 17.28 -3.17
CA ASN A 70 -24.83 17.30 -2.64
C ASN A 70 -24.71 16.36 -1.49
N ALA A 71 -23.99 15.26 -1.68
CA ALA A 71 -23.75 14.30 -0.60
C ALA A 71 -23.01 14.88 0.66
N CYS A 72 -22.25 15.97 0.50
CA CYS A 72 -21.49 16.56 1.62
C CYS A 72 -22.40 17.29 2.58
N LEU A 73 -23.62 17.59 2.15
CA LEU A 73 -24.58 18.24 3.04
C LEU A 73 -25.74 17.41 3.49
N ALA A 74 -25.96 16.25 2.85
CA ALA A 74 -27.14 15.39 3.07
C ALA A 74 -26.92 14.55 4.31
N PRO A 75 -27.65 14.86 5.43
CA PRO A 75 -27.54 13.98 6.59
C PRO A 75 -28.06 12.60 6.19
N ILE A 76 -27.34 11.50 6.49
CA ILE A 76 -27.87 10.14 6.18
C ILE A 76 -29.22 9.89 6.88
N CYS A 77 -29.42 10.48 8.07
CA CYS A 77 -30.68 10.46 8.81
C CYS A 77 -31.91 11.07 8.12
N THR A 78 -31.73 11.92 7.12
CA THR A 78 -32.83 12.26 6.21
C THR A 78 -33.19 11.15 5.22
N LEU A 79 -32.33 10.16 5.11
CA LEU A 79 -32.43 9.27 3.97
C LEU A 79 -33.19 7.93 4.19
N HIS A 80 -33.83 7.76 5.34
CA HIS A 80 -34.65 6.58 5.60
C HIS A 80 -35.65 6.33 4.44
N HIS A 81 -35.54 5.15 3.82
CA HIS A 81 -36.40 4.70 2.73
C HIS A 81 -36.16 5.48 1.45
N VAL A 82 -34.97 6.07 1.31
CA VAL A 82 -34.57 6.79 0.11
C VAL A 82 -33.50 5.95 -0.65
N ALA A 83 -33.51 6.06 -1.99
CA ALA A 83 -32.55 5.42 -2.85
C ALA A 83 -31.50 6.37 -3.49
N VAL A 84 -30.20 6.06 -3.27
CA VAL A 84 -29.04 6.82 -3.73
C VAL A 84 -28.44 6.12 -4.94
N THR A 85 -28.09 6.90 -5.98
CA THR A 85 -27.37 6.40 -7.11
C THR A 85 -26.08 7.22 -7.21
N THR A 86 -24.94 6.52 -7.31
CA THR A 86 -23.68 7.19 -7.41
C THR A 86 -23.17 6.94 -8.83
N VAL A 87 -22.05 7.55 -9.15
CA VAL A 87 -21.41 7.30 -10.42
C VAL A 87 -21.23 5.81 -10.71
N GLU A 88 -20.83 5.03 -9.70
CA GLU A 88 -20.63 3.58 -9.91
C GLU A 88 -21.94 2.83 -10.13
N GLY A 89 -23.07 3.46 -9.77
CA GLY A 89 -24.40 2.91 -9.97
C GLY A 89 -24.84 2.86 -11.44
N ILE A 90 -24.20 3.65 -12.32
CA ILE A 90 -24.69 3.86 -13.70
C ILE A 90 -23.98 3.11 -14.81
N GLY A 91 -22.71 2.81 -14.57
CA GLY A 91 -21.85 2.00 -15.42
C GLY A 91 -20.38 2.14 -15.03
N SER A 92 -19.50 1.37 -15.68
CA SER A 92 -18.08 1.26 -15.38
C SER A 92 -17.33 0.71 -16.58
N THR A 93 -16.05 0.99 -16.66
CA THR A 93 -15.22 0.46 -17.74
C THR A 93 -15.04 -1.06 -17.56
N LYS A 94 -15.57 -1.59 -16.46
CA LYS A 94 -15.51 -3.01 -16.19
C LYS A 94 -16.64 -3.79 -16.83
N THR A 95 -17.83 -3.17 -16.91
CA THR A 95 -19.01 -3.75 -17.53
C THR A 95 -19.39 -2.98 -18.81
N ARG A 96 -20.19 -1.90 -18.69
CA ARG A 96 -20.40 -0.93 -19.79
C ARG A 96 -20.51 0.51 -19.24
N LEU A 97 -19.92 1.49 -19.92
CA LEU A 97 -20.21 2.85 -19.53
C LEU A 97 -21.65 3.24 -19.83
N HIS A 98 -22.24 4.06 -18.95
CA HIS A 98 -23.49 4.74 -19.35
C HIS A 98 -23.24 5.68 -20.55
N PRO A 99 -24.22 5.88 -21.47
CA PRO A 99 -23.99 6.91 -22.51
C PRO A 99 -23.51 8.29 -21.97
N VAL A 100 -23.93 8.72 -20.79
CA VAL A 100 -23.44 10.00 -20.20
C VAL A 100 -21.90 9.95 -20.01
N GLN A 101 -21.43 8.84 -19.45
CA GLN A 101 -20.01 8.64 -19.16
C GLN A 101 -19.16 8.55 -20.43
N GLU A 102 -19.65 7.79 -21.39
CA GLU A 102 -18.98 7.66 -22.65
C GLU A 102 -18.80 8.98 -23.38
N ARG A 103 -19.85 9.77 -23.43
CA ARG A 103 -19.83 11.05 -24.18
C ARG A 103 -18.93 12.10 -23.59
N ILE A 104 -18.98 12.25 -22.26
CA ILE A 104 -18.12 13.26 -21.63
C ILE A 104 -16.66 12.88 -21.74
N ALA A 105 -16.36 11.58 -21.63
CA ALA A 105 -15.01 11.04 -21.91
C ALA A 105 -14.52 11.29 -23.37
N LYS A 106 -15.29 10.81 -24.37
CA LYS A 106 -14.91 10.97 -25.79
C LYS A 106 -14.95 12.40 -26.36
N SER A 107 -15.60 13.33 -25.65
CA SER A 107 -15.70 14.71 -26.09
C SER A 107 -14.62 15.58 -25.47
N HIS A 108 -13.67 15.01 -24.76
CA HIS A 108 -12.69 15.83 -24.08
C HIS A 108 -13.34 16.74 -22.99
N GLY A 109 -14.45 16.31 -22.42
CA GLY A 109 -15.08 17.01 -21.31
C GLY A 109 -14.42 16.65 -19.99
N SER A 110 -13.39 15.78 -20.02
CA SER A 110 -12.65 15.39 -18.78
C SER A 110 -11.14 15.62 -18.83
N GLN A 111 -10.61 16.49 -17.97
CA GLN A 111 -9.13 16.66 -17.83
C GLN A 111 -8.54 15.96 -16.58
N CYS A 112 -8.42 16.67 -15.46
CA CYS A 112 -7.98 16.04 -14.24
C CYS A 112 -8.96 14.95 -13.83
N GLY A 113 -10.24 15.18 -14.14
CA GLY A 113 -11.35 14.27 -13.94
C GLY A 113 -12.03 14.27 -12.58
N PHE A 114 -11.62 15.20 -11.69
CA PHE A 114 -12.10 15.20 -10.28
C PHE A 114 -13.54 15.66 -10.22
N CYS A 115 -13.85 16.66 -11.04
CA CYS A 115 -15.22 17.18 -11.16
C CYS A 115 -16.18 16.25 -11.93
N THR A 116 -15.66 15.22 -12.62
CA THR A 116 -16.43 14.49 -13.67
C THR A 116 -17.57 13.59 -13.19
N PRO A 117 -17.34 12.81 -12.09
CA PRO A 117 -18.48 12.07 -11.50
C PRO A 117 -19.68 12.94 -11.14
N GLY A 118 -19.44 14.13 -10.54
CA GLY A 118 -20.49 15.06 -10.23
C GLY A 118 -21.35 15.49 -11.37
N ILE A 119 -20.70 15.84 -12.48
CA ILE A 119 -21.32 16.34 -13.69
C ILE A 119 -22.07 15.22 -14.42
N VAL A 120 -21.48 14.02 -14.36
CA VAL A 120 -22.10 12.83 -14.90
C VAL A 120 -23.45 12.59 -14.18
N MET A 121 -23.45 12.67 -12.83
CA MET A 121 -24.65 12.53 -12.02
C MET A 121 -25.66 13.68 -12.19
N SER A 122 -25.25 14.96 -12.31
CA SER A 122 -26.20 16.00 -12.73
C SER A 122 -26.79 15.73 -14.12
N MET A 123 -25.96 15.30 -15.07
CA MET A 123 -26.50 15.00 -16.42
C MET A 123 -27.41 13.72 -16.37
N TYR A 124 -26.95 12.69 -15.65
CA TYR A 124 -27.75 11.48 -15.46
C TYR A 124 -29.12 11.81 -14.86
N THR A 125 -29.11 12.61 -13.80
CA THR A 125 -30.37 13.02 -13.18
C THR A 125 -31.36 13.76 -14.17
N LEU A 126 -30.88 14.74 -14.88
CA LEU A 126 -31.71 15.43 -15.84
C LEU A 126 -32.37 14.33 -16.75
N LEU A 127 -31.56 13.43 -17.33
CA LEU A 127 -32.11 12.41 -18.24
C LEU A 127 -33.18 11.51 -17.66
N ARG A 128 -33.07 11.20 -16.37
CA ARG A 128 -34.14 10.47 -15.65
C ARG A 128 -35.44 11.27 -15.50
N ASN A 129 -35.34 12.60 -15.45
CA ASN A 129 -36.54 13.43 -15.36
C ASN A 129 -37.08 13.78 -16.78
N GLN A 130 -36.16 13.89 -17.73
CA GLN A 130 -36.47 14.42 -19.03
C GLN A 130 -35.60 13.74 -20.08
N PRO A 131 -36.08 12.62 -20.66
CA PRO A 131 -35.12 11.89 -21.51
C PRO A 131 -34.85 12.61 -22.85
N GLU A 132 -35.58 13.70 -23.13
CA GLU A 132 -35.38 14.51 -24.33
C GLU A 132 -35.30 15.99 -23.95
N PRO A 133 -34.22 16.41 -23.27
CA PRO A 133 -34.23 17.79 -22.83
C PRO A 133 -33.87 18.72 -23.99
N THR A 134 -34.05 20.00 -23.72
CA THR A 134 -33.58 21.04 -24.59
C THR A 134 -32.13 21.41 -24.21
N VAL A 135 -31.47 22.10 -25.14
CA VAL A 135 -30.16 22.65 -24.91
C VAL A 135 -30.12 23.57 -23.69
N GLU A 136 -31.18 24.34 -23.43
CA GLU A 136 -31.22 25.20 -22.25
C GLU A 136 -31.25 24.40 -20.97
N GLU A 137 -32.06 23.33 -20.99
CA GLU A 137 -32.18 22.47 -19.85
C GLU A 137 -30.85 21.83 -19.52
N ILE A 138 -30.10 21.37 -20.54
CA ILE A 138 -28.75 20.80 -20.38
C ILE A 138 -27.79 21.79 -19.71
N GLU A 139 -27.66 23.02 -20.22
CA GLU A 139 -26.84 24.01 -19.47
C GLU A 139 -27.17 24.27 -18.00
N ASP A 140 -28.46 24.39 -17.68
CA ASP A 140 -28.85 24.72 -16.29
C ASP A 140 -28.73 23.61 -15.31
N ALA A 141 -28.60 22.40 -15.83
CA ALA A 141 -28.35 21.23 -15.04
C ALA A 141 -27.08 21.38 -14.22
N PHE A 142 -26.18 22.27 -14.64
CA PHE A 142 -24.80 22.26 -14.10
C PHE A 142 -24.46 23.51 -13.37
N GLN A 143 -25.49 24.28 -13.06
CA GLN A 143 -25.38 25.48 -12.25
C GLN A 143 -24.61 25.17 -10.95
N GLY A 144 -24.74 23.94 -10.43
CA GLY A 144 -24.06 23.56 -9.18
C GLY A 144 -22.79 22.75 -9.31
N ASN A 145 -22.25 22.65 -10.52
CA ASN A 145 -21.02 21.88 -10.71
C ASN A 145 -19.88 22.73 -11.21
N LEU A 146 -18.75 22.72 -10.54
CA LEU A 146 -17.57 23.50 -11.03
C LEU A 146 -16.49 22.61 -11.64
N CYS A 147 -15.86 23.11 -12.72
CA CYS A 147 -14.69 22.51 -13.36
C CYS A 147 -13.58 23.57 -13.50
N ARG A 148 -12.41 23.25 -12.97
CA ARG A 148 -11.28 24.17 -13.04
C ARG A 148 -10.45 23.95 -14.32
N CYS A 149 -10.66 22.85 -15.01
CA CYS A 149 -9.75 22.44 -16.11
C CYS A 149 -10.17 22.81 -17.51
N THR A 150 -11.43 22.55 -17.85
CA THR A 150 -11.87 22.42 -19.25
C THR A 150 -12.38 23.73 -19.87
N GLY A 151 -12.73 24.73 -19.08
CA GLY A 151 -13.46 25.87 -19.62
C GLY A 151 -14.86 25.53 -20.10
N TYR A 152 -15.33 24.36 -19.70
CA TYR A 152 -16.73 23.97 -19.87
C TYR A 152 -17.26 23.71 -21.29
N ARG A 153 -16.82 24.50 -22.26
CA ARG A 153 -17.19 24.25 -23.69
C ARG A 153 -17.29 22.77 -24.12
N PRO A 154 -16.21 21.98 -23.89
CA PRO A 154 -16.34 20.61 -24.40
C PRO A 154 -17.42 19.74 -23.72
N ILE A 155 -17.81 20.07 -22.47
CA ILE A 155 -18.81 19.29 -21.72
C ILE A 155 -20.19 19.52 -22.32
N LEU A 156 -20.57 20.79 -22.46
CA LEU A 156 -21.84 21.17 -23.02
C LEU A 156 -22.00 20.59 -24.43
N GLN A 157 -20.90 20.66 -25.19
CA GLN A 157 -20.88 20.21 -26.57
C GLN A 157 -21.12 18.72 -26.66
N GLY A 158 -20.40 17.92 -25.87
CA GLY A 158 -20.65 16.47 -25.83
C GLY A 158 -22.08 16.12 -25.45
N PHE A 159 -22.69 16.90 -24.55
CA PHE A 159 -24.04 16.62 -24.07
C PHE A 159 -25.18 17.13 -24.96
N ARG A 160 -24.89 18.07 -25.88
CA ARG A 160 -25.89 18.64 -26.81
C ARG A 160 -26.48 17.51 -27.57
N THR A 161 -25.72 16.43 -27.73
CA THR A 161 -26.23 15.31 -28.49
C THR A 161 -27.38 14.60 -27.81
N PHE A 162 -27.64 14.90 -26.53
CA PHE A 162 -28.77 14.32 -25.83
C PHE A 162 -30.07 15.11 -26.00
N ALA A 163 -29.93 16.30 -26.56
CA ALA A 163 -31.04 17.23 -26.70
C ALA A 163 -32.01 16.84 -27.82
N LYS A 164 -33.29 17.24 -27.65
CA LYS A 164 -34.38 17.34 -28.69
C LYS A 164 -35.70 16.70 -28.27
N PRO B 1 -45.77 5.51 8.46
CA PRO B 1 -44.58 6.29 8.92
C PRO B 1 -44.59 6.47 10.42
N LYS B 2 -43.67 5.83 11.11
CA LYS B 2 -43.58 5.97 12.54
C LYS B 2 -42.42 6.88 12.84
N GLN B 3 -42.49 7.59 13.95
CA GLN B 3 -41.41 8.46 14.36
C GLN B 3 -40.11 7.66 14.56
N LEU B 4 -38.96 8.20 14.15
CA LEU B 4 -37.71 7.48 14.36
C LEU B 4 -36.76 8.27 15.24
N ARG B 5 -35.94 7.56 15.99
CA ARG B 5 -34.99 8.24 16.85
C ARG B 5 -33.61 7.69 16.60
N PHE B 6 -32.68 8.58 16.26
CA PHE B 6 -31.27 8.23 16.14
C PHE B 6 -30.43 9.02 17.16
N GLU B 7 -29.38 8.39 17.67
CA GLU B 7 -28.55 8.99 18.72
C GLU B 7 -27.10 8.83 18.35
N GLY B 8 -26.36 9.92 18.33
CA GLY B 8 -24.94 9.84 17.97
C GLY B 8 -24.08 10.09 19.18
N GLU B 9 -22.82 10.42 18.94
CA GLU B 9 -21.91 10.80 20.01
C GLU B 9 -22.35 12.07 20.71
N ARG B 10 -22.93 13.00 19.96
CA ARG B 10 -23.31 14.30 20.53
C ARG B 10 -24.77 14.71 20.29
N VAL B 11 -25.45 14.04 19.36
CA VAL B 11 -26.70 14.59 18.86
C VAL B 11 -27.83 13.59 18.92
N THR B 12 -29.01 14.04 19.30
CA THR B 12 -30.21 13.20 19.13
C THR B 12 -31.01 13.76 18.01
N TRP B 13 -31.52 12.85 17.20
CA TRP B 13 -32.22 13.23 15.96
C TRP B 13 -33.56 12.56 16.02
N ILE B 14 -34.62 13.34 15.84
CA ILE B 14 -35.96 12.76 15.79
C ILE B 14 -36.67 13.01 14.48
N GLN B 15 -37.06 11.93 13.83
CA GLN B 15 -37.75 12.04 12.59
C GLN B 15 -39.25 11.97 12.89
N ALA B 16 -39.88 13.14 12.94
CA ALA B 16 -41.29 13.30 13.25
C ALA B 16 -42.18 12.85 12.09
N SER B 17 -43.19 12.02 12.37
CA SER B 17 -44.07 11.51 11.31
C SER B 17 -45.30 12.38 11.09
N THR B 18 -45.59 13.24 12.06
CA THR B 18 -46.92 13.83 12.22
C THR B 18 -46.81 15.32 12.70
N LEU B 19 -47.69 16.21 12.24
CA LEU B 19 -47.68 17.58 12.71
C LEU B 19 -47.78 17.67 14.24
N LYS B 20 -48.69 16.87 14.80
CA LYS B 20 -48.93 16.85 16.26
C LYS B 20 -47.68 16.47 17.02
N GLU B 21 -46.97 15.44 16.56
CA GLU B 21 -45.67 15.07 17.15
C GLU B 21 -44.66 16.17 17.16
N LEU B 22 -44.52 16.89 16.05
CA LEU B 22 -43.57 18.01 15.95
C LEU B 22 -43.87 19.08 17.01
N LEU B 23 -45.16 19.42 17.16
CA LEU B 23 -45.54 20.53 18.06
C LEU B 23 -45.43 20.13 19.51
N ASP B 24 -45.69 18.86 19.82
CA ASP B 24 -45.33 18.30 21.14
C ASP B 24 -43.84 18.30 21.39
N LEU B 25 -43.05 17.84 20.42
CA LEU B 25 -41.61 17.78 20.61
C LEU B 25 -41.04 19.18 20.83
N LYS B 26 -41.45 20.15 20.01
CA LYS B 26 -41.00 21.56 20.14
C LYS B 26 -41.46 22.23 21.46
N ALA B 27 -42.65 21.88 21.94
CA ALA B 27 -43.10 22.25 23.28
C ALA B 27 -42.21 21.66 24.37
N GLN B 28 -41.76 20.40 24.24
CA GLN B 28 -40.86 19.78 25.25
C GLN B 28 -39.41 20.26 25.15
N HIS B 29 -38.91 20.38 23.91
CA HIS B 29 -37.55 20.84 23.62
C HIS B 29 -37.66 22.00 22.66
N PRO B 30 -38.04 23.19 23.18
CA PRO B 30 -38.17 24.39 22.35
C PRO B 30 -36.83 24.85 21.79
N GLU B 31 -35.73 24.35 22.37
CA GLU B 31 -34.38 24.68 21.91
C GLU B 31 -33.86 23.76 20.75
N ALA B 32 -34.39 22.55 20.69
CA ALA B 32 -34.30 21.68 19.50
C ALA B 32 -34.29 22.43 18.20
N LYS B 33 -33.44 22.01 17.25
CA LYS B 33 -33.28 22.66 15.94
C LYS B 33 -34.01 21.85 14.92
N LEU B 34 -34.76 22.46 14.00
CA LEU B 34 -35.38 21.67 12.93
C LEU B 34 -34.34 21.62 11.84
N VAL B 35 -34.40 20.60 11.00
CA VAL B 35 -33.50 20.48 9.88
C VAL B 35 -34.39 19.88 8.84
N VAL B 36 -34.36 20.46 7.64
CA VAL B 36 -35.07 19.91 6.51
C VAL B 36 -33.99 19.54 5.50
N GLY B 37 -33.49 20.49 4.71
CA GLY B 37 -32.38 20.20 3.80
C GLY B 37 -30.96 20.18 4.37
N ASN B 38 -30.79 20.77 5.55
CA ASN B 38 -29.47 20.93 6.18
C ASN B 38 -28.47 21.85 5.45
N THR B 39 -28.93 22.60 4.45
CA THR B 39 -28.03 23.43 3.65
C THR B 39 -27.54 24.65 4.44
N GLU B 40 -28.15 24.86 5.60
CA GLU B 40 -27.76 25.93 6.48
C GLU B 40 -27.20 25.35 7.76
N ILE B 41 -27.91 24.43 8.41
CA ILE B 41 -27.39 23.85 9.64
C ILE B 41 -26.05 23.06 9.46
N GLY B 42 -25.87 22.36 8.33
CA GLY B 42 -24.59 21.68 8.05
C GLY B 42 -23.39 22.60 7.93
N ILE B 43 -23.62 23.84 7.50
CA ILE B 43 -22.61 24.86 7.38
C ILE B 43 -22.25 25.40 8.78
N GLU B 44 -23.28 25.69 9.58
CA GLU B 44 -23.14 26.16 10.98
C GLU B 44 -22.42 25.15 11.89
N MET B 45 -22.81 23.89 11.81
CA MET B 45 -22.16 22.85 12.56
C MET B 45 -20.73 22.59 12.11
N LYS B 46 -20.50 22.47 10.80
CA LYS B 46 -19.14 22.25 10.30
C LYS B 46 -18.20 23.47 10.49
N PHE B 47 -18.68 24.67 10.14
CA PHE B 47 -17.82 25.84 9.86
C PHE B 47 -17.79 26.91 10.92
N LYS B 48 -18.93 27.10 11.61
CA LYS B 48 -19.05 28.00 12.73
C LYS B 48 -18.92 27.20 14.02
N ASN B 49 -18.79 25.88 13.86
CA ASN B 49 -18.66 24.93 14.98
C ASN B 49 -19.76 25.04 16.03
N GLN B 50 -21.01 25.22 15.60
CA GLN B 50 -22.15 25.13 16.50
C GLN B 50 -22.48 23.66 16.73
N LEU B 51 -22.88 23.34 17.94
CA LEU B 51 -23.44 22.03 18.23
C LEU B 51 -24.90 22.21 18.69
N PHE B 52 -25.76 21.39 18.12
CA PHE B 52 -27.16 21.34 18.43
C PHE B 52 -27.43 19.90 18.83
N PRO B 53 -27.50 19.64 20.14
CA PRO B 53 -27.65 18.33 20.79
C PRO B 53 -28.95 17.59 20.43
N MET B 54 -29.91 18.32 19.92
CA MET B 54 -31.23 17.77 19.65
C MET B 54 -31.80 18.37 18.34
N ILE B 55 -32.05 17.51 17.36
CA ILE B 55 -32.51 17.93 16.07
C ILE B 55 -33.81 17.24 15.75
N ILE B 56 -34.80 17.99 15.32
CA ILE B 56 -36.01 17.35 14.88
C ILE B 56 -36.16 17.54 13.38
N CYS B 57 -36.29 16.44 12.65
CA CYS B 57 -36.54 16.60 11.23
C CYS B 57 -38.04 16.45 10.91
N PRO B 58 -38.68 17.49 10.40
CA PRO B 58 -40.11 17.44 10.23
C PRO B 58 -40.52 17.19 8.77
N ALA B 59 -39.58 16.67 7.96
CA ALA B 59 -39.70 16.55 6.48
C ALA B 59 -40.79 15.62 5.96
N TRP B 60 -41.09 14.59 6.72
CA TRP B 60 -42.18 13.67 6.38
C TRP B 60 -43.62 14.19 6.57
N ILE B 61 -43.78 15.33 7.25
CA ILE B 61 -45.10 15.78 7.69
C ILE B 61 -45.89 16.36 6.51
N PRO B 62 -47.06 15.78 6.13
CA PRO B 62 -47.81 16.39 5.00
C PRO B 62 -48.33 17.72 5.51
N GLU B 63 -48.59 18.75 4.76
CA GLU B 63 -48.81 20.02 5.54
C GLU B 63 -47.37 20.41 5.77
N LEU B 64 -46.90 21.54 5.40
CA LEU B 64 -45.39 21.59 5.45
C LEU B 64 -44.85 21.09 4.14
N ASN B 65 -45.55 20.18 3.45
CA ASN B 65 -45.17 19.73 2.09
C ASN B 65 -46.28 19.98 1.10
N ALA B 66 -47.43 20.42 1.59
CA ALA B 66 -48.60 20.69 0.73
C ALA B 66 -48.43 21.93 -0.14
N VAL B 67 -48.92 21.84 -1.38
CA VAL B 67 -49.00 22.98 -2.26
C VAL B 67 -50.48 23.30 -2.49
N GLU B 68 -50.93 24.47 -2.02
CA GLU B 68 -52.35 24.82 -2.09
C GLU B 68 -52.69 26.09 -2.82
N HIS B 69 -53.53 25.95 -3.83
CA HIS B 69 -54.06 27.08 -4.56
C HIS B 69 -55.31 27.60 -3.88
N GLY B 70 -55.29 28.89 -3.63
CA GLY B 70 -56.39 29.55 -2.94
C GLY B 70 -56.80 30.78 -3.73
N PRO B 71 -57.80 31.53 -3.23
CA PRO B 71 -58.22 32.73 -3.99
C PRO B 71 -57.23 33.93 -3.85
N GLU B 72 -56.38 33.93 -2.83
CA GLU B 72 -55.45 35.04 -2.59
C GLU B 72 -54.06 34.82 -3.15
N GLY B 73 -53.72 33.56 -3.41
CA GLY B 73 -52.34 33.16 -3.76
C GLY B 73 -52.10 31.64 -3.74
N ILE B 74 -50.84 31.25 -3.94
CA ILE B 74 -50.40 29.86 -3.91
C ILE B 74 -49.61 29.62 -2.63
N SER B 75 -50.04 28.64 -1.84
CA SER B 75 -49.51 28.45 -0.53
C SER B 75 -48.56 27.28 -0.57
N PHE B 76 -47.37 27.43 0.01
CA PHE B 76 -46.40 26.33 0.06
C PHE B 76 -46.13 25.92 1.49
N GLY B 77 -46.22 24.62 1.80
CA GLY B 77 -45.65 24.17 3.05
C GLY B 77 -44.18 24.54 3.27
N ALA B 78 -43.78 24.66 4.55
CA ALA B 78 -42.47 25.18 4.87
C ALA B 78 -41.32 24.24 4.52
N ALA B 79 -41.63 22.94 4.36
CA ALA B 79 -40.61 21.92 4.02
C ALA B 79 -40.45 21.79 2.52
N CYS B 80 -41.29 22.47 1.76
CA CYS B 80 -41.18 22.47 0.27
C CYS B 80 -39.81 22.99 -0.18
N ALA B 81 -39.23 22.24 -1.12
CA ALA B 81 -37.94 22.47 -1.74
C ALA B 81 -38.09 23.59 -2.70
N LEU B 82 -37.07 24.42 -2.80
CA LEU B 82 -37.09 25.54 -3.74
C LEU B 82 -37.31 25.10 -5.21
N SER B 83 -36.90 23.86 -5.55
CA SER B 83 -37.18 23.35 -6.90
C SER B 83 -38.70 23.23 -7.17
N SER B 84 -39.48 22.82 -6.16
CA SER B 84 -40.95 22.65 -6.24
C SER B 84 -41.67 24.00 -6.23
N VAL B 85 -41.35 24.86 -5.25
CA VAL B 85 -41.72 26.27 -5.35
C VAL B 85 -41.48 26.82 -6.77
N GLU B 86 -40.26 26.67 -7.29
CA GLU B 86 -39.92 27.11 -8.62
C GLU B 86 -40.74 26.45 -9.72
N LYS B 87 -40.96 25.14 -9.64
CA LYS B 87 -41.71 24.47 -10.71
C LYS B 87 -43.18 24.93 -10.73
N THR B 88 -43.82 25.01 -9.58
CA THR B 88 -45.19 25.50 -9.41
C THR B 88 -45.37 26.96 -9.81
N LEU B 89 -44.42 27.84 -9.45
CA LEU B 89 -44.52 29.23 -9.88
C LEU B 89 -44.39 29.41 -11.40
N LEU B 90 -43.44 28.73 -12.03
CA LEU B 90 -43.28 28.81 -13.46
C LEU B 90 -44.54 28.40 -14.17
N GLU B 91 -45.20 27.34 -13.67
CA GLU B 91 -46.47 26.86 -14.18
C GLU B 91 -47.58 27.91 -14.02
N ALA B 92 -47.64 28.57 -12.86
CA ALA B 92 -48.58 29.67 -12.60
C ALA B 92 -48.40 30.81 -13.55
N VAL B 93 -47.13 31.14 -13.85
CA VAL B 93 -46.73 32.25 -14.75
C VAL B 93 -47.09 31.92 -16.20
N ALA B 94 -46.81 30.70 -16.68
CA ALA B 94 -47.24 30.31 -18.03
C ALA B 94 -48.76 30.25 -18.20
N LYS B 95 -49.51 30.04 -17.12
CA LYS B 95 -50.97 29.84 -17.23
C LYS B 95 -51.86 31.07 -16.89
N LEU B 96 -51.45 31.89 -15.94
CA LEU B 96 -52.30 33.02 -15.54
C LEU B 96 -51.96 34.32 -16.34
N PRO B 97 -52.87 35.32 -16.30
CA PRO B 97 -52.60 36.68 -16.81
C PRO B 97 -51.37 37.27 -16.16
N THR B 98 -50.58 37.95 -16.96
CA THR B 98 -49.45 38.75 -16.47
C THR B 98 -49.78 39.55 -15.20
N GLN B 99 -51.00 40.06 -15.10
CA GLN B 99 -51.31 40.96 -14.01
C GLN B 99 -51.52 40.29 -12.67
N LYS B 100 -51.72 38.98 -12.65
CA LYS B 100 -51.92 38.24 -11.43
C LYS B 100 -50.56 37.70 -10.92
N THR B 101 -49.55 37.66 -11.80
CA THR B 101 -48.28 36.94 -11.49
C THR B 101 -47.02 37.81 -11.27
N GLU B 102 -47.25 39.10 -11.03
CA GLU B 102 -46.16 40.07 -10.79
C GLU B 102 -45.23 39.59 -9.70
N VAL B 103 -45.75 39.12 -8.56
CA VAL B 103 -44.96 38.69 -7.41
C VAL B 103 -44.26 37.35 -7.62
N PHE B 104 -44.95 36.38 -8.25
CA PHE B 104 -44.39 35.07 -8.63
C PHE B 104 -43.16 35.24 -9.52
N ARG B 105 -43.21 36.24 -10.38
CA ARG B 105 -42.10 36.49 -11.28
C ARG B 105 -40.86 37.14 -10.59
N GLY B 106 -41.00 37.92 -9.54
CA GLY B 106 -39.81 38.32 -8.77
C GLY B 106 -39.31 37.16 -7.90
N VAL B 107 -40.20 36.34 -7.30
CA VAL B 107 -39.69 35.11 -6.66
C VAL B 107 -38.81 34.33 -7.66
N LEU B 108 -39.33 34.08 -8.86
CA LEU B 108 -38.61 33.39 -9.92
C LEU B 108 -37.28 34.02 -10.34
N GLU B 109 -37.26 35.33 -10.51
CA GLU B 109 -36.01 36.06 -10.81
C GLU B 109 -34.95 35.87 -9.68
N GLN B 110 -35.39 35.81 -8.42
CA GLN B 110 -34.43 35.60 -7.35
C GLN B 110 -33.94 34.17 -7.33
N LEU B 111 -34.77 33.23 -7.79
CA LEU B 111 -34.40 31.83 -7.85
C LEU B 111 -33.50 31.52 -9.06
N ARG B 112 -33.45 32.43 -10.01
CA ARG B 112 -32.79 32.16 -11.29
C ARG B 112 -31.35 31.69 -11.11
N TRP B 113 -30.52 32.54 -10.52
CA TRP B 113 -29.11 32.19 -10.39
C TRP B 113 -28.88 32.00 -8.89
N PHE B 114 -29.63 31.09 -8.29
CA PHE B 114 -29.60 30.84 -6.88
C PHE B 114 -28.92 29.47 -6.78
N ALA B 115 -27.73 29.39 -6.25
CA ALA B 115 -27.10 28.05 -6.09
C ALA B 115 -27.09 27.26 -7.40
N GLY B 116 -27.64 26.05 -7.35
CA GLY B 116 -27.71 25.08 -8.44
C GLY B 116 -28.82 24.09 -8.15
N LYS B 117 -29.00 23.09 -9.01
CA LYS B 117 -30.11 22.15 -8.86
C LYS B 117 -30.06 21.28 -7.58
N GLN B 118 -28.85 20.97 -7.09
CA GLN B 118 -28.62 20.07 -5.97
C GLN B 118 -29.11 20.73 -4.72
N VAL B 119 -28.82 22.03 -4.62
CA VAL B 119 -29.20 22.82 -3.48
C VAL B 119 -30.69 23.12 -3.46
N LYS B 120 -31.20 23.54 -4.59
CA LYS B 120 -32.62 23.88 -4.74
C LYS B 120 -33.51 22.67 -4.53
N SER B 121 -32.99 21.45 -4.81
CA SER B 121 -33.76 20.20 -4.66
C SER B 121 -33.94 19.80 -3.20
N VAL B 122 -33.14 20.37 -2.30
CA VAL B 122 -33.18 19.99 -0.88
C VAL B 122 -33.40 21.20 0.06
N ALA B 123 -32.96 22.40 -0.33
CA ALA B 123 -33.23 23.63 0.43
C ALA B 123 -34.74 23.91 0.50
N SER B 124 -35.27 23.97 1.71
CA SER B 124 -36.68 24.34 1.88
C SER B 124 -36.90 25.82 1.95
N LEU B 125 -38.14 26.19 1.64
CA LEU B 125 -38.68 27.52 1.73
C LEU B 125 -38.51 28.13 3.14
N GLY B 126 -39.12 27.43 4.11
CA GLY B 126 -39.03 27.76 5.50
C GLY B 126 -37.64 27.93 6.07
N GLY B 127 -36.71 27.06 5.68
CA GLY B 127 -35.33 27.17 6.14
C GLY B 127 -34.72 28.51 5.70
N ASN B 128 -34.97 28.93 4.44
CA ASN B 128 -34.48 30.22 3.95
C ASN B 128 -35.03 31.35 4.82
N ILE B 129 -36.37 31.37 4.98
CA ILE B 129 -37.09 32.43 5.67
C ILE B 129 -36.66 32.56 7.11
N ILE B 130 -36.59 31.44 7.82
CA ILE B 130 -36.24 31.44 9.24
C ILE B 130 -34.74 31.52 9.47
N THR B 131 -33.92 31.10 8.50
CA THR B 131 -32.48 31.33 8.64
C THR B 131 -32.22 32.84 8.88
N ALA B 132 -33.05 33.67 8.23
CA ALA B 132 -32.98 35.14 8.25
C ALA B 132 -31.56 35.67 8.02
N SER B 133 -30.90 35.18 6.97
CA SER B 133 -29.62 35.74 6.60
C SER B 133 -29.82 37.21 6.18
N PRO B 134 -28.89 38.10 6.58
CA PRO B 134 -29.02 39.46 6.05
C PRO B 134 -29.15 39.49 4.51
N ILE B 135 -28.59 38.48 3.85
CA ILE B 135 -28.51 38.47 2.38
C ILE B 135 -29.42 37.41 1.75
N SER B 136 -30.43 36.98 2.47
CA SER B 136 -31.48 36.16 1.85
C SER B 136 -32.05 36.90 0.66
N ASP B 137 -32.13 36.21 -0.50
CA ASP B 137 -32.74 36.75 -1.72
C ASP B 137 -34.27 36.67 -1.81
N LEU B 138 -34.88 35.89 -0.92
CA LEU B 138 -36.30 35.66 -0.91
C LEU B 138 -37.02 36.54 0.13
N ASN B 139 -36.41 36.69 1.29
CA ASN B 139 -36.99 37.53 2.32
C ASN B 139 -37.32 38.97 1.88
N PRO B 140 -36.46 39.62 1.08
CA PRO B 140 -36.87 40.95 0.61
C PRO B 140 -38.12 40.93 -0.23
N VAL B 141 -38.26 39.90 -1.07
CA VAL B 141 -39.45 39.67 -1.89
C VAL B 141 -40.73 39.34 -1.06
N PHE B 142 -40.59 38.44 -0.09
CA PHE B 142 -41.72 38.12 0.80
C PHE B 142 -42.13 39.33 1.62
N MET B 143 -41.16 40.14 2.02
CA MET B 143 -41.44 41.38 2.73
C MET B 143 -42.13 42.40 1.80
N ALA B 144 -41.50 42.80 0.69
CA ALA B 144 -42.14 43.78 -0.24
C ALA B 144 -43.53 43.36 -0.68
N SER B 145 -43.80 42.06 -0.80
CA SER B 145 -45.15 41.58 -1.21
C SER B 145 -46.19 41.31 -0.13
N GLY B 146 -45.81 41.39 1.14
CA GLY B 146 -46.68 41.05 2.26
C GLY B 146 -47.07 39.58 2.32
N THR B 147 -46.12 38.71 1.96
CA THR B 147 -46.32 37.28 1.88
C THR B 147 -46.76 36.80 3.28
N LYS B 148 -47.87 36.05 3.29
CA LYS B 148 -48.52 35.64 4.57
C LYS B 148 -47.92 34.37 5.11
N LEU B 149 -47.61 34.42 6.39
CA LEU B 149 -46.92 33.36 7.10
C LEU B 149 -47.83 32.71 8.14
N THR B 150 -48.15 31.44 7.94
CA THR B 150 -48.88 30.65 8.93
C THR B 150 -47.95 29.96 9.91
N ILE B 151 -48.18 30.26 11.18
CA ILE B 151 -47.24 30.00 12.24
C ILE B 151 -48.02 29.32 13.33
N VAL B 152 -47.48 28.20 13.76
CA VAL B 152 -48.18 27.22 14.59
C VAL B 152 -47.24 26.77 15.70
N SER B 153 -47.82 26.57 16.89
CA SER B 153 -47.22 25.87 18.01
C SER B 153 -48.33 25.00 18.61
N ARG B 154 -48.00 24.18 19.60
CA ARG B 154 -48.99 23.28 20.21
C ARG B 154 -50.11 24.14 20.78
N GLY B 155 -51.28 24.12 20.12
CA GLY B 155 -52.44 24.90 20.59
C GLY B 155 -52.51 26.40 20.27
N THR B 156 -51.68 26.84 19.32
CA THR B 156 -51.79 28.21 18.74
C THR B 156 -51.77 28.12 17.21
N ARG B 157 -52.45 29.05 16.54
CA ARG B 157 -52.23 29.24 15.12
C ARG B 157 -52.48 30.69 14.77
N ARG B 158 -51.58 31.26 13.97
CA ARG B 158 -51.71 32.64 13.45
C ARG B 158 -51.16 32.75 12.06
N THR B 159 -51.75 33.63 11.27
CA THR B 159 -51.26 33.99 9.96
C THR B 159 -50.85 35.48 9.95
N VAL B 160 -49.57 35.77 9.67
CA VAL B 160 -49.12 37.18 9.62
C VAL B 160 -48.48 37.52 8.28
N PRO B 161 -48.90 38.63 7.61
CA PRO B 161 -48.09 39.17 6.50
C PRO B 161 -46.65 39.46 6.97
N MET B 162 -45.68 39.02 6.20
CA MET B 162 -44.32 39.46 6.44
C MET B 162 -44.20 41.00 6.30
N ASP B 163 -43.62 41.60 7.34
CA ASP B 163 -43.30 42.99 7.33
C ASP B 163 -41.99 43.18 8.04
N HIS B 164 -41.63 44.44 8.25
CA HIS B 164 -40.32 44.78 8.72
C HIS B 164 -40.02 44.24 10.14
N THR B 165 -41.08 44.11 10.96
CA THR B 165 -40.97 43.62 12.35
C THR B 165 -40.73 42.11 12.47
N PHE B 166 -40.85 41.38 11.35
CA PHE B 166 -40.60 39.94 11.40
C PHE B 166 -39.14 39.60 11.73
N PHE B 167 -38.23 40.52 11.42
CA PHE B 167 -36.81 40.34 11.70
C PHE B 167 -36.28 41.37 12.72
N PRO B 168 -36.35 41.03 14.05
CA PRO B 168 -36.00 41.97 15.09
C PRO B 168 -34.52 42.26 15.14
N SER B 169 -33.68 41.25 14.91
CA SER B 169 -32.24 41.39 15.07
C SER B 169 -31.54 40.34 14.24
N TYR B 170 -30.22 40.26 14.39
CA TYR B 170 -29.36 39.43 13.54
C TYR B 170 -29.73 37.95 13.67
N ARG B 171 -30.27 37.42 12.58
CA ARG B 171 -30.60 36.03 12.44
C ARG B 171 -31.67 35.56 13.44
N LYS B 172 -32.58 36.47 13.79
CA LYS B 172 -33.78 36.17 14.57
C LYS B 172 -35.05 36.55 13.82
N THR B 173 -36.12 35.81 14.06
CA THR B 173 -37.43 36.10 13.50
C THR B 173 -38.36 36.31 14.70
N LEU B 174 -39.53 36.90 14.47
CA LEU B 174 -40.59 37.01 15.47
C LEU B 174 -41.42 35.72 15.62
N LEU B 175 -40.74 34.60 15.85
CA LEU B 175 -41.37 33.39 16.31
C LEU B 175 -41.00 33.17 17.77
N GLY B 176 -42.00 32.86 18.61
CA GLY B 176 -41.73 32.38 19.97
C GLY B 176 -41.04 31.02 19.91
N PRO B 177 -40.49 30.54 21.04
CA PRO B 177 -39.58 29.38 21.09
C PRO B 177 -40.22 27.99 20.82
N GLU B 178 -41.53 27.95 20.62
CA GLU B 178 -42.27 26.71 20.40
C GLU B 178 -43.04 26.63 19.09
N GLU B 179 -42.97 27.73 18.35
CA GLU B 179 -43.62 27.91 17.07
C GLU B 179 -42.72 27.42 15.96
N ILE B 180 -43.38 26.94 14.91
CA ILE B 180 -42.71 26.56 13.68
C ILE B 180 -43.42 27.32 12.54
N LEU B 181 -42.68 27.59 11.45
CA LEU B 181 -43.33 28.06 10.25
C LEU B 181 -44.04 26.86 9.64
N LEU B 182 -45.36 26.98 9.45
CA LEU B 182 -46.12 25.92 8.78
C LEU B 182 -46.20 26.11 7.26
N SER B 183 -46.42 27.33 6.86
CA SER B 183 -46.81 27.57 5.49
C SER B 183 -46.69 29.04 5.08
N ILE B 184 -46.59 29.25 3.78
CA ILE B 184 -46.23 30.53 3.22
C ILE B 184 -47.04 30.63 1.97
N GLU B 185 -47.94 31.62 1.95
CA GLU B 185 -48.75 31.91 0.81
C GLU B 185 -48.22 33.15 0.09
N ILE B 186 -47.82 32.95 -1.16
CA ILE B 186 -47.23 33.97 -2.00
C ILE B 186 -48.40 34.50 -2.79
N PRO B 187 -48.71 35.84 -2.66
CA PRO B 187 -49.97 36.40 -3.18
C PRO B 187 -50.00 36.55 -4.72
N TYR B 188 -51.19 36.40 -5.33
CA TYR B 188 -51.38 36.99 -6.71
C TYR B 188 -51.26 38.50 -6.53
N SER B 189 -50.82 39.17 -7.59
CA SER B 189 -50.77 40.63 -7.62
C SER B 189 -52.10 41.11 -8.15
N ARG B 190 -52.48 42.33 -7.75
CA ARG B 190 -53.80 42.84 -8.06
C ARG B 190 -53.75 43.74 -9.26
N GLU B 191 -54.93 44.27 -9.62
CA GLU B 191 -55.00 45.40 -10.55
C GLU B 191 -54.21 46.58 -10.01
N ASP B 192 -53.47 47.22 -10.91
CA ASP B 192 -52.69 48.43 -10.57
C ASP B 192 -51.51 48.16 -9.64
N GLU B 193 -51.01 46.91 -9.64
CA GLU B 193 -49.95 46.46 -8.73
C GLU B 193 -48.79 45.82 -9.53
N PHE B 194 -47.56 46.32 -9.29
CA PHE B 194 -46.39 45.97 -10.09
C PHE B 194 -45.23 45.60 -9.15
N PHE B 195 -44.44 44.60 -9.51
CA PHE B 195 -43.43 44.08 -8.59
C PHE B 195 -42.16 43.88 -9.38
N SER B 196 -41.01 44.14 -8.75
CA SER B 196 -39.69 43.85 -9.35
C SER B 196 -38.76 43.33 -8.27
N ALA B 197 -37.83 42.43 -8.65
CA ALA B 197 -36.80 41.96 -7.69
C ALA B 197 -35.47 41.94 -8.39
N PHE B 198 -34.41 42.33 -7.68
CA PHE B 198 -33.05 42.46 -8.24
C PHE B 198 -32.02 41.98 -7.22
N LYS B 199 -30.86 41.58 -7.70
CA LYS B 199 -29.74 41.24 -6.81
C LYS B 199 -28.34 41.56 -7.39
N GLN B 200 -27.46 41.93 -6.46
CA GLN B 200 -26.05 42.02 -6.71
C GLN B 200 -25.49 40.65 -7.12
N ALA B 201 -24.68 40.64 -8.16
CA ALA B 201 -24.06 39.41 -8.62
C ALA B 201 -22.63 39.30 -8.10
N SER B 202 -22.39 39.78 -6.88
CA SER B 202 -21.13 39.52 -6.18
C SER B 202 -21.44 39.28 -4.72
N ARG B 203 -21.03 38.13 -4.23
CA ARG B 203 -20.97 37.88 -2.78
C ARG B 203 -19.51 37.60 -2.48
N ARG B 204 -19.06 38.02 -1.30
CA ARG B 204 -17.66 38.18 -1.00
C ARG B 204 -17.37 37.99 0.50
N GLU B 205 -18.42 38.06 1.30
CA GLU B 205 -18.38 37.80 2.75
C GLU B 205 -19.54 36.88 3.06
N ASP B 206 -19.38 36.02 4.06
CA ASP B 206 -20.27 34.85 4.16
C ASP B 206 -21.79 35.15 4.33
N ASP B 207 -22.17 36.25 4.99
CA ASP B 207 -23.60 36.57 5.04
C ASP B 207 -23.97 38.06 5.15
N ILE B 208 -23.12 38.90 4.59
CA ILE B 208 -23.40 40.33 4.65
C ILE B 208 -23.08 41.00 3.32
N ALA B 209 -23.62 42.21 3.15
CA ALA B 209 -23.17 43.13 2.13
C ALA B 209 -23.37 42.66 0.67
N LYS B 210 -24.38 41.87 0.42
CA LYS B 210 -24.81 41.58 -0.94
C LYS B 210 -26.20 42.16 -1.17
N VAL B 211 -26.27 43.26 -1.92
CA VAL B 211 -27.56 43.95 -2.10
C VAL B 211 -28.60 43.08 -2.87
N THR B 212 -29.79 42.99 -2.28
CA THR B 212 -30.87 42.20 -2.88
C THR B 212 -32.21 42.83 -2.42
N CYS B 213 -33.20 42.91 -3.30
CA CYS B 213 -34.44 43.66 -3.00
C CYS B 213 -35.71 43.10 -3.62
N GLY B 214 -36.83 43.37 -2.94
CA GLY B 214 -38.16 43.21 -3.50
C GLY B 214 -38.82 44.55 -3.61
N MET B 215 -39.42 44.87 -4.73
CA MET B 215 -40.01 46.20 -4.81
C MET B 215 -41.42 46.10 -5.31
N ARG B 216 -42.32 46.79 -4.66
CA ARG B 216 -43.74 46.71 -4.97
C ARG B 216 -44.42 48.11 -4.92
N VAL B 217 -45.20 48.41 -5.95
CA VAL B 217 -46.10 49.59 -5.90
C VAL B 217 -47.54 49.11 -6.17
N LEU B 218 -48.50 49.64 -5.43
CA LEU B 218 -49.90 49.60 -5.83
C LEU B 218 -50.40 51.04 -6.01
N PHE B 219 -50.99 51.30 -7.18
CA PHE B 219 -51.57 52.57 -7.53
C PHE B 219 -53.07 52.65 -7.21
N GLN B 220 -53.59 53.88 -7.09
CA GLN B 220 -55.06 54.07 -7.12
C GLN B 220 -55.61 53.50 -8.45
N PRO B 221 -56.89 53.04 -8.47
CA PRO B 221 -57.33 52.25 -9.67
C PRO B 221 -57.24 53.05 -10.97
N GLY B 222 -56.66 52.44 -12.01
CA GLY B 222 -56.50 53.08 -13.32
C GLY B 222 -55.49 54.24 -13.36
N SER B 223 -54.92 54.60 -12.22
CA SER B 223 -54.02 55.77 -12.12
C SER B 223 -52.53 55.44 -11.95
N MET B 224 -51.70 56.50 -11.91
CA MET B 224 -50.26 56.47 -11.61
C MET B 224 -50.02 57.20 -10.29
N GLN B 225 -51.00 57.18 -9.40
CA GLN B 225 -50.93 57.80 -8.12
C GLN B 225 -50.77 56.69 -7.08
N VAL B 226 -49.66 56.74 -6.35
CA VAL B 226 -49.28 55.70 -5.40
C VAL B 226 -50.32 55.58 -4.27
N LYS B 227 -50.78 54.34 -4.05
CA LYS B 227 -51.59 53.92 -2.89
C LYS B 227 -50.72 53.17 -1.85
N GLU B 228 -49.83 52.32 -2.33
CA GLU B 228 -48.83 51.64 -1.46
C GLU B 228 -47.49 51.54 -2.19
N LEU B 229 -46.38 51.56 -1.45
CA LEU B 229 -45.06 51.40 -2.03
C LEU B 229 -44.22 50.68 -1.01
N ALA B 230 -43.57 49.59 -1.43
CA ALA B 230 -42.69 48.87 -0.52
C ALA B 230 -41.35 48.64 -1.22
N LEU B 231 -40.26 48.95 -0.55
CA LEU B 231 -38.91 48.70 -1.10
C LEU B 231 -38.14 48.06 0.02
N CYS B 232 -37.83 46.76 -0.12
CA CYS B 232 -37.14 46.00 0.95
C CYS B 232 -35.81 45.50 0.46
N TYR B 233 -34.83 45.51 1.35
CA TYR B 233 -33.46 45.23 0.93
C TYR B 233 -32.79 44.29 1.89
N GLY B 234 -32.08 43.28 1.34
CA GLY B 234 -31.07 42.50 2.05
C GLY B 234 -29.68 43.09 1.69
N GLY B 235 -28.67 42.82 2.52
CA GLY B 235 -27.29 43.20 2.24
C GLY B 235 -26.92 44.64 2.56
N MET B 236 -27.85 45.37 3.19
CA MET B 236 -27.70 46.76 3.66
C MET B 236 -27.67 46.94 5.19
N ALA B 237 -27.78 45.83 5.92
CA ALA B 237 -27.77 45.77 7.38
C ALA B 237 -27.60 44.30 7.82
N ASP B 238 -27.77 44.09 9.13
CA ASP B 238 -27.67 42.80 9.75
C ASP B 238 -29.00 42.06 9.66
N ARG B 239 -29.93 42.64 8.94
CA ARG B 239 -31.17 42.01 8.65
C ARG B 239 -31.81 42.55 7.37
N THR B 240 -32.86 41.87 6.89
CA THR B 240 -33.73 42.37 5.83
C THR B 240 -34.47 43.59 6.43
N ILE B 241 -34.52 44.71 5.69
CA ILE B 241 -35.01 45.99 6.21
C ILE B 241 -35.88 46.59 5.11
N SER B 242 -36.82 47.45 5.47
CA SER B 242 -37.73 48.09 4.51
C SER B 242 -37.47 49.62 4.53
N ALA B 243 -37.41 50.29 3.36
CA ALA B 243 -37.17 51.77 3.35
C ALA B 243 -38.48 52.50 3.63
N LEU B 244 -38.97 52.39 4.87
CA LEU B 244 -40.34 52.84 5.20
C LEU B 244 -40.50 54.37 5.29
N LYS B 245 -39.53 55.04 5.94
CA LYS B 245 -39.43 56.50 5.94
C LYS B 245 -39.62 56.96 4.50
N THR B 246 -38.73 56.53 3.61
CA THR B 246 -38.77 56.90 2.20
C THR B 246 -40.12 56.68 1.47
N THR B 247 -40.67 55.48 1.57
CA THR B 247 -41.88 55.12 0.83
C THR B 247 -43.19 55.75 1.38
N GLN B 248 -43.30 55.89 2.71
CA GLN B 248 -44.43 56.63 3.29
C GLN B 248 -44.54 58.05 2.67
N LYS B 249 -43.41 58.68 2.31
CA LYS B 249 -43.41 60.07 1.76
C LYS B 249 -44.06 60.12 0.38
N GLN B 250 -44.22 58.98 -0.24
CA GLN B 250 -44.63 58.95 -1.64
C GLN B 250 -46.11 58.64 -1.75
N LEU B 251 -46.74 58.34 -0.62
CA LEU B 251 -48.19 58.09 -0.63
C LEU B 251 -48.96 59.24 -1.27
N SER B 252 -49.78 58.89 -2.25
CA SER B 252 -50.58 59.80 -3.07
C SER B 252 -49.80 60.71 -4.03
N LYS B 253 -48.49 60.55 -4.09
CA LYS B 253 -47.69 61.24 -5.11
C LYS B 253 -47.88 60.51 -6.45
N PHE B 254 -47.47 61.11 -7.55
CA PHE B 254 -47.64 60.49 -8.88
C PHE B 254 -46.33 59.90 -9.38
N TRP B 255 -46.41 58.79 -10.12
CA TRP B 255 -45.22 58.11 -10.72
C TRP B 255 -44.48 58.91 -11.81
N ASN B 256 -43.60 59.82 -11.36
CA ASN B 256 -42.89 60.72 -12.26
C ASN B 256 -41.44 60.96 -11.85
N GLU B 257 -40.77 61.86 -12.59
CA GLU B 257 -39.38 62.24 -12.40
C GLU B 257 -39.08 62.77 -10.98
N LYS B 258 -40.03 63.46 -10.37
CA LYS B 258 -39.88 64.06 -9.02
C LYS B 258 -40.04 62.99 -7.95
N LEU B 259 -40.91 62.05 -8.26
CA LEU B 259 -40.98 60.83 -7.45
C LEU B 259 -39.62 60.08 -7.54
N LEU B 260 -39.07 59.97 -8.73
CA LEU B 260 -37.75 59.36 -8.88
C LEU B 260 -36.66 60.08 -8.03
N GLN B 261 -36.57 61.40 -8.14
CA GLN B 261 -35.62 62.13 -7.33
C GLN B 261 -35.88 62.00 -5.82
N ASP B 262 -37.14 62.06 -5.42
CA ASP B 262 -37.48 62.04 -3.99
C ASP B 262 -37.20 60.70 -3.33
N VAL B 263 -37.49 59.59 -4.03
CA VAL B 263 -37.18 58.23 -3.51
C VAL B 263 -35.66 57.99 -3.37
N CYS B 264 -34.95 58.32 -4.44
CA CYS B 264 -33.48 58.22 -4.44
C CYS B 264 -32.83 59.08 -3.35
N ALA B 265 -33.19 60.36 -3.21
CA ALA B 265 -32.81 61.14 -2.01
C ALA B 265 -33.20 60.44 -0.67
N GLY B 266 -34.46 59.97 -0.61
CA GLY B 266 -34.91 59.21 0.55
C GLY B 266 -34.05 58.00 0.89
N LEU B 267 -33.78 57.16 -0.13
CA LEU B 267 -32.88 55.99 -0.02
C LEU B 267 -31.45 56.32 0.35
N ALA B 268 -30.83 57.27 -0.35
CA ALA B 268 -29.42 57.61 -0.08
C ALA B 268 -29.20 57.88 1.42
N GLU B 269 -30.20 58.49 2.05
CA GLU B 269 -30.15 58.84 3.46
C GLU B 269 -30.53 57.73 4.43
N GLU B 270 -31.66 57.07 4.16
CA GLU B 270 -32.24 56.10 5.06
C GLU B 270 -31.45 54.79 5.04
N LEU B 271 -30.84 54.45 3.91
CA LEU B 271 -30.03 53.22 3.86
C LEU B 271 -28.55 53.53 3.88
N SER B 272 -28.18 54.72 4.38
CA SER B 272 -26.80 55.17 4.28
C SER B 272 -25.92 54.33 5.16
N LEU B 273 -24.69 54.09 4.70
CA LEU B 273 -23.74 53.17 5.35
C LEU B 273 -22.50 53.89 5.95
N SER B 274 -22.13 53.57 7.20
CA SER B 274 -20.91 54.11 7.83
C SER B 274 -19.74 53.78 6.95
N PRO B 275 -18.72 54.68 6.91
CA PRO B 275 -17.54 54.41 6.09
C PRO B 275 -16.92 53.06 6.41
N ASP B 276 -17.28 52.55 7.59
CA ASP B 276 -16.75 51.31 8.22
C ASP B 276 -17.82 50.21 8.38
N ALA B 277 -18.96 50.33 7.68
CA ALA B 277 -19.98 49.30 7.73
C ALA B 277 -19.38 47.90 7.43
N PRO B 278 -19.86 46.84 8.13
CA PRO B 278 -19.40 45.47 7.82
C PRO B 278 -19.67 45.17 6.35
N GLY B 279 -18.69 44.57 5.70
CA GLY B 279 -18.81 44.26 4.29
C GLY B 279 -18.13 45.19 3.30
N GLY B 280 -17.83 46.44 3.67
CA GLY B 280 -17.19 47.40 2.72
C GLY B 280 -18.08 47.63 1.50
N MET B 281 -17.51 48.02 0.37
CA MET B 281 -18.32 48.26 -0.86
C MET B 281 -19.43 49.25 -0.64
N ILE B 282 -19.08 50.29 0.14
CA ILE B 282 -19.99 51.31 0.63
C ILE B 282 -20.62 52.08 -0.51
N GLU B 283 -19.83 52.45 -1.51
CA GLU B 283 -20.36 53.31 -2.55
C GLU B 283 -21.12 52.51 -3.59
N PHE B 284 -20.59 51.34 -3.92
CA PHE B 284 -21.24 50.40 -4.85
C PHE B 284 -22.59 50.01 -4.28
N ARG B 285 -22.66 49.70 -2.99
CA ARG B 285 -23.95 49.30 -2.41
C ARG B 285 -24.97 50.41 -2.39
N ARG B 286 -24.53 51.62 -2.13
CA ARG B 286 -25.42 52.79 -2.21
C ARG B 286 -25.89 52.96 -3.65
N THR B 287 -24.97 52.83 -4.61
CA THR B 287 -25.37 53.05 -5.99
C THR B 287 -26.40 52.01 -6.47
N LEU B 288 -26.23 50.72 -6.12
CA LEU B 288 -27.21 49.65 -6.43
C LEU B 288 -28.59 49.85 -5.89
N THR B 289 -28.70 50.25 -4.63
CA THR B 289 -30.03 50.57 -4.13
C THR B 289 -30.74 51.59 -4.94
N LEU B 290 -30.07 52.67 -5.34
CA LEU B 290 -30.70 53.69 -6.21
C LEU B 290 -30.88 53.19 -7.59
N SER B 291 -29.85 52.60 -8.15
CA SER B 291 -29.90 52.04 -9.48
C SER B 291 -30.95 50.93 -9.62
N PHE B 292 -31.16 50.08 -8.61
CA PHE B 292 -32.24 49.04 -8.68
C PHE B 292 -33.65 49.68 -8.68
N PHE B 293 -33.85 50.66 -7.79
CA PHE B 293 -35.07 51.50 -7.95
C PHE B 293 -35.26 52.15 -9.32
N PHE B 294 -34.24 52.74 -9.89
CA PHE B 294 -34.41 53.35 -11.19
C PHE B 294 -34.98 52.33 -12.16
N LYS B 295 -34.39 51.12 -12.16
CA LYS B 295 -34.87 49.99 -12.95
C LYS B 295 -36.33 49.66 -12.69
N PHE B 296 -36.72 49.61 -11.42
CA PHE B 296 -38.10 49.37 -11.03
C PHE B 296 -39.02 50.49 -11.57
N TYR B 297 -38.60 51.75 -11.36
CA TYR B 297 -39.26 52.96 -11.88
C TYR B 297 -39.53 52.90 -13.40
N LEU B 298 -38.51 52.53 -14.13
CA LEU B 298 -38.58 52.47 -15.57
C LEU B 298 -39.46 51.31 -16.02
N THR B 299 -39.46 50.23 -15.24
CA THR B 299 -40.23 49.02 -15.56
C THR B 299 -41.71 49.29 -15.31
N VAL B 300 -42.00 49.89 -14.16
CA VAL B 300 -43.35 50.30 -13.80
C VAL B 300 -43.98 51.26 -14.82
N LEU B 301 -43.21 52.27 -15.26
CA LEU B 301 -43.61 53.14 -16.34
C LEU B 301 -43.90 52.36 -17.64
N LYS B 302 -43.09 51.37 -17.97
CA LYS B 302 -43.36 50.51 -19.13
C LYS B 302 -44.63 49.68 -18.97
N LYS B 303 -44.95 49.24 -17.74
CA LYS B 303 -46.15 48.40 -17.52
C LYS B 303 -47.38 49.27 -17.52
N LEU B 304 -47.17 50.55 -17.17
CA LEU B 304 -48.12 51.64 -17.38
C LEU B 304 -47.99 52.11 -18.85
N GLY B 305 -47.04 53.03 -19.15
CA GLY B 305 -46.79 53.65 -20.48
C GLY B 305 -47.50 52.89 -21.56
N ASP C 1 0.65 4.87 -35.28
CA ASP C 1 1.13 6.31 -35.13
C ASP C 1 -0.02 7.31 -34.91
N THR C 2 -0.07 7.88 -33.71
CA THR C 2 -1.24 8.68 -33.34
C THR C 2 -0.89 10.15 -33.13
N VAL C 3 0.40 10.48 -33.16
CA VAL C 3 0.86 11.86 -32.96
C VAL C 3 0.15 12.77 -33.98
N GLY C 4 -0.32 13.94 -33.53
CA GLY C 4 -1.22 14.80 -34.29
C GLY C 4 -2.68 14.38 -34.32
N ARG C 5 -3.05 13.36 -33.56
CA ARG C 5 -4.44 12.85 -33.60
C ARG C 5 -5.12 13.22 -32.30
N PRO C 6 -6.44 13.58 -32.35
CA PRO C 6 -7.25 14.00 -31.21
C PRO C 6 -7.66 12.83 -30.27
N LEU C 7 -6.65 12.10 -29.79
CA LEU C 7 -6.83 10.99 -28.90
C LEU C 7 -7.21 11.47 -27.47
N PRO C 8 -8.38 11.02 -26.96
CA PRO C 8 -8.85 11.45 -25.61
C PRO C 8 -7.89 11.05 -24.50
N HIS C 9 -7.91 11.81 -23.41
CA HIS C 9 -7.10 11.55 -22.24
C HIS C 9 -7.23 10.06 -21.89
N LEU C 10 -6.10 9.37 -21.68
CA LEU C 10 -6.08 7.95 -21.45
C LEU C 10 -7.00 7.52 -20.31
N ALA C 11 -7.15 8.41 -19.31
CA ALA C 11 -7.86 8.06 -18.05
C ALA C 11 -9.29 8.57 -18.07
N ALA C 12 -9.64 9.27 -19.14
CA ALA C 12 -10.92 9.98 -19.28
C ALA C 12 -12.12 9.14 -18.88
N ALA C 13 -12.16 7.89 -19.33
CA ALA C 13 -13.34 6.98 -19.20
C ALA C 13 -13.48 6.46 -17.74
N MET C 14 -12.34 6.28 -17.09
CA MET C 14 -12.25 5.91 -15.69
C MET C 14 -12.57 7.06 -14.74
N GLN C 15 -12.19 8.27 -15.13
CA GLN C 15 -12.59 9.50 -14.48
C GLN C 15 -14.13 9.72 -14.49
N ALA C 16 -14.76 9.54 -15.65
CA ALA C 16 -16.23 9.60 -15.83
C ALA C 16 -16.98 8.54 -15.08
N SER C 17 -16.38 7.35 -14.98
CA SER C 17 -16.98 6.24 -14.18
C SER C 17 -16.66 6.21 -12.67
N GLY C 18 -15.79 7.12 -12.19
CA GLY C 18 -15.37 7.14 -10.77
C GLY C 18 -14.39 6.06 -10.36
N GLU C 19 -13.83 5.38 -11.35
CA GLU C 19 -12.88 4.31 -11.13
C GLU C 19 -11.44 4.83 -11.09
N ALA C 20 -11.21 6.04 -11.64
CA ALA C 20 -9.86 6.67 -11.51
C ALA C 20 -9.60 7.00 -10.06
N VAL C 21 -8.45 6.57 -9.54
CA VAL C 21 -8.13 6.69 -8.09
C VAL C 21 -7.25 7.90 -7.85
N TYR C 22 -7.67 8.77 -6.92
CA TYR C 22 -6.90 9.94 -6.47
C TYR C 22 -6.44 9.63 -5.04
N CYS C 23 -5.51 10.42 -4.51
CA CYS C 23 -4.88 10.06 -3.25
C CYS C 23 -5.90 9.61 -2.13
N ASP C 24 -6.98 10.32 -1.91
CA ASP C 24 -7.84 9.97 -0.77
C ASP C 24 -8.77 8.81 -1.11
N ASP C 25 -8.83 8.47 -2.38
CA ASP C 25 -9.58 7.31 -2.86
C ASP C 25 -8.89 6.03 -2.57
N ILE C 26 -7.63 6.10 -2.11
CA ILE C 26 -6.83 4.95 -1.73
C ILE C 26 -7.38 4.32 -0.45
N PRO C 27 -7.71 3.02 -0.51
CA PRO C 27 -8.20 2.38 0.71
C PRO C 27 -7.26 2.62 1.88
N ARG C 28 -7.86 2.72 3.07
CA ARG C 28 -7.13 2.83 4.32
C ARG C 28 -6.65 1.49 4.84
N TYR C 29 -5.47 1.50 5.48
CA TYR C 29 -5.01 0.40 6.28
C TYR C 29 -5.93 0.25 7.48
N GLU C 30 -6.12 -0.97 8.00
CA GLU C 30 -6.92 -1.19 9.21
C GLU C 30 -6.52 -0.28 10.36
N ASN C 31 -5.24 0.01 10.51
CA ASN C 31 -4.69 0.89 11.55
C ASN C 31 -4.45 2.39 11.18
N GLU C 32 -4.94 2.84 10.01
CA GLU C 32 -4.60 4.17 9.44
C GLU C 32 -5.20 5.34 10.24
N LEU C 33 -4.40 6.36 10.52
CA LEU C 33 -4.90 7.48 11.29
C LEU C 33 -5.06 8.70 10.37
N PHE C 34 -5.53 9.81 10.93
CA PHE C 34 -5.89 11.02 10.20
C PHE C 34 -5.32 12.19 10.95
N LEU C 35 -4.76 13.09 10.19
CA LEU C 35 -4.15 14.29 10.74
C LEU C 35 -4.95 15.53 10.35
N ARG C 36 -5.05 16.46 11.30
CA ARG C 36 -5.63 17.78 11.03
C ARG C 36 -4.64 18.87 11.47
N LEU C 37 -4.32 19.81 10.61
CA LEU C 37 -3.39 20.85 11.02
C LEU C 37 -4.04 21.86 11.96
N VAL C 38 -3.23 22.35 12.92
CA VAL C 38 -3.55 23.46 13.83
C VAL C 38 -2.78 24.71 13.34
N THR C 39 -3.49 25.81 13.24
CA THR C 39 -3.09 26.89 12.39
C THR C 39 -3.34 28.23 13.10
N SER C 40 -2.44 29.18 12.87
CA SER C 40 -2.53 30.51 13.48
C SER C 40 -3.86 31.22 13.17
N THR C 41 -4.51 31.79 14.19
CA THR C 41 -5.65 32.71 13.97
C THR C 41 -5.20 34.21 13.90
N ARG C 42 -3.88 34.44 13.94
CA ARG C 42 -3.30 35.80 14.04
C ARG C 42 -2.22 36.01 12.95
N ALA C 43 -2.23 37.21 12.36
CA ALA C 43 -1.26 37.65 11.34
C ALA C 43 0.19 37.74 11.79
N HIS C 44 0.44 38.16 13.03
CA HIS C 44 1.80 38.31 13.56
C HIS C 44 1.61 38.32 15.05
N ALA C 45 2.11 37.26 15.70
CA ALA C 45 1.99 37.05 17.14
C ALA C 45 3.10 36.14 17.66
N LYS C 46 3.36 36.29 18.94
CA LYS C 46 4.23 35.42 19.68
C LYS C 46 3.29 34.36 20.24
N ILE C 47 3.69 33.09 20.25
CA ILE C 47 2.87 32.06 20.86
C ILE C 47 3.21 32.00 22.36
N LYS C 48 2.20 32.18 23.23
CA LYS C 48 2.40 32.18 24.72
C LYS C 48 2.17 30.78 25.29
N SER C 49 1.07 30.16 24.88
CA SER C 49 0.90 28.76 25.23
C SER C 49 0.01 28.05 24.21
N ILE C 50 0.00 26.72 24.33
CA ILE C 50 -0.90 25.84 23.59
C ILE C 50 -1.44 24.92 24.65
N ASP C 51 -2.75 24.80 24.73
CA ASP C 51 -3.34 23.95 25.72
C ASP C 51 -4.19 22.97 24.93
N VAL C 52 -3.95 21.66 25.14
CA VAL C 52 -4.69 20.59 24.47
C VAL C 52 -5.60 19.75 25.36
N SER C 53 -5.80 20.20 26.61
CA SER C 53 -6.80 19.61 27.56
C SER C 53 -8.11 19.17 26.97
N GLU C 54 -8.74 20.06 26.19
CA GLU C 54 -10.09 19.80 25.72
C GLU C 54 -10.06 18.87 24.52
N ALA C 55 -9.02 18.97 23.71
CA ALA C 55 -8.83 18.13 22.51
C ALA C 55 -8.56 16.68 22.93
N GLN C 56 -7.76 16.52 24.00
CA GLN C 56 -7.55 15.22 24.67
C GLN C 56 -8.80 14.43 25.04
N LYS C 57 -9.95 15.11 25.14
CA LYS C 57 -11.20 14.50 25.58
C LYS C 57 -12.12 14.10 24.42
N VAL C 58 -11.76 14.50 23.20
CA VAL C 58 -12.49 14.09 21.99
C VAL C 58 -12.24 12.61 21.78
N PRO C 59 -13.31 11.79 21.62
CA PRO C 59 -13.14 10.36 21.28
C PRO C 59 -12.15 10.17 20.11
N GLY C 60 -11.23 9.23 20.25
CA GLY C 60 -10.35 8.79 19.14
C GLY C 60 -9.12 9.64 18.99
N PHE C 61 -9.00 10.62 19.87
CA PHE C 61 -7.84 11.48 19.87
C PHE C 61 -6.61 10.64 20.14
N VAL C 62 -5.58 10.87 19.33
CA VAL C 62 -4.36 10.16 19.52
C VAL C 62 -3.31 11.04 20.13
N CYS C 63 -2.92 12.12 19.43
CA CYS C 63 -1.89 13.04 19.87
C CYS C 63 -1.94 14.42 19.24
N PHE C 64 -1.32 15.37 19.93
CA PHE C 64 -0.99 16.65 19.37
C PHE C 64 0.51 16.69 19.04
N LEU C 65 0.84 17.08 17.80
CA LEU C 65 2.21 17.22 17.35
C LEU C 65 2.58 18.71 17.21
N SER C 66 3.78 19.06 17.65
CA SER C 66 4.28 20.43 17.63
C SER C 66 5.75 20.33 17.30
N ALA C 67 6.44 21.47 17.21
CA ALA C 67 7.84 21.55 16.76
C ALA C 67 8.79 20.60 17.52
N ASP C 68 8.46 20.30 18.77
CA ASP C 68 9.32 19.50 19.65
C ASP C 68 9.32 18.00 19.37
N ASP C 69 8.40 17.54 18.52
CA ASP C 69 8.23 16.11 18.19
C ASP C 69 9.10 15.73 17.02
N ILE C 70 9.77 16.72 16.47
CA ILE C 70 10.49 16.56 15.22
C ILE C 70 11.90 16.07 15.48
N PRO C 71 12.26 14.87 14.94
CA PRO C 71 13.58 14.22 15.13
C PRO C 71 14.74 14.86 14.33
N GLY C 72 14.52 15.24 13.08
CA GLY C 72 15.58 15.82 12.24
C GLY C 72 15.53 17.33 12.41
N SER C 73 14.97 18.02 11.43
CA SER C 73 14.96 19.50 11.39
C SER C 73 13.54 20.16 11.29
N ASN C 74 13.39 21.30 11.96
CA ASN C 74 12.20 22.12 11.87
C ASN C 74 12.35 23.22 10.81
N GLU C 75 13.46 23.20 10.06
CA GLU C 75 13.76 24.22 9.06
C GLU C 75 13.41 23.73 7.63
N THR C 76 12.56 24.45 6.93
CA THR C 76 11.98 23.88 5.70
C THR C 76 11.75 24.93 4.58
N GLY C 77 11.09 24.54 3.50
CA GLY C 77 10.81 25.49 2.45
C GLY C 77 11.94 25.54 1.43
N LEU C 78 11.58 25.93 0.23
CA LEU C 78 12.55 26.04 -0.86
C LEU C 78 13.80 26.87 -0.50
N PHE C 79 13.66 27.86 0.37
CA PHE C 79 14.81 28.72 0.73
C PHE C 79 15.16 28.69 2.24
N ASN C 80 14.68 27.69 2.95
CA ASN C 80 15.01 27.48 4.34
C ASN C 80 14.60 28.52 5.36
N ASP C 81 13.48 29.19 5.03
CA ASP C 81 12.92 30.28 5.82
C ASP C 81 11.60 29.96 6.47
N GLU C 82 11.14 28.69 6.39
CA GLU C 82 9.90 28.30 7.06
C GLU C 82 10.18 27.31 8.20
N THR C 83 9.22 27.18 9.10
CA THR C 83 9.22 26.16 10.09
C THR C 83 8.32 25.06 9.53
N VAL C 84 8.45 23.83 10.02
CA VAL C 84 7.47 22.78 9.72
C VAL C 84 6.29 23.12 10.59
N PHE C 85 6.54 23.38 11.86
CA PHE C 85 5.54 23.84 12.79
C PHE C 85 6.09 25.12 13.46
N ALA C 86 5.34 26.22 13.41
CA ALA C 86 5.70 27.48 14.07
C ALA C 86 6.07 27.27 15.55
N LYS C 87 7.12 27.93 15.99
CA LYS C 87 7.67 27.62 17.28
C LYS C 87 7.35 28.70 18.36
N ASP C 88 7.95 29.88 18.18
CA ASP C 88 7.83 30.97 19.15
C ASP C 88 6.88 32.05 18.65
N THR C 89 6.91 32.31 17.37
CA THR C 89 6.07 33.33 16.76
C THR C 89 5.33 32.79 15.50
N VAL C 90 4.08 33.25 15.32
CA VAL C 90 3.35 33.03 14.05
C VAL C 90 3.46 34.29 13.14
N THR C 91 3.45 34.13 11.84
CA THR C 91 3.72 35.25 10.96
C THR C 91 2.71 35.37 9.79
N CYS C 92 1.57 34.68 9.92
CA CYS C 92 0.43 34.81 9.03
C CYS C 92 -0.76 34.14 9.64
N VAL C 93 -1.96 34.42 9.10
CA VAL C 93 -3.13 33.67 9.60
C VAL C 93 -3.10 32.16 9.21
N GLY C 94 -2.77 31.74 8.04
CA GLY C 94 -2.79 30.22 8.06
C GLY C 94 -1.60 29.44 8.62
N HIS C 95 -0.83 30.05 9.54
CA HIS C 95 0.55 29.61 9.81
C HIS C 95 0.53 28.35 10.62
N ILE C 96 1.15 27.30 10.09
CA ILE C 96 1.02 25.97 10.74
C ILE C 96 1.79 25.91 12.06
N ILE C 97 1.08 25.53 13.13
CA ILE C 97 1.53 25.53 14.51
C ILE C 97 1.73 24.12 15.04
N GLY C 98 0.86 23.20 14.61
CA GLY C 98 0.85 21.85 15.10
C GLY C 98 -0.09 21.01 14.29
N ALA C 99 -0.38 19.82 14.81
CA ALA C 99 -1.30 18.92 14.14
C ALA C 99 -1.89 17.97 15.15
N VAL C 100 -3.14 17.64 14.95
CA VAL C 100 -3.88 16.70 15.76
C VAL C 100 -3.96 15.40 14.95
N VAL C 101 -3.82 14.27 15.63
CA VAL C 101 -3.95 12.97 15.01
C VAL C 101 -5.09 12.33 15.73
N ALA C 102 -5.95 11.65 14.98
CA ALA C 102 -7.11 10.92 15.52
C ALA C 102 -7.45 9.74 14.63
N ASP C 103 -8.42 8.96 15.09
CA ASP C 103 -8.76 7.71 14.43
C ASP C 103 -9.71 7.91 13.22
N THR C 104 -10.41 9.04 13.16
CA THR C 104 -11.29 9.38 12.06
C THR C 104 -11.00 10.85 11.67
N PRO C 105 -11.33 11.22 10.42
CA PRO C 105 -11.00 12.60 10.14
C PRO C 105 -11.98 13.55 10.81
N GLU C 106 -13.18 13.05 11.12
CA GLU C 106 -14.20 13.80 11.84
C GLU C 106 -13.73 14.11 13.25
N HIS C 107 -13.05 13.13 13.85
CA HIS C 107 -12.50 13.30 15.21
C HIS C 107 -11.28 14.23 15.22
N ALA C 108 -10.43 14.15 14.18
CA ALA C 108 -9.31 15.09 13.99
C ALA C 108 -9.80 16.52 13.83
N GLU C 109 -10.84 16.76 13.00
CA GLU C 109 -11.46 18.10 12.88
C GLU C 109 -11.94 18.69 14.22
N ARG C 110 -12.77 17.90 14.91
CA ARG C 110 -13.38 18.22 16.19
C ARG C 110 -12.31 18.59 17.26
N ALA C 111 -11.26 17.78 17.39
CA ALA C 111 -10.14 18.01 18.31
C ALA C 111 -9.30 19.23 17.98
N ALA C 112 -9.00 19.44 16.70
CA ALA C 112 -8.18 20.61 16.30
C ALA C 112 -8.82 21.97 16.64
N HIS C 113 -10.15 22.01 16.60
CA HIS C 113 -10.90 23.22 16.80
C HIS C 113 -10.92 23.64 18.27
N VAL C 114 -10.54 22.73 19.13
CA VAL C 114 -10.73 22.91 20.55
C VAL C 114 -9.33 23.07 21.22
N VAL C 115 -8.27 23.00 20.41
CA VAL C 115 -6.88 23.35 20.83
C VAL C 115 -6.86 24.89 21.12
N LYS C 116 -6.44 25.24 22.34
CA LYS C 116 -6.41 26.63 22.81
C LYS C 116 -5.03 27.20 22.57
N VAL C 117 -4.90 28.14 21.65
CA VAL C 117 -3.63 28.81 21.48
C VAL C 117 -3.74 30.21 22.06
N THR C 118 -2.74 30.57 22.87
CA THR C 118 -2.70 31.89 23.50
C THR C 118 -1.58 32.69 22.84
N TYR C 119 -1.90 33.92 22.43
CA TYR C 119 -0.98 34.75 21.66
C TYR C 119 -0.69 36.13 22.24
N GLU C 120 0.36 36.76 21.70
CA GLU C 120 0.65 38.18 21.93
C GLU C 120 0.99 38.89 20.62
N ASP C 121 0.03 39.67 20.12
CA ASP C 121 0.15 40.33 18.82
C ASP C 121 1.37 41.22 18.66
N LEU C 122 1.84 41.27 17.44
CA LEU C 122 3.03 41.98 17.08
C LEU C 122 2.71 42.77 15.82
N PRO C 123 3.33 43.95 15.65
CA PRO C 123 3.04 44.79 14.43
C PRO C 123 3.02 44.01 13.09
N ALA C 124 1.85 43.90 12.45
CA ALA C 124 1.74 43.21 11.15
C ALA C 124 1.85 44.09 9.90
N ILE C 125 2.33 43.49 8.81
CA ILE C 125 2.38 44.12 7.52
C ILE C 125 1.63 43.21 6.57
N ILE C 126 0.54 43.74 6.01
CA ILE C 126 -0.31 42.98 5.11
C ILE C 126 -0.21 43.45 3.68
N THR C 127 -0.42 44.72 3.42
CA THR C 127 -0.50 45.15 2.05
C THR C 127 0.87 45.45 1.54
N ILE C 128 0.94 45.58 0.22
CA ILE C 128 2.11 46.08 -0.50
C ILE C 128 2.50 47.50 0.00
N GLU C 129 1.52 48.40 0.21
CA GLU C 129 1.83 49.72 0.78
C GLU C 129 2.33 49.67 2.26
N ASP C 130 1.82 48.74 3.07
CA ASP C 130 2.32 48.51 4.44
C ASP C 130 3.83 48.20 4.34
N ALA C 131 4.18 47.39 3.33
CA ALA C 131 5.53 46.86 3.12
C ALA C 131 6.49 47.86 2.51
N ILE C 132 6.03 48.67 1.55
CA ILE C 132 6.88 49.70 1.00
C ILE C 132 7.23 50.72 2.10
N LYS C 133 6.23 51.16 2.84
CA LYS C 133 6.40 52.08 3.96
C LYS C 133 7.46 51.56 4.95
N ASN C 134 7.46 50.25 5.19
CA ASN C 134 8.34 49.65 6.18
C ASN C 134 9.58 49.00 5.56
N ASN C 135 9.81 49.23 4.26
CA ASN C 135 10.91 48.55 3.53
C ASN C 135 11.07 47.05 3.91
N SER C 136 9.95 46.34 4.00
CA SER C 136 9.89 44.91 4.35
C SER C 136 9.93 44.13 3.05
N PHE C 137 11.12 43.83 2.54
CA PHE C 137 11.30 43.16 1.24
C PHE C 137 12.10 41.88 1.37
N TYR C 138 12.07 41.03 0.33
CA TYR C 138 12.90 39.83 0.29
C TYR C 138 13.95 40.17 -0.69
N GLY C 139 15.14 40.35 -0.14
CA GLY C 139 16.30 40.52 -0.96
C GLY C 139 16.31 41.94 -1.45
N SER C 140 16.98 42.12 -2.59
CA SER C 140 17.11 43.43 -3.14
C SER C 140 16.43 43.46 -4.50
N GLU C 141 16.23 44.67 -4.97
CA GLU C 141 15.54 44.94 -6.20
C GLU C 141 16.14 44.20 -7.36
N LEU C 142 15.30 43.74 -8.29
CA LEU C 142 15.74 43.08 -9.52
C LEU C 142 15.44 43.96 -10.73
N LYS C 143 16.19 43.83 -11.81
CA LYS C 143 16.12 44.83 -12.86
C LYS C 143 16.51 44.36 -14.22
N ILE C 144 15.79 44.81 -15.21
CA ILE C 144 16.26 44.78 -16.57
C ILE C 144 16.23 46.26 -17.00
N GLU C 145 17.36 46.74 -17.52
CA GLU C 145 17.44 48.10 -18.03
C GLU C 145 18.26 48.11 -19.28
N LYS C 146 17.58 48.44 -20.39
CA LYS C 146 18.18 48.66 -21.68
C LYS C 146 17.92 50.12 -22.19
N GLY C 147 18.96 50.81 -22.67
CA GLY C 147 18.87 52.14 -23.32
C GLY C 147 18.91 53.37 -22.40
N ASP C 148 18.37 54.52 -22.87
CA ASP C 148 18.44 55.80 -22.09
C ASP C 148 17.07 56.43 -21.66
N LEU C 149 16.62 56.18 -20.44
CA LEU C 149 15.26 56.63 -20.09
C LEU C 149 15.05 58.15 -20.10
N LYS C 150 15.84 58.87 -19.31
CA LYS C 150 16.03 60.30 -19.47
C LYS C 150 16.73 60.52 -20.83
N LYS C 151 15.95 60.66 -21.91
CA LYS C 151 16.43 60.79 -23.32
C LYS C 151 15.48 60.11 -24.29
N GLY C 152 14.81 59.09 -23.80
CA GLY C 152 13.63 58.55 -24.47
C GLY C 152 12.45 59.40 -24.01
N PHE C 153 12.43 59.72 -22.71
CA PHE C 153 11.43 60.64 -22.17
C PHE C 153 11.55 62.08 -22.72
N SER C 154 12.54 62.31 -23.59
CA SER C 154 12.84 63.63 -24.13
C SER C 154 12.67 63.75 -25.65
N GLU C 155 12.60 62.62 -26.34
CA GLU C 155 12.18 62.58 -27.75
C GLU C 155 10.66 62.37 -27.83
N ALA C 156 9.99 62.48 -26.69
CA ALA C 156 8.64 61.93 -26.50
C ALA C 156 7.54 62.97 -26.58
N ASP C 157 6.64 62.80 -27.55
CA ASP C 157 5.47 63.68 -27.67
C ASP C 157 4.59 63.66 -26.44
N ASN C 158 4.31 62.45 -25.93
CA ASN C 158 3.43 62.29 -24.77
C ASN C 158 4.08 61.43 -23.70
N VAL C 159 3.91 61.84 -22.45
CA VAL C 159 4.28 61.05 -21.30
C VAL C 159 3.02 60.83 -20.43
N VAL C 160 2.68 59.54 -20.23
CA VAL C 160 1.58 59.14 -19.32
C VAL C 160 2.17 58.37 -18.15
N SER C 161 1.67 58.59 -16.96
CA SER C 161 2.13 57.80 -15.86
C SER C 161 0.98 57.38 -14.89
N GLY C 162 1.25 56.43 -14.00
CA GLY C 162 0.22 55.89 -13.13
C GLY C 162 0.57 54.74 -12.21
N GLU C 163 -0.46 54.16 -11.62
CA GLU C 163 -0.37 53.04 -10.71
C GLU C 163 -1.46 52.06 -11.10
N LEU C 164 -1.24 50.79 -10.81
CA LEU C 164 -2.12 49.72 -11.25
C LEU C 164 -1.98 48.57 -10.28
N TYR C 165 -3.09 48.04 -9.81
CA TYR C 165 -3.04 46.86 -8.93
C TYR C 165 -3.67 45.64 -9.58
N ILE C 166 -3.00 44.48 -9.45
CA ILE C 166 -3.65 43.24 -9.88
C ILE C 166 -3.78 42.24 -8.74
N GLY C 167 -5.03 41.87 -8.46
CA GLY C 167 -5.38 40.94 -7.35
C GLY C 167 -4.81 39.54 -7.53
N GLY C 168 -4.65 38.82 -6.42
CA GLY C 168 -4.16 37.43 -6.49
C GLY C 168 -5.18 36.45 -6.99
N GLN C 169 -4.96 35.16 -6.74
CA GLN C 169 -5.91 34.16 -7.21
C GLN C 169 -5.69 32.86 -6.47
N ASP C 170 -6.78 32.18 -6.11
CA ASP C 170 -6.72 30.86 -5.54
C ASP C 170 -6.72 29.78 -6.62
N HIS C 171 -5.92 28.74 -6.43
CA HIS C 171 -5.77 27.74 -7.49
C HIS C 171 -7.07 27.05 -7.75
N PHE C 172 -7.83 26.83 -6.68
CA PHE C 172 -9.07 26.08 -6.75
C PHE C 172 -8.97 24.82 -7.68
N TYR C 173 -7.90 24.04 -7.53
CA TYR C 173 -7.82 22.64 -8.07
C TYR C 173 -9.00 21.87 -7.44
N LEU C 174 -9.76 21.09 -8.22
CA LEU C 174 -10.96 20.48 -7.59
C LEU C 174 -10.59 19.57 -6.39
N GLU C 175 -9.43 18.92 -6.46
CA GLU C 175 -8.92 18.08 -5.40
C GLU C 175 -7.90 18.88 -4.63
N THR C 176 -8.14 19.02 -3.35
CA THR C 176 -7.25 19.81 -2.50
C THR C 176 -6.02 18.99 -2.12
N HIS C 177 -5.11 19.59 -1.31
CA HIS C 177 -3.94 18.84 -0.97
C HIS C 177 -4.25 17.61 -0.16
N CYS C 178 -3.48 16.58 -0.42
CA CYS C 178 -3.67 15.28 0.15
C CYS C 178 -2.31 14.52 0.23
N THR C 179 -1.95 13.98 1.40
CA THR C 179 -0.85 12.99 1.51
C THR C 179 -1.27 11.70 2.34
N ILE C 180 -0.85 10.53 1.87
CA ILE C 180 -0.74 9.32 2.72
C ILE C 180 0.72 8.95 3.00
N ALA C 181 1.11 8.83 4.27
CA ALA C 181 2.45 8.35 4.64
C ALA C 181 2.37 7.01 5.34
N ILE C 182 3.13 6.03 4.83
CA ILE C 182 3.18 4.68 5.39
C ILE C 182 4.58 4.41 5.97
N PRO C 183 4.71 4.37 7.31
CA PRO C 183 6.03 4.16 7.83
C PRO C 183 6.23 2.63 7.74
N LYS C 184 7.40 2.24 7.23
CA LYS C 184 7.67 0.86 6.91
C LYS C 184 8.13 0.09 8.11
N GLY C 185 8.86 0.74 9.01
CA GLY C 185 9.22 0.20 10.35
C GLY C 185 10.69 -0.22 10.47
N GLU C 186 11.38 -0.18 9.33
CA GLU C 186 12.73 -0.66 9.11
C GLU C 186 13.51 0.52 8.61
N GLU C 187 14.63 0.86 9.24
CA GLU C 187 15.61 1.81 8.68
C GLU C 187 15.17 3.25 8.36
N GLY C 188 14.10 3.70 8.97
CA GLY C 188 13.57 5.00 8.60
C GLY C 188 12.65 5.05 7.38
N GLU C 189 12.53 3.92 6.68
CA GLU C 189 11.82 3.84 5.41
C GLU C 189 10.37 4.31 5.49
N MET C 190 9.90 4.98 4.47
CA MET C 190 8.55 5.49 4.52
C MET C 190 8.12 5.59 3.08
N GLU C 191 6.88 5.15 2.77
CA GLU C 191 6.36 5.27 1.38
C GLU C 191 5.19 6.27 1.45
N LEU C 192 5.22 7.31 0.60
CA LEU C 192 4.20 8.36 0.61
C LEU C 192 3.47 8.41 -0.75
N PHE C 193 2.17 8.64 -0.68
CA PHE C 193 1.27 8.78 -1.83
C PHE C 193 0.72 10.24 -1.72
N VAL C 194 0.95 11.08 -2.72
CA VAL C 194 0.68 12.54 -2.58
C VAL C 194 0.21 13.19 -3.85
N SER C 195 -0.69 14.13 -3.69
CA SER C 195 -1.16 14.95 -4.81
C SER C 195 -0.11 16.08 -4.88
N THR C 196 0.97 15.85 -5.63
CA THR C 196 2.03 16.88 -5.77
C THR C 196 2.61 16.85 -7.16
N GLN C 197 3.09 18.03 -7.61
CA GLN C 197 3.78 18.25 -8.89
C GLN C 197 5.30 18.16 -8.69
N ASN C 198 5.71 18.01 -7.45
CA ASN C 198 7.11 18.00 -7.09
C ASN C 198 7.44 16.86 -6.09
N ALA C 199 7.57 15.65 -6.62
CA ALA C 199 7.82 14.49 -5.77
C ALA C 199 9.28 14.49 -5.21
N MET C 200 10.24 15.01 -5.98
CA MET C 200 11.60 15.16 -5.46
C MET C 200 11.77 16.02 -4.22
N LYS C 201 11.13 17.19 -4.14
CA LYS C 201 11.24 18.03 -2.94
C LYS C 201 10.34 17.55 -1.81
N THR C 202 9.25 16.87 -2.18
CA THR C 202 8.52 16.11 -1.14
C THR C 202 9.43 15.06 -0.49
N GLN C 203 10.11 14.29 -1.33
CA GLN C 203 11.07 13.30 -0.84
C GLN C 203 12.19 13.93 -0.01
N SER C 204 12.81 15.02 -0.51
CA SER C 204 13.88 15.70 0.22
C SER C 204 13.41 16.33 1.54
N PHE C 205 12.27 17.01 1.46
CA PHE C 205 11.77 17.72 2.62
C PHE C 205 11.38 16.78 3.75
N VAL C 206 10.76 15.66 3.41
CA VAL C 206 10.38 14.67 4.45
C VAL C 206 11.63 14.03 5.06
N ALA C 207 12.59 13.64 4.23
CA ALA C 207 13.83 13.08 4.70
C ALA C 207 14.53 14.10 5.60
N LYS C 208 14.58 15.37 5.18
CA LYS C 208 15.20 16.42 6.00
C LYS C 208 14.53 16.55 7.34
N MET C 209 13.20 16.57 7.38
CA MET C 209 12.54 16.78 8.65
C MET C 209 12.82 15.65 9.64
N LEU C 210 12.89 14.44 9.09
CA LEU C 210 13.04 13.17 9.82
C LEU C 210 14.50 12.89 10.15
N GLY C 211 15.42 13.55 9.46
CA GLY C 211 16.87 13.33 9.72
C GLY C 211 17.37 11.99 9.22
N VAL C 212 16.91 11.58 8.03
CA VAL C 212 17.20 10.30 7.41
C VAL C 212 17.65 10.58 5.97
N PRO C 213 18.46 9.67 5.36
CA PRO C 213 18.82 9.87 3.96
C PRO C 213 17.64 9.86 3.00
N VAL C 214 17.77 10.56 1.88
CA VAL C 214 16.72 10.65 0.88
C VAL C 214 16.32 9.26 0.42
N ASN C 215 17.31 8.36 0.25
CA ASN C 215 17.10 6.97 -0.26
C ASN C 215 16.11 6.10 0.53
N ARG C 216 15.82 6.49 1.76
CA ARG C 216 14.74 5.90 2.59
C ARG C 216 13.30 6.26 2.22
N ILE C 217 13.13 7.36 1.50
CA ILE C 217 11.80 7.97 1.29
C ILE C 217 11.35 7.73 -0.14
N LEU C 218 10.22 7.02 -0.31
CA LEU C 218 9.65 6.78 -1.66
C LEU C 218 8.39 7.61 -1.79
N VAL C 219 8.33 8.47 -2.82
CA VAL C 219 7.13 9.28 -3.10
C VAL C 219 6.59 8.81 -4.42
N ARG C 220 5.28 8.53 -4.41
CA ARG C 220 4.53 8.01 -5.52
C ARG C 220 3.36 8.95 -5.85
N VAL C 221 3.23 9.30 -7.13
CA VAL C 221 2.21 10.25 -7.57
C VAL C 221 1.57 9.65 -8.80
N LYS C 222 0.36 9.15 -8.65
CA LYS C 222 -0.38 8.52 -9.71
C LYS C 222 -1.08 9.62 -10.59
N ARG C 223 -1.80 10.50 -9.92
CA ARG C 223 -2.47 11.67 -10.50
C ARG C 223 -2.84 12.72 -9.43
N MET C 224 -3.00 13.97 -9.90
CA MET C 224 -3.68 15.01 -9.18
C MET C 224 -5.00 15.39 -9.89
N GLY C 225 -6.02 15.65 -9.12
CA GLY C 225 -7.16 16.43 -9.60
C GLY C 225 -6.91 17.95 -9.64
N GLY C 226 -5.91 18.33 -10.42
CA GLY C 226 -5.48 19.74 -10.63
C GLY C 226 -4.23 20.10 -9.80
N GLY C 227 -3.38 20.97 -10.35
CA GLY C 227 -2.20 21.52 -9.63
C GLY C 227 -2.10 23.02 -9.90
N PHE C 228 -1.96 23.39 -11.18
CA PHE C 228 -2.04 24.82 -11.60
C PHE C 228 -0.88 25.62 -11.01
N GLY C 229 0.20 24.92 -10.61
CA GLY C 229 1.36 25.42 -9.84
C GLY C 229 1.20 25.39 -8.32
N GLY C 230 -0.04 25.24 -7.80
CA GLY C 230 -0.24 25.32 -6.33
C GLY C 230 0.31 24.09 -5.59
N LYS C 231 0.60 23.03 -6.36
CA LYS C 231 1.19 21.79 -5.85
C LYS C 231 2.67 21.58 -6.22
N GLU C 232 3.32 22.63 -6.72
CA GLU C 232 4.70 22.61 -7.14
C GLU C 232 5.57 22.66 -5.91
N THR C 233 5.17 23.48 -4.94
CA THR C 233 5.88 23.49 -3.65
C THR C 233 5.01 23.31 -2.41
N ARG C 234 3.83 23.94 -2.34
CA ARG C 234 3.18 24.08 -1.02
C ARG C 234 2.54 22.78 -0.52
N SER C 235 2.51 21.76 -1.36
CA SER C 235 2.05 20.43 -0.95
C SER C 235 2.87 19.90 0.23
N THR C 236 4.13 20.35 0.35
CA THR C 236 5.00 19.83 1.41
C THR C 236 4.49 20.19 2.80
N LEU C 237 3.70 21.26 2.92
CA LEU C 237 3.11 21.70 4.22
C LEU C 237 2.25 20.60 4.79
N VAL C 238 1.55 19.87 3.92
CA VAL C 238 0.74 18.72 4.37
C VAL C 238 1.61 17.48 4.53
N SER C 239 2.37 17.20 3.47
CA SER C 239 3.18 15.95 3.33
C SER C 239 4.13 15.73 4.47
N VAL C 240 4.83 16.81 4.86
CA VAL C 240 5.81 16.81 5.98
C VAL C 240 5.17 16.58 7.35
N ALA C 241 4.02 17.22 7.58
CA ALA C 241 3.24 17.02 8.82
C ALA C 241 2.71 15.56 9.00
N VAL C 242 2.23 15.00 7.92
CA VAL C 242 1.68 13.63 7.85
C VAL C 242 2.80 12.62 7.97
N ALA C 243 3.95 12.85 7.34
CA ALA C 243 5.15 12.03 7.52
C ALA C 243 5.57 12.03 8.98
N LEU C 244 5.54 13.18 9.62
CA LEU C 244 5.90 13.25 11.05
C LEU C 244 4.91 12.40 11.90
N ALA C 245 3.60 12.55 11.73
CA ALA C 245 2.64 11.69 12.41
C ALA C 245 2.89 10.17 12.16
N ALA C 246 3.14 9.80 10.91
CA ALA C 246 3.54 8.44 10.55
C ALA C 246 4.79 7.99 11.35
N TYR C 247 5.82 8.84 11.35
CA TYR C 247 7.01 8.54 12.13
C TYR C 247 6.73 8.35 13.63
N LYS C 248 5.95 9.26 14.22
CA LYS C 248 5.68 9.31 15.66
C LYS C 248 4.79 8.15 16.18
N THR C 249 3.75 7.80 15.44
CA THR C 249 2.86 6.73 15.86
C THR C 249 3.32 5.38 15.36
N GLY C 250 4.10 5.31 14.27
CA GLY C 250 4.32 4.05 13.60
C GLY C 250 3.07 3.46 12.91
N HIS C 251 2.02 4.27 12.72
CA HIS C 251 0.85 3.84 11.94
C HIS C 251 0.82 4.61 10.60
N PRO C 252 0.20 4.04 9.52
CA PRO C 252 -0.20 4.86 8.36
C PRO C 252 -1.05 6.11 8.82
N VAL C 253 -0.80 7.26 8.23
CA VAL C 253 -1.52 8.50 8.51
C VAL C 253 -1.81 9.17 7.15
N ARG C 254 -3.03 9.65 6.94
CA ARG C 254 -3.39 10.55 5.86
C ARG C 254 -3.98 11.91 6.32
N CYS C 255 -3.90 12.89 5.43
CA CYS C 255 -4.67 14.15 5.57
C CYS C 255 -5.06 14.57 4.16
N MET C 256 -6.34 14.88 3.93
CA MET C 256 -6.78 15.67 2.79
C MET C 256 -7.33 16.98 3.39
N LEU C 257 -6.82 18.13 2.96
CA LEU C 257 -7.37 19.42 3.41
C LEU C 257 -8.76 19.62 2.89
N ASP C 258 -9.62 20.17 3.77
CA ASP C 258 -10.89 20.79 3.42
C ASP C 258 -10.60 22.10 2.67
N ARG C 259 -11.58 22.57 1.89
CA ARG C 259 -11.39 23.70 1.01
C ARG C 259 -10.94 24.95 1.73
N ASN C 260 -11.57 25.22 2.89
CA ASN C 260 -11.31 26.40 3.67
C ASN C 260 -9.91 26.41 4.28
N GLU C 261 -9.41 25.24 4.72
CA GLU C 261 -8.02 25.11 5.17
C GLU C 261 -7.10 25.38 3.98
N ASP C 262 -7.37 24.70 2.87
CA ASP C 262 -6.59 24.85 1.64
C ASP C 262 -6.42 26.31 1.17
N MET C 263 -7.50 27.07 1.14
CA MET C 263 -7.45 28.45 0.67
C MET C 263 -6.72 29.35 1.65
N LEU C 264 -6.88 29.10 2.95
CA LEU C 264 -6.12 29.83 3.94
C LEU C 264 -4.61 29.59 3.87
N ILE C 265 -4.20 28.30 3.83
CA ILE C 265 -2.87 27.87 4.22
C ILE C 265 -1.82 27.92 3.09
N THR C 266 -2.23 27.55 1.90
CA THR C 266 -1.29 27.04 0.92
C THR C 266 -0.89 28.06 -0.13
N GLY C 267 -1.39 29.30 0.01
CA GLY C 267 -1.01 30.42 -0.84
C GLY C 267 -1.56 30.36 -2.24
N GLY C 268 -1.37 31.45 -2.98
CA GLY C 268 -1.94 31.63 -4.31
C GLY C 268 -1.03 32.46 -5.24
N ARG C 269 -1.62 33.05 -6.26
CA ARG C 269 -0.95 33.86 -7.25
C ARG C 269 -0.54 35.12 -6.49
N HIS C 270 0.61 35.70 -6.87
CA HIS C 270 1.02 36.99 -6.26
C HIS C 270 0.13 38.18 -6.70
N PRO C 271 -0.42 38.92 -5.72
CA PRO C 271 -0.91 40.27 -6.04
C PRO C 271 0.29 41.13 -6.49
N PHE C 272 0.14 41.86 -7.62
CA PHE C 272 1.17 42.85 -8.02
C PHE C 272 0.65 44.31 -7.89
N LEU C 273 1.47 45.21 -7.35
CA LEU C 273 1.30 46.68 -7.54
C LEU C 273 2.35 47.19 -8.53
N ALA C 274 1.94 47.85 -9.62
CA ALA C 274 2.89 48.53 -10.54
C ALA C 274 2.82 50.08 -10.50
N ARG C 275 3.98 50.75 -10.57
CA ARG C 275 4.02 52.19 -10.92
C ARG C 275 4.69 52.27 -12.27
N TYR C 276 4.04 52.91 -13.22
CA TYR C 276 4.59 52.97 -14.55
C TYR C 276 4.64 54.42 -15.12
N LYS C 277 5.44 54.59 -16.18
CA LYS C 277 5.61 55.83 -16.91
C LYS C 277 6.00 55.42 -18.29
N VAL C 278 5.21 55.84 -19.28
CA VAL C 278 5.46 55.52 -20.64
C VAL C 278 5.57 56.83 -21.40
N GLY C 279 6.53 56.86 -22.35
CA GLY C 279 6.78 57.96 -23.28
C GLY C 279 6.48 57.46 -24.66
N PHE C 280 5.75 58.25 -25.46
CA PHE C 280 5.35 57.84 -26.82
C PHE C 280 5.07 59.02 -27.78
N MET C 281 5.02 58.74 -29.06
CA MET C 281 4.79 59.75 -30.08
C MET C 281 3.29 59.94 -30.29
N LYS C 282 2.91 61.06 -30.90
CA LYS C 282 1.50 61.38 -31.26
C LYS C 282 0.96 60.27 -32.16
N THR C 283 1.94 59.48 -32.60
CA THR C 283 1.79 58.32 -33.50
C THR C 283 1.38 57.07 -32.73
N GLY C 284 1.61 57.07 -31.42
CA GLY C 284 1.46 55.86 -30.66
C GLY C 284 2.72 55.01 -30.52
N THR C 285 3.76 55.29 -31.31
CA THR C 285 5.05 54.61 -31.20
C THR C 285 5.64 54.83 -29.82
N ILE C 286 6.03 53.74 -29.15
CA ILE C 286 6.58 53.82 -27.81
C ILE C 286 8.04 54.16 -27.91
N VAL C 287 8.51 54.95 -26.93
CA VAL C 287 9.84 55.55 -26.97
C VAL C 287 10.62 55.31 -25.69
N ALA C 288 9.95 55.47 -24.55
CA ALA C 288 10.50 55.01 -23.29
C ALA C 288 9.38 54.27 -22.51
N LEU C 289 9.79 53.55 -21.46
CA LEU C 289 8.88 52.84 -20.58
C LEU C 289 9.66 52.56 -19.35
N GLU C 290 9.11 52.93 -18.20
CA GLU C 290 9.70 52.54 -16.93
C GLU C 290 8.64 51.93 -16.01
N VAL C 291 8.93 50.75 -15.41
CA VAL C 291 7.96 50.03 -14.49
C VAL C 291 8.60 49.46 -13.24
N ASP C 292 8.12 49.84 -12.08
CA ASP C 292 8.53 49.24 -10.85
C ASP C 292 7.39 48.30 -10.37
N HIS C 293 7.68 47.01 -10.21
CA HIS C 293 6.73 45.97 -9.89
C HIS C 293 6.95 45.65 -8.41
N TYR C 294 5.85 45.48 -7.68
CA TYR C 294 5.94 45.00 -6.33
C TYR C 294 4.98 43.80 -6.26
N SER C 295 5.52 42.61 -5.93
CA SER C 295 4.66 41.45 -5.66
C SER C 295 4.42 41.31 -4.21
N ASN C 296 3.22 40.88 -3.81
CA ASN C 296 2.97 40.54 -2.38
C ASN C 296 3.34 39.07 -2.19
N ALA C 297 4.46 38.83 -1.52
CA ALA C 297 5.03 37.47 -1.44
C ALA C 297 4.58 36.64 -0.25
N GLY C 298 4.06 37.29 0.78
CA GLY C 298 3.62 36.54 1.95
C GLY C 298 4.82 36.19 2.76
N ASN C 299 4.64 35.28 3.72
CA ASN C 299 5.61 35.05 4.81
C ASN C 299 6.82 34.11 4.61
N SER C 300 7.14 33.78 3.37
CA SER C 300 8.34 33.03 3.12
C SER C 300 8.68 33.34 1.71
N ARG C 301 9.93 33.11 1.29
CA ARG C 301 10.32 33.36 -0.09
C ARG C 301 9.65 32.47 -1.13
N ASP C 302 9.78 31.13 -0.97
CA ASP C 302 9.22 30.18 -1.90
C ASP C 302 9.72 30.51 -3.30
N LEU C 303 8.81 30.51 -4.26
CA LEU C 303 9.17 30.73 -5.67
C LEU C 303 9.04 32.21 -6.10
N SER C 304 8.93 33.14 -5.15
CA SER C 304 8.64 34.54 -5.42
C SER C 304 9.69 35.22 -6.33
N HIS C 305 10.97 34.84 -6.16
CA HIS C 305 12.06 35.51 -6.83
C HIS C 305 11.97 35.26 -8.32
N SER C 306 11.77 34.00 -8.69
CA SER C 306 11.77 33.58 -10.09
C SER C 306 10.47 33.94 -10.79
N ILE C 307 9.39 33.99 -10.02
CA ILE C 307 8.16 34.72 -10.42
C ILE C 307 8.38 36.19 -10.83
N MET C 308 9.05 36.96 -9.97
CA MET C 308 9.46 38.33 -10.32
C MET C 308 10.36 38.38 -11.59
N GLU C 309 11.27 37.39 -11.74
CA GLU C 309 12.11 37.32 -12.91
C GLU C 309 11.32 37.08 -14.18
N ARG C 310 10.43 36.09 -14.19
CA ARG C 310 9.55 35.83 -15.35
C ARG C 310 8.63 37.03 -15.70
N ALA C 311 8.17 37.75 -14.66
CA ALA C 311 7.44 39.02 -14.82
C ALA C 311 8.27 40.04 -15.67
N LEU C 312 9.47 40.38 -15.20
CA LEU C 312 10.39 41.29 -15.95
C LEU C 312 10.73 40.81 -17.33
N PHE C 313 10.84 39.49 -17.53
CA PHE C 313 10.94 38.91 -18.90
C PHE C 313 9.75 39.11 -19.82
N HIS C 314 8.61 39.51 -19.26
CA HIS C 314 7.34 39.60 -20.04
C HIS C 314 6.73 41.02 -20.07
N MET C 315 7.39 41.96 -19.38
CA MET C 315 7.01 43.40 -19.37
C MET C 315 6.90 44.15 -20.71
N ASP C 316 7.30 43.51 -21.82
CA ASP C 316 7.29 44.09 -23.17
C ASP C 316 6.09 43.61 -23.93
N ASN C 317 5.40 42.60 -23.37
CA ASN C 317 4.51 41.71 -24.08
C ASN C 317 5.05 41.49 -25.48
N CYS C 318 4.34 41.94 -26.53
CA CYS C 318 4.76 41.67 -27.90
C CYS C 318 5.34 42.91 -28.58
N TYR C 319 5.98 43.81 -27.82
CA TYR C 319 6.20 45.20 -28.30
C TYR C 319 7.59 45.62 -28.15
N LYS C 320 8.14 46.11 -29.27
CA LYS C 320 9.50 46.68 -29.29
C LYS C 320 9.49 48.06 -28.63
N ILE C 321 10.25 48.17 -27.54
CA ILE C 321 10.37 49.39 -26.78
C ILE C 321 11.86 49.77 -26.69
N PRO C 322 12.30 50.79 -27.46
CA PRO C 322 13.76 51.05 -27.51
C PRO C 322 14.47 51.44 -26.22
N ASN C 323 13.78 52.12 -25.32
CA ASN C 323 14.35 52.48 -24.04
C ASN C 323 13.41 51.86 -23.02
N ILE C 324 13.95 51.28 -21.94
CA ILE C 324 13.14 50.41 -21.04
C ILE C 324 13.83 50.18 -19.70
N ARG C 325 13.12 50.42 -18.61
CA ARG C 325 13.59 49.97 -17.32
C ARG C 325 12.39 49.44 -16.53
N GLY C 326 12.62 48.34 -15.81
CA GLY C 326 11.60 47.58 -15.13
C GLY C 326 12.28 47.00 -13.95
N THR C 327 11.83 47.34 -12.77
CA THR C 327 12.35 46.73 -11.59
C THR C 327 11.26 45.87 -10.94
N GLY C 328 11.59 45.27 -9.80
CA GLY C 328 10.84 44.21 -9.16
C GLY C 328 11.37 44.11 -7.77
N ARG C 329 10.44 44.10 -6.84
CA ARG C 329 10.74 44.03 -5.44
C ARG C 329 9.75 43.05 -4.81
N LEU C 330 10.21 42.24 -3.86
CA LEU C 330 9.39 41.16 -3.32
C LEU C 330 9.01 41.57 -1.93
N CYS C 331 7.72 41.80 -1.68
CA CYS C 331 7.28 42.31 -0.40
C CYS C 331 7.04 41.20 0.60
N LYS C 332 7.54 41.44 1.80
CA LYS C 332 7.58 40.51 2.88
C LYS C 332 6.46 40.92 3.79
N THR C 333 5.43 40.09 3.87
CA THR C 333 4.22 40.46 4.56
C THR C 333 3.76 39.34 5.44
N ASN C 334 2.88 39.66 6.39
CA ASN C 334 2.26 38.68 7.23
C ASN C 334 1.03 38.04 6.59
N LEU C 335 1.20 37.41 5.43
CA LEU C 335 0.15 36.65 4.80
C LEU C 335 0.73 35.26 4.41
N SER C 336 -0.13 34.27 4.24
CA SER C 336 0.29 33.05 3.60
C SER C 336 1.21 33.35 2.46
N SER C 337 2.27 32.59 2.40
CA SER C 337 3.24 32.64 1.31
C SER C 337 2.64 32.30 -0.04
N ASN C 338 2.82 33.21 -1.03
CA ASN C 338 2.32 32.94 -2.37
C ASN C 338 3.31 32.15 -3.21
N THR C 339 2.82 31.57 -4.29
CA THR C 339 3.57 30.51 -4.94
C THR C 339 3.34 30.49 -6.46
N ALA C 340 3.77 29.43 -7.15
CA ALA C 340 3.46 29.24 -8.61
C ALA C 340 1.99 29.20 -8.80
N PHE C 341 1.57 29.81 -9.92
CA PHE C 341 0.22 29.69 -10.40
C PHE C 341 0.31 29.87 -11.90
N ARG C 342 -0.21 28.91 -12.65
CA ARG C 342 -0.20 28.95 -14.15
C ARG C 342 0.09 30.35 -14.73
N GLY C 343 1.25 30.52 -15.38
CA GLY C 343 1.69 31.82 -15.99
C GLY C 343 2.88 32.44 -15.25
N PHE C 344 2.89 32.34 -13.92
CA PHE C 344 4.08 32.43 -13.04
C PHE C 344 4.72 33.83 -13.10
N GLY C 345 3.97 34.89 -12.72
CA GLY C 345 4.38 36.29 -12.88
C GLY C 345 4.20 36.86 -14.30
N GLY C 346 4.14 36.00 -15.29
CA GLY C 346 3.81 36.38 -16.65
C GLY C 346 2.48 37.12 -16.75
N PRO C 347 1.34 36.47 -16.38
CA PRO C 347 0.06 37.21 -16.55
C PRO C 347 0.04 38.60 -15.93
N GLN C 348 0.60 38.79 -14.75
CA GLN C 348 0.71 40.09 -14.08
C GLN C 348 1.48 41.20 -14.87
N ALA C 349 2.74 40.92 -15.23
CA ALA C 349 3.57 41.84 -16.04
C ALA C 349 2.95 42.13 -17.39
N LEU C 350 2.28 41.16 -17.96
CA LEU C 350 1.69 41.25 -19.29
C LEU C 350 0.39 42.06 -19.28
N PHE C 351 -0.31 41.99 -18.15
CA PHE C 351 -1.49 42.81 -17.84
C PHE C 351 -1.10 44.28 -17.63
N ILE C 352 -0.11 44.51 -16.79
CA ILE C 352 0.49 45.86 -16.61
C ILE C 352 0.83 46.52 -17.96
N ALA C 353 1.33 45.73 -18.92
CA ALA C 353 1.69 46.18 -20.25
C ALA C 353 0.52 46.52 -21.16
N GLU C 354 -0.52 45.70 -21.18
CA GLU C 354 -1.62 46.02 -22.06
C GLU C 354 -2.42 47.15 -21.47
N ASN C 355 -2.29 47.33 -20.18
CA ASN C 355 -2.86 48.47 -19.54
C ASN C 355 -2.29 49.84 -20.04
N TRP C 356 -0.98 50.08 -19.90
CA TRP C 356 -0.39 51.27 -20.49
C TRP C 356 -0.53 51.29 -22.00
N MET C 357 -0.55 50.13 -22.66
CA MET C 357 -0.74 50.12 -24.10
C MET C 357 -2.10 50.68 -24.50
N SER C 358 -3.12 50.34 -23.69
CA SER C 358 -4.49 50.80 -23.91
C SER C 358 -4.61 52.32 -23.71
N GLU C 359 -3.86 52.86 -22.78
CA GLU C 359 -3.81 54.28 -22.55
C GLU C 359 -3.13 55.07 -23.72
N VAL C 360 -2.07 54.50 -24.29
CA VAL C 360 -1.33 55.09 -25.37
C VAL C 360 -2.32 55.31 -26.50
N ALA C 361 -3.07 54.25 -26.85
CA ALA C 361 -4.11 54.35 -27.89
C ALA C 361 -5.13 55.46 -27.56
N VAL C 362 -5.66 55.47 -26.34
CA VAL C 362 -6.63 56.50 -25.91
C VAL C 362 -6.07 57.93 -26.00
N THR C 363 -4.88 58.14 -25.44
CA THR C 363 -4.21 59.43 -25.45
C THR C 363 -3.99 59.95 -26.87
N CYS C 364 -3.63 59.06 -27.79
CA CYS C 364 -3.38 59.44 -29.18
C CYS C 364 -4.64 59.54 -30.01
N GLY C 365 -5.76 59.18 -29.40
CA GLY C 365 -7.03 59.06 -30.09
C GLY C 365 -6.99 58.13 -31.28
N LEU C 366 -6.21 57.05 -31.18
CA LEU C 366 -6.10 56.11 -32.30
C LEU C 366 -6.80 54.77 -31.99
N PRO C 367 -7.17 54.01 -33.03
CA PRO C 367 -7.73 52.69 -32.85
C PRO C 367 -6.72 51.71 -32.28
N ALA C 368 -6.99 51.22 -31.05
CA ALA C 368 -6.24 50.16 -30.34
C ALA C 368 -5.48 49.13 -31.19
N GLU C 369 -6.12 48.48 -32.18
CA GLU C 369 -5.39 47.44 -32.95
C GLU C 369 -4.18 48.06 -33.65
N GLU C 370 -4.28 49.36 -34.01
CA GLU C 370 -3.24 50.06 -34.80
C GLU C 370 -2.08 50.35 -33.95
N VAL C 371 -2.32 50.87 -32.77
CA VAL C 371 -1.24 51.18 -31.86
C VAL C 371 -0.47 49.91 -31.42
N ARG C 372 -1.19 48.80 -31.33
CA ARG C 372 -0.60 47.49 -30.97
C ARG C 372 0.17 46.92 -32.15
N TRP C 373 -0.47 46.84 -33.30
CA TRP C 373 0.18 46.39 -34.52
C TRP C 373 1.48 47.19 -34.79
N LYS C 374 1.41 48.53 -34.80
CA LYS C 374 2.56 49.44 -35.04
C LYS C 374 3.78 49.16 -34.17
N ASN C 375 3.52 48.75 -32.93
CA ASN C 375 4.55 48.56 -31.89
C ASN C 375 5.08 47.12 -31.76
N MET C 376 4.49 46.23 -32.51
CA MET C 376 4.80 44.83 -32.44
C MET C 376 6.25 44.54 -32.89
N TYR C 377 6.97 43.74 -32.13
CA TYR C 377 8.20 43.11 -32.64
C TYR C 377 8.01 42.66 -34.07
N LYS C 378 9.13 42.67 -34.81
CA LYS C 378 9.22 42.04 -36.11
C LYS C 378 10.04 40.77 -35.92
N GLU C 379 9.75 39.76 -36.74
CA GLU C 379 10.52 38.51 -36.76
C GLU C 379 12.02 38.80 -36.90
N GLY C 380 12.78 38.26 -35.94
CA GLY C 380 14.20 38.49 -35.87
C GLY C 380 14.56 39.41 -34.74
N ASP C 381 13.66 40.34 -34.38
CA ASP C 381 13.94 41.36 -33.35
C ASP C 381 14.51 40.83 -32.04
N LEU C 382 15.16 41.73 -31.28
CA LEU C 382 15.62 41.43 -29.91
C LEU C 382 14.66 42.00 -28.85
N THR C 383 14.40 41.22 -27.81
CA THR C 383 13.58 41.65 -26.67
C THR C 383 14.45 42.55 -25.85
N HIS C 384 13.98 42.96 -24.66
CA HIS C 384 14.72 43.81 -23.73
C HIS C 384 15.80 43.10 -22.86
N PHE C 385 15.73 41.76 -22.85
CA PHE C 385 16.70 40.93 -22.13
C PHE C 385 17.60 40.28 -23.18
N ASN C 386 17.40 40.76 -24.40
CA ASN C 386 18.27 40.64 -25.55
C ASN C 386 18.22 39.31 -26.19
N GLN C 387 17.10 38.62 -26.03
CA GLN C 387 16.97 37.34 -26.72
C GLN C 387 16.38 37.67 -28.06
N ARG C 388 16.78 36.91 -29.08
CA ARG C 388 16.20 37.07 -30.42
C ARG C 388 14.88 36.33 -30.54
N LEU C 389 13.97 36.87 -31.34
CA LEU C 389 12.70 36.18 -31.59
C LEU C 389 12.62 35.52 -32.96
N GLU C 390 12.84 34.21 -33.00
CA GLU C 390 12.80 33.47 -34.26
C GLU C 390 11.53 32.64 -34.35
N GLY C 391 10.90 32.63 -35.52
CA GLY C 391 9.59 32.04 -35.70
C GLY C 391 8.55 32.87 -34.94
N PHE C 392 8.76 34.19 -34.87
CA PHE C 392 7.86 35.11 -34.19
C PHE C 392 6.55 35.23 -34.98
N SER C 393 5.57 34.42 -34.57
CA SER C 393 4.37 34.16 -35.36
C SER C 393 3.11 34.95 -34.95
N VAL C 394 3.24 35.87 -34.00
CA VAL C 394 2.16 36.80 -33.63
C VAL C 394 1.45 37.49 -34.82
N PRO C 395 2.22 38.05 -35.81
CA PRO C 395 1.55 38.72 -36.94
C PRO C 395 0.62 37.84 -37.73
N ARG C 396 0.96 36.56 -37.89
CA ARG C 396 0.04 35.55 -38.47
C ARG C 396 -1.23 35.31 -37.61
N CYS C 397 -1.05 34.87 -36.36
CA CYS C 397 -2.16 34.73 -35.40
C CYS C 397 -3.10 35.92 -35.47
N TRP C 398 -2.51 37.12 -35.48
CA TRP C 398 -3.16 38.43 -35.48
C TRP C 398 -4.04 38.61 -36.67
N ASP C 399 -3.45 38.48 -37.87
CA ASP C 399 -4.21 38.74 -39.09
C ASP C 399 -5.33 37.72 -39.26
N GLU C 400 -5.01 36.48 -38.94
CA GLU C 400 -5.97 35.39 -38.97
C GLU C 400 -7.09 35.56 -37.95
N CYS C 401 -6.77 36.10 -36.76
CA CYS C 401 -7.77 36.26 -35.70
C CYS C 401 -8.70 37.42 -36.02
N LEU C 402 -8.13 38.53 -36.49
CA LEU C 402 -8.92 39.65 -37.04
C LEU C 402 -9.91 39.17 -38.11
N LYS C 403 -9.47 38.28 -39.01
CA LYS C 403 -10.33 37.86 -40.10
C LYS C 403 -11.39 36.90 -39.60
N SER C 404 -10.95 35.83 -38.92
CA SER C 404 -11.88 34.82 -38.40
C SER C 404 -12.81 35.39 -37.31
N SER C 405 -12.36 36.36 -36.50
CA SER C 405 -13.27 37.09 -35.59
C SER C 405 -14.23 38.08 -36.27
N GLN C 406 -14.02 38.39 -37.55
CA GLN C 406 -14.75 39.47 -38.22
C GLN C 406 -14.67 40.76 -37.38
N TYR C 407 -13.48 41.04 -36.88
CA TYR C 407 -13.24 42.15 -35.97
C TYR C 407 -13.77 43.53 -36.41
N TYR C 408 -13.47 43.89 -37.67
CA TYR C 408 -13.69 45.28 -38.15
C TYR C 408 -15.18 45.55 -38.26
N ALA C 409 -15.89 44.52 -38.71
CA ALA C 409 -17.31 44.55 -38.89
C ALA C 409 -18.02 44.55 -37.53
N ARG C 410 -17.48 43.81 -36.55
CA ARG C 410 -18.08 43.77 -35.21
C ARG C 410 -17.80 45.04 -34.42
N LYS C 411 -16.68 45.71 -34.71
CA LYS C 411 -16.32 46.93 -33.99
C LYS C 411 -17.33 48.02 -34.29
N SER C 412 -18.03 47.87 -35.45
CA SER C 412 -19.05 48.80 -35.96
C SER C 412 -20.38 48.47 -35.39
N GLU C 413 -20.70 47.18 -35.35
CA GLU C 413 -21.89 46.72 -34.65
C GLU C 413 -21.82 47.24 -33.21
N VAL C 414 -20.65 47.11 -32.57
CA VAL C 414 -20.41 47.64 -31.20
C VAL C 414 -20.67 49.14 -31.06
N ASP C 415 -20.06 49.97 -31.94
CA ASP C 415 -20.39 51.42 -31.99
C ASP C 415 -21.88 51.74 -32.28
N LYS C 416 -22.51 51.00 -33.19
CA LYS C 416 -23.94 51.09 -33.43
C LYS C 416 -24.72 50.85 -32.14
N PHE C 417 -24.37 49.76 -31.42
CA PHE C 417 -25.03 49.41 -30.13
C PHE C 417 -24.85 50.53 -29.07
N ASN C 418 -23.64 51.06 -28.93
CA ASN C 418 -23.38 52.13 -27.97
C ASN C 418 -24.15 53.46 -28.22
N LYS C 419 -24.42 53.76 -29.51
CA LYS C 419 -25.36 54.83 -29.94
C LYS C 419 -26.85 54.53 -29.59
N GLU C 420 -27.29 53.29 -29.76
CA GLU C 420 -28.70 52.95 -29.53
C GLU C 420 -29.14 52.73 -28.08
N ASN C 421 -28.17 52.51 -27.19
CA ASN C 421 -28.38 51.97 -25.85
C ASN C 421 -27.75 52.89 -24.82
N CYS C 422 -28.54 53.24 -23.80
CA CYS C 422 -28.16 54.25 -22.83
C CYS C 422 -27.60 53.65 -21.54
N TRP C 423 -28.08 52.46 -21.19
CA TRP C 423 -27.79 51.90 -19.87
C TRP C 423 -27.05 50.59 -19.91
N LYS C 424 -26.73 50.13 -21.13
CA LYS C 424 -25.86 48.96 -21.40
C LYS C 424 -24.87 49.36 -22.50
N LYS C 425 -23.64 48.88 -22.44
CA LYS C 425 -22.67 49.18 -23.51
C LYS C 425 -21.89 47.92 -23.84
N ARG C 426 -21.28 47.91 -25.01
CA ARG C 426 -20.48 46.78 -25.45
C ARG C 426 -19.06 47.23 -25.68
N GLY C 427 -18.13 46.28 -25.55
CA GLY C 427 -16.70 46.48 -25.66
C GLY C 427 -16.17 45.38 -26.54
N LEU C 428 -15.09 45.67 -27.28
CA LEU C 428 -14.41 44.72 -28.14
C LEU C 428 -12.90 44.99 -28.07
N CYS C 429 -12.12 43.94 -27.86
CA CYS C 429 -10.68 44.08 -27.80
C CYS C 429 -9.95 42.84 -28.35
N ILE C 430 -8.89 43.08 -29.12
CA ILE C 430 -8.02 42.02 -29.66
C ILE C 430 -6.65 42.22 -29.05
N ILE C 431 -6.14 41.18 -28.40
CA ILE C 431 -4.96 41.32 -27.53
C ILE C 431 -3.98 40.19 -27.91
N PRO C 432 -2.66 40.52 -28.07
CA PRO C 432 -1.69 39.50 -28.45
C PRO C 432 -0.99 38.92 -27.20
N THR C 433 -0.33 37.76 -27.35
CA THR C 433 0.62 37.37 -26.30
C THR C 433 1.80 36.52 -26.80
N LYS C 434 2.92 36.68 -26.14
CA LYS C 434 4.00 35.68 -26.21
C LYS C 434 4.40 35.29 -24.81
N PHE C 435 4.76 34.03 -24.65
CA PHE C 435 5.15 33.51 -23.33
C PHE C 435 6.40 32.67 -23.51
N GLY C 436 7.46 33.01 -22.79
CA GLY C 436 8.77 32.32 -22.89
C GLY C 436 8.87 30.92 -22.27
N ILE C 437 9.24 29.94 -23.11
CA ILE C 437 9.34 28.51 -22.69
C ILE C 437 10.70 28.04 -22.15
N SER C 438 10.72 27.77 -20.84
CA SER C 438 11.81 27.20 -20.07
C SER C 438 11.61 27.61 -18.62
N PHE C 439 12.02 26.78 -17.66
CA PHE C 439 12.19 27.26 -16.28
C PHE C 439 13.20 28.39 -16.41
N THR C 440 13.09 29.40 -15.57
CA THR C 440 13.99 30.55 -15.61
C THR C 440 15.27 30.24 -14.84
N VAL C 441 15.23 29.17 -14.04
CA VAL C 441 16.40 28.57 -13.42
C VAL C 441 17.00 27.49 -14.35
N PRO C 442 18.21 27.69 -14.94
CA PRO C 442 18.66 26.74 -16.01
C PRO C 442 18.73 25.28 -15.55
N PHE C 443 19.12 25.02 -14.31
CA PHE C 443 19.30 23.66 -13.82
C PHE C 443 18.00 22.80 -13.67
N LEU C 444 16.84 23.41 -13.86
CA LEU C 444 15.56 22.68 -13.74
C LEU C 444 15.16 22.15 -15.10
N ASN C 445 15.87 22.57 -16.13
CA ASN C 445 15.63 22.13 -17.51
C ASN C 445 16.31 20.79 -17.88
N GLN C 446 16.02 19.82 -17.04
CA GLN C 446 16.55 18.49 -17.14
C GLN C 446 15.37 17.51 -16.89
N ALA C 447 15.46 16.29 -17.43
CA ALA C 447 14.35 15.36 -17.44
C ALA C 447 14.84 13.93 -17.66
N GLY C 448 14.33 13.00 -16.86
CA GLY C 448 14.58 11.55 -17.02
C GLY C 448 13.41 10.68 -17.42
N ALA C 449 13.73 9.52 -17.97
CA ALA C 449 12.75 8.49 -18.33
C ALA C 449 13.41 7.12 -18.02
N LEU C 450 12.55 6.10 -17.90
CA LEU C 450 12.93 4.72 -17.61
C LEU C 450 11.84 3.95 -18.28
N ILE C 451 12.26 3.11 -19.25
CA ILE C 451 11.41 2.24 -20.05
C ILE C 451 11.86 0.77 -19.82
N HIS C 452 10.87 -0.11 -19.60
CA HIS C 452 11.02 -1.55 -19.63
C HIS C 452 10.14 -2.08 -20.74
N VAL C 453 10.62 -3.11 -21.43
CA VAL C 453 9.74 -3.85 -22.30
C VAL C 453 9.73 -5.26 -21.72
N TYR C 454 8.54 -5.84 -21.57
CA TYR C 454 8.40 -7.15 -20.95
C TYR C 454 8.34 -8.18 -22.03
N THR C 455 8.48 -9.45 -21.67
CA THR C 455 8.69 -10.50 -22.68
C THR C 455 7.44 -10.82 -23.51
N ASP C 456 6.27 -10.30 -23.09
CA ASP C 456 5.11 -10.30 -23.98
C ASP C 456 5.12 -9.14 -25.01
N GLY C 457 6.17 -8.32 -25.02
CA GLY C 457 6.15 -7.10 -25.79
C GLY C 457 5.51 -5.86 -25.16
N SER C 458 4.90 -6.00 -23.98
CA SER C 458 4.22 -4.88 -23.32
C SER C 458 5.27 -3.99 -22.73
N VAL C 459 5.00 -2.69 -22.69
CA VAL C 459 5.97 -1.62 -22.42
C VAL C 459 5.44 -0.83 -21.20
N LEU C 460 6.28 -0.61 -20.21
CA LEU C 460 5.93 0.27 -19.11
C LEU C 460 6.90 1.46 -19.26
N VAL C 461 6.35 2.67 -19.51
CA VAL C 461 7.08 3.95 -19.45
C VAL C 461 6.94 4.60 -18.08
N SER C 462 8.03 5.16 -17.65
CA SER C 462 8.05 5.92 -16.43
C SER C 462 8.88 7.13 -16.80
N HIS C 463 8.35 8.31 -16.55
CA HIS C 463 9.12 9.54 -16.71
C HIS C 463 8.98 10.36 -15.39
N GLY C 464 9.68 11.50 -15.30
CA GLY C 464 9.77 12.31 -14.08
C GLY C 464 8.63 13.29 -13.86
N GLY C 465 7.80 13.44 -14.88
CA GLY C 465 6.61 14.29 -14.86
C GLY C 465 5.33 13.63 -14.30
N THR C 466 4.42 14.49 -13.85
CA THR C 466 3.17 14.04 -13.18
C THR C 466 1.97 14.48 -14.00
N GLU C 467 0.94 13.64 -13.99
CA GLU C 467 -0.39 13.92 -14.56
C GLU C 467 -1.28 14.74 -13.57
N MET C 468 -1.69 15.98 -13.93
CA MET C 468 -2.64 16.78 -13.11
C MET C 468 -3.85 17.15 -13.98
N GLY C 469 -4.02 16.45 -15.09
CA GLY C 469 -5.13 16.66 -16.01
C GLY C 469 -4.76 17.20 -17.39
N GLN C 470 -3.48 17.52 -17.61
CA GLN C 470 -3.04 18.21 -18.84
C GLN C 470 -2.85 17.21 -20.00
N GLY C 471 -2.92 15.93 -19.64
CA GLY C 471 -2.78 14.84 -20.56
C GLY C 471 -1.35 14.54 -20.91
N LEU C 472 -0.43 14.81 -19.98
CA LEU C 472 0.99 14.46 -20.13
C LEU C 472 1.22 12.96 -20.49
N HIS C 473 0.64 12.06 -19.70
CA HIS C 473 0.86 10.63 -19.85
C HIS C 473 0.30 10.23 -21.21
N THR C 474 -0.81 10.84 -21.60
CA THR C 474 -1.41 10.56 -22.91
C THR C 474 -0.39 10.91 -23.98
N LYS C 475 0.24 12.08 -23.84
CA LYS C 475 1.16 12.56 -24.86
C LYS C 475 2.47 11.77 -24.84
N MET C 476 2.91 11.36 -23.65
CA MET C 476 4.09 10.50 -23.54
C MET C 476 3.91 9.17 -24.22
N VAL C 477 2.66 8.72 -24.28
CA VAL C 477 2.31 7.41 -24.82
C VAL C 477 2.23 7.50 -26.34
N GLN C 478 1.73 8.64 -26.85
CA GLN C 478 1.63 8.87 -28.27
C GLN C 478 3.04 8.95 -28.85
N VAL C 479 3.96 9.55 -28.12
CA VAL C 479 5.33 9.70 -28.48
C VAL C 479 6.05 8.33 -28.51
N ALA C 480 6.02 7.62 -27.37
CA ALA C 480 6.67 6.33 -27.22
C ALA C 480 6.24 5.42 -28.35
N SER C 481 4.93 5.30 -28.58
CA SER C 481 4.36 4.54 -29.68
C SER C 481 4.86 4.98 -31.07
N LYS C 482 5.06 6.28 -31.25
CA LYS C 482 5.48 6.82 -32.55
C LYS C 482 6.93 6.39 -32.79
N ALA C 483 7.75 6.55 -31.76
CA ALA C 483 9.17 6.34 -31.73
C ALA C 483 9.58 4.84 -31.70
N LEU C 484 8.74 3.97 -31.14
CA LEU C 484 8.98 2.52 -31.10
C LEU C 484 8.32 1.81 -32.27
N LYS C 485 7.39 2.48 -32.95
CA LYS C 485 6.53 1.93 -34.05
C LYS C 485 5.60 0.75 -33.67
N ILE C 486 4.95 0.89 -32.52
CA ILE C 486 3.99 -0.12 -32.00
C ILE C 486 2.72 0.62 -31.63
N PRO C 487 1.53 -0.06 -31.64
CA PRO C 487 0.36 0.67 -31.20
C PRO C 487 0.42 1.11 -29.72
N ILE C 488 -0.34 2.16 -29.41
CA ILE C 488 -0.41 2.72 -28.07
C ILE C 488 -0.93 1.70 -27.08
N SER C 489 -1.77 0.79 -27.53
CA SER C 489 -2.36 -0.21 -26.64
C SER C 489 -1.28 -1.14 -26.11
N LYS C 490 -0.07 -1.12 -26.68
CA LYS C 490 1.04 -1.98 -26.19
C LYS C 490 1.84 -1.30 -25.03
N ILE C 491 1.55 -0.03 -24.75
CA ILE C 491 2.35 0.83 -23.91
C ILE C 491 1.51 1.23 -22.71
N TYR C 492 2.17 1.40 -21.56
CA TYR C 492 1.43 1.83 -20.39
C TYR C 492 2.29 2.68 -19.50
N ILE C 493 1.69 3.74 -18.96
CA ILE C 493 2.25 4.51 -17.85
C ILE C 493 1.32 4.38 -16.62
N SER C 494 1.90 3.93 -15.52
CA SER C 494 1.20 3.67 -14.26
C SER C 494 1.19 4.85 -13.29
N GLU C 495 2.38 5.37 -13.01
CA GLU C 495 2.52 6.47 -12.08
C GLU C 495 3.90 7.14 -12.18
N THR C 496 4.11 8.13 -11.33
CA THR C 496 5.37 8.85 -11.12
C THR C 496 5.92 8.48 -9.77
N SER C 497 7.16 8.02 -9.71
CA SER C 497 7.77 7.72 -8.39
C SER C 497 9.28 8.00 -8.31
N THR C 498 9.76 8.29 -7.09
CA THR C 498 11.15 8.72 -6.96
C THR C 498 12.11 7.57 -7.06
N ASN C 499 11.58 6.35 -7.08
CA ASN C 499 12.40 5.13 -7.24
C ASN C 499 12.59 4.69 -8.69
N THR C 500 11.81 5.22 -9.62
CA THR C 500 12.05 4.92 -11.04
C THR C 500 12.82 6.03 -11.78
N VAL C 501 12.44 7.29 -11.54
CA VAL C 501 13.17 8.47 -12.01
C VAL C 501 13.49 9.44 -10.86
N PRO C 502 14.77 9.47 -10.41
CA PRO C 502 15.19 10.29 -9.28
C PRO C 502 15.35 11.78 -9.69
N ASN C 503 15.47 12.70 -8.73
CA ASN C 503 15.88 14.09 -8.98
C ASN C 503 15.08 14.87 -10.04
N SER C 504 13.78 14.62 -10.10
CA SER C 504 12.94 15.24 -11.13
C SER C 504 12.64 16.67 -10.72
N SER C 505 12.59 17.55 -11.74
CA SER C 505 12.09 18.93 -11.60
C SER C 505 10.58 18.87 -11.36
N PRO C 506 9.96 19.84 -10.63
CA PRO C 506 8.49 19.89 -10.60
C PRO C 506 7.91 19.82 -12.01
N THR C 507 6.67 19.35 -12.12
CA THR C 507 5.92 19.36 -13.38
C THR C 507 5.36 20.77 -13.45
N ALA C 508 6.12 21.62 -14.13
CA ALA C 508 5.86 23.07 -14.16
C ALA C 508 6.47 23.71 -15.43
N ALA C 509 6.27 25.03 -15.59
CA ALA C 509 6.77 25.84 -16.73
C ALA C 509 6.31 25.35 -18.07
N SER C 510 5.27 24.54 -18.12
CA SER C 510 4.68 24.21 -19.42
C SER C 510 5.59 23.38 -20.31
N VAL C 511 6.78 23.03 -19.80
CA VAL C 511 7.85 22.32 -20.58
C VAL C 511 7.87 20.79 -20.48
N SER C 512 7.07 20.20 -19.59
CA SER C 512 7.04 18.75 -19.41
C SER C 512 6.91 17.96 -20.69
N THR C 513 5.99 18.32 -21.56
CA THR C 513 5.89 17.57 -22.82
C THR C 513 7.13 17.63 -23.68
N ASP C 514 7.88 18.73 -23.55
CA ASP C 514 9.08 18.94 -24.35
C ASP C 514 10.21 18.11 -23.80
N ILE C 515 10.36 18.15 -22.48
CA ILE C 515 11.55 17.61 -21.83
C ILE C 515 11.43 16.10 -21.46
N TYR C 516 10.22 15.67 -21.02
CA TYR C 516 9.92 14.24 -20.80
C TYR C 516 9.71 13.60 -22.11
N GLY C 517 9.20 14.35 -23.10
CA GLY C 517 9.02 13.81 -24.46
C GLY C 517 10.36 13.42 -25.07
N GLN C 518 11.41 14.15 -24.70
CA GLN C 518 12.75 13.96 -25.27
C GLN C 518 13.45 12.80 -24.60
N ALA C 519 13.43 12.82 -23.26
CA ALA C 519 13.80 11.69 -22.38
C ALA C 519 13.14 10.39 -22.80
N VAL C 520 11.81 10.38 -22.91
CA VAL C 520 11.13 9.19 -23.40
C VAL C 520 11.63 8.72 -24.78
N TYR C 521 11.59 9.64 -25.75
CA TYR C 521 12.13 9.44 -27.11
C TYR C 521 13.52 8.79 -27.10
N GLU C 522 14.42 9.29 -26.28
CA GLU C 522 15.80 8.79 -26.32
C GLU C 522 15.89 7.36 -25.77
N ALA C 523 15.08 7.08 -24.72
CA ALA C 523 14.98 5.72 -24.18
C ALA C 523 14.42 4.81 -25.22
N CYS C 524 13.41 5.23 -25.98
CA CYS C 524 12.94 4.43 -27.11
C CYS C 524 13.97 4.19 -28.22
N GLN C 525 14.92 5.10 -28.36
CA GLN C 525 15.97 5.01 -29.38
C GLN C 525 17.00 3.97 -28.99
N THR C 526 17.39 3.99 -27.72
CA THR C 526 18.26 3.01 -27.15
C THR C 526 17.65 1.61 -27.31
N ILE C 527 16.41 1.42 -26.88
CA ILE C 527 15.72 0.17 -27.08
C ILE C 527 15.70 -0.25 -28.56
N LEU C 528 15.37 0.66 -29.47
CA LEU C 528 15.31 0.26 -30.88
C LEU C 528 16.68 -0.18 -31.40
N LYS C 529 17.75 0.41 -30.86
CA LYS C 529 19.09 0.08 -31.31
C LYS C 529 19.42 -1.31 -30.83
N ARG C 530 19.05 -1.64 -29.59
CA ARG C 530 19.22 -2.99 -29.05
C ARG C 530 18.43 -4.04 -29.84
N LEU C 531 17.36 -3.63 -30.47
CA LEU C 531 16.51 -4.57 -31.16
C LEU C 531 16.84 -4.76 -32.64
N GLU C 532 17.61 -3.84 -33.22
CA GLU C 532 18.03 -3.84 -34.64
C GLU C 532 18.51 -5.21 -35.17
N PRO C 533 19.46 -5.88 -34.47
CA PRO C 533 19.93 -7.19 -34.96
C PRO C 533 18.82 -8.22 -35.15
N PHE C 534 17.75 -8.09 -34.36
CA PHE C 534 16.65 -9.08 -34.38
C PHE C 534 15.63 -8.70 -35.44
N LYS C 535 15.33 -7.42 -35.58
CA LYS C 535 14.71 -6.89 -36.81
C LYS C 535 15.41 -7.37 -38.11
N LYS C 536 16.75 -7.21 -38.18
CA LYS C 536 17.53 -7.68 -39.33
C LYS C 536 17.34 -9.16 -39.71
N LYS C 537 17.47 -10.09 -38.76
CA LYS C 537 17.30 -11.53 -39.03
C LYS C 537 15.83 -11.97 -39.30
N ASN C 538 14.86 -11.17 -38.82
CA ASN C 538 13.41 -11.46 -38.96
C ASN C 538 12.58 -10.22 -39.40
N PRO C 539 12.88 -9.66 -40.60
CA PRO C 539 12.19 -8.45 -41.05
C PRO C 539 10.65 -8.50 -41.06
N ASP C 540 10.08 -9.69 -41.28
CA ASP C 540 8.60 -9.83 -41.17
C ASP C 540 8.08 -10.23 -39.80
N GLY C 541 8.98 -10.38 -38.85
CA GLY C 541 8.57 -10.74 -37.50
C GLY C 541 7.78 -9.60 -36.90
N SER C 542 7.19 -9.88 -35.76
CA SER C 542 6.36 -8.91 -35.09
C SER C 542 7.20 -8.44 -33.96
N TRP C 543 6.76 -7.35 -33.34
CA TRP C 543 7.43 -6.70 -32.27
C TRP C 543 7.67 -7.75 -31.17
N GLU C 544 6.64 -8.56 -30.91
CA GLU C 544 6.71 -9.64 -29.94
C GLU C 544 7.74 -10.70 -30.29
N ASP C 545 7.82 -11.05 -31.60
CA ASP C 545 8.94 -11.88 -32.08
C ASP C 545 10.29 -11.31 -31.76
N TRP C 546 10.49 -10.02 -31.97
CA TRP C 546 11.83 -9.47 -31.80
C TRP C 546 12.17 -9.33 -30.33
N VAL C 547 11.17 -8.99 -29.51
CA VAL C 547 11.38 -8.88 -28.07
C VAL C 547 11.82 -10.23 -27.40
N MET C 548 11.14 -11.31 -27.74
CA MET C 548 11.46 -12.62 -27.22
C MET C 548 12.86 -13.05 -27.64
N ALA C 549 13.23 -12.80 -28.90
CA ALA C 549 14.57 -13.09 -29.34
C ALA C 549 15.61 -12.28 -28.67
N ALA C 550 15.33 -10.99 -28.42
CA ALA C 550 16.29 -10.11 -27.73
C ALA C 550 16.50 -10.69 -26.35
N TYR C 551 15.39 -11.04 -25.68
CA TYR C 551 15.45 -11.57 -24.32
C TYR C 551 16.23 -12.91 -24.31
N GLN C 552 15.92 -13.81 -25.25
CA GLN C 552 16.62 -15.11 -25.23
C GLN C 552 18.09 -14.94 -25.58
N ASP C 553 18.42 -13.86 -26.26
CA ASP C 553 19.83 -13.56 -26.54
C ASP C 553 20.51 -12.81 -25.44
N ARG C 554 19.81 -12.61 -24.32
CA ARG C 554 20.33 -11.87 -23.17
C ARG C 554 20.77 -10.46 -23.53
N VAL C 555 19.92 -9.82 -24.32
CA VAL C 555 19.99 -8.37 -24.57
C VAL C 555 19.00 -7.69 -23.65
N SER C 556 19.49 -6.71 -22.87
CA SER C 556 18.66 -5.92 -21.93
C SER C 556 17.50 -5.15 -22.61
N LEU C 557 16.29 -5.25 -22.04
CA LEU C 557 15.10 -4.57 -22.58
C LEU C 557 14.59 -3.45 -21.65
N SER C 558 15.52 -2.89 -20.87
CA SER C 558 15.25 -1.81 -19.95
C SER C 558 16.30 -0.72 -20.11
N THR C 559 15.89 0.55 -20.22
CA THR C 559 16.85 1.66 -20.23
C THR C 559 16.32 2.99 -19.68
N THR C 560 17.24 3.75 -19.08
CA THR C 560 17.06 5.20 -18.83
C THR C 560 17.17 6.00 -20.18
N GLY C 561 16.50 7.15 -20.23
CA GLY C 561 16.70 8.20 -21.21
C GLY C 561 16.77 9.51 -20.44
N PHE C 562 17.38 10.52 -21.05
CA PHE C 562 17.60 11.81 -20.38
C PHE C 562 17.65 12.90 -21.45
N TYR C 563 17.36 14.13 -21.04
CA TYR C 563 17.42 15.32 -21.85
C TYR C 563 17.73 16.52 -20.94
N ARG C 564 18.62 17.40 -21.42
CA ARG C 564 18.96 18.78 -20.91
C ARG C 564 18.48 19.70 -22.03
N THR C 565 17.90 20.85 -21.67
CA THR C 565 17.63 21.89 -22.70
C THR C 565 18.94 22.62 -23.02
N PRO C 566 19.33 22.65 -24.31
CA PRO C 566 20.58 23.27 -24.65
C PRO C 566 20.52 24.80 -24.82
N ASN C 567 21.65 25.43 -24.51
CA ASN C 567 21.96 26.84 -24.80
C ASN C 567 21.01 27.75 -24.07
N LEU C 568 21.03 27.61 -22.72
CA LEU C 568 20.23 28.39 -21.78
C LEU C 568 21.10 28.92 -20.66
N GLY C 569 20.85 30.16 -20.27
CA GLY C 569 21.57 30.79 -19.18
C GLY C 569 21.57 32.30 -19.41
N TYR C 570 20.51 32.96 -18.95
CA TYR C 570 20.44 34.43 -19.05
C TYR C 570 21.19 35.01 -17.86
N SER C 571 21.85 36.16 -18.05
CA SER C 571 22.49 36.86 -16.94
C SER C 571 21.90 38.25 -16.60
N PHE C 572 21.74 38.52 -15.31
CA PHE C 572 21.20 39.80 -14.82
C PHE C 572 22.30 40.90 -14.63
N GLU C 573 23.49 40.53 -14.16
CA GLU C 573 24.68 41.28 -14.56
C GLU C 573 24.85 40.91 -16.05
N THR C 574 25.49 41.74 -16.85
CA THR C 574 25.64 41.48 -18.32
C THR C 574 24.37 41.55 -19.23
N ASN C 575 23.19 41.47 -18.64
CA ASN C 575 21.90 41.42 -19.41
C ASN C 575 21.96 40.67 -20.77
N SER C 576 22.29 39.38 -20.75
CA SER C 576 22.54 38.58 -21.96
C SER C 576 22.48 37.05 -21.68
N GLY C 577 22.38 36.26 -22.76
CA GLY C 577 22.32 34.79 -22.72
C GLY C 577 20.86 34.38 -22.72
N ASN C 578 20.48 33.40 -23.54
CA ASN C 578 19.07 32.94 -23.67
C ASN C 578 18.32 32.63 -22.36
N ALA C 579 17.18 33.32 -22.12
CA ALA C 579 16.34 33.02 -20.93
C ALA C 579 15.42 31.83 -21.22
N PHE C 580 15.02 31.73 -22.48
CA PHE C 580 14.02 30.82 -22.94
C PHE C 580 14.52 30.05 -24.17
N HIS C 581 13.88 28.92 -24.47
CA HIS C 581 14.30 28.05 -25.54
C HIS C 581 13.55 28.49 -26.76
N TYR C 582 12.39 29.08 -26.48
CA TYR C 582 11.51 29.56 -27.53
C TYR C 582 10.32 30.27 -26.85
N PHE C 583 9.33 30.68 -27.63
CA PHE C 583 8.19 31.43 -27.12
C PHE C 583 6.96 30.82 -27.78
N THR C 584 5.85 30.80 -27.05
CA THR C 584 4.55 30.39 -27.61
C THR C 584 3.77 31.67 -27.79
N TYR C 585 2.99 31.75 -28.86
CA TYR C 585 2.29 32.97 -29.19
C TYR C 585 0.81 32.70 -29.39
N GLY C 586 0.00 33.72 -29.09
CA GLY C 586 -1.40 33.73 -29.45
C GLY C 586 -2.02 35.12 -29.47
N VAL C 587 -3.21 35.20 -30.03
CA VAL C 587 -3.99 36.43 -30.07
C VAL C 587 -5.43 36.04 -29.71
N ALA C 588 -6.09 36.86 -28.87
CA ALA C 588 -7.50 36.66 -28.57
C ALA C 588 -8.31 37.91 -28.82
N CYS C 589 -9.48 37.72 -29.42
CA CYS C 589 -10.45 38.79 -29.55
C CYS C 589 -11.71 38.54 -28.71
N SER C 590 -12.04 39.42 -27.77
CA SER C 590 -13.28 39.26 -27.00
C SER C 590 -14.25 40.43 -27.05
N GLU C 591 -15.53 40.08 -27.00
CA GLU C 591 -16.64 41.02 -26.93
C GLU C 591 -17.53 40.79 -25.69
N VAL C 592 -17.82 41.86 -24.95
CA VAL C 592 -18.69 41.86 -23.80
C VAL C 592 -19.83 42.88 -23.87
N GLU C 593 -20.87 42.67 -23.09
CA GLU C 593 -21.89 43.69 -22.89
C GLU C 593 -21.92 43.91 -21.39
N ILE C 594 -21.80 45.17 -20.96
CA ILE C 594 -21.88 45.50 -19.54
C ILE C 594 -23.28 46.09 -19.21
N ASP C 595 -23.77 45.87 -18.00
CA ASP C 595 -24.98 46.51 -17.55
C ASP C 595 -24.49 47.66 -16.72
N CYS C 596 -24.64 48.89 -17.23
CA CYS C 596 -23.98 49.98 -16.61
C CYS C 596 -24.67 50.39 -15.31
N LEU C 597 -25.86 49.86 -15.05
CA LEU C 597 -26.58 50.16 -13.80
C LEU C 597 -26.26 49.19 -12.68
N THR C 598 -25.77 47.99 -13.01
CA THR C 598 -25.44 46.97 -11.98
C THR C 598 -23.97 46.56 -11.90
N GLY C 599 -23.20 46.84 -12.93
CA GLY C 599 -21.83 46.31 -13.03
C GLY C 599 -21.67 44.88 -13.56
N ASP C 600 -22.77 44.18 -13.71
CA ASP C 600 -22.82 42.86 -14.39
C ASP C 600 -22.37 42.96 -15.85
N HIS C 601 -21.92 41.83 -16.40
CA HIS C 601 -21.53 41.76 -17.82
C HIS C 601 -21.77 40.39 -18.43
N LYS C 602 -21.98 40.33 -19.75
CA LYS C 602 -21.99 39.06 -20.42
C LYS C 602 -20.80 39.03 -21.34
N ASN C 603 -20.19 37.85 -21.39
CA ASN C 603 -19.13 37.50 -22.28
C ASN C 603 -19.81 37.00 -23.52
N LEU C 604 -19.76 37.77 -24.61
CA LEU C 604 -20.61 37.43 -25.77
C LEU C 604 -19.92 36.49 -26.80
N ARG C 605 -18.64 36.69 -27.04
CA ARG C 605 -17.90 35.91 -28.03
C ARG C 605 -16.43 36.11 -27.88
N THR C 606 -15.68 35.04 -28.02
CA THR C 606 -14.22 35.11 -27.99
C THR C 606 -13.72 34.19 -29.08
N ASP C 607 -12.64 34.62 -29.71
CA ASP C 607 -12.00 33.97 -30.84
C ASP C 607 -10.56 34.00 -30.43
N ILE C 608 -9.94 32.81 -30.36
CA ILE C 608 -8.51 32.68 -30.05
C ILE C 608 -7.80 32.01 -31.24
N VAL C 609 -6.64 32.54 -31.65
CA VAL C 609 -5.72 31.80 -32.52
C VAL C 609 -4.41 31.64 -31.71
N MET C 610 -3.97 30.39 -31.60
CA MET C 610 -2.77 30.08 -30.84
C MET C 610 -1.76 29.35 -31.72
N ASP C 611 -0.49 29.72 -31.53
CA ASP C 611 0.56 28.99 -32.20
C ASP C 611 1.13 27.95 -31.21
N VAL C 612 0.81 26.68 -31.47
CA VAL C 612 1.38 25.59 -30.68
C VAL C 612 2.27 24.67 -31.53
N GLY C 613 2.93 25.22 -32.55
CA GLY C 613 3.77 24.43 -33.45
C GLY C 613 2.92 23.32 -34.02
N SER C 614 3.50 22.16 -34.26
CA SER C 614 2.73 21.00 -34.72
C SER C 614 2.22 20.19 -33.52
N SER C 615 0.91 20.19 -33.35
CA SER C 615 0.31 19.61 -32.15
C SER C 615 0.43 18.09 -32.07
N LEU C 616 0.94 17.63 -30.92
CA LEU C 616 0.98 16.21 -30.58
C LEU C 616 -0.40 15.62 -30.46
N ASN C 617 -1.35 16.45 -30.04
CA ASN C 617 -2.72 16.05 -29.80
C ASN C 617 -3.57 17.28 -29.88
N PRO C 618 -4.17 17.57 -31.06
CA PRO C 618 -5.00 18.82 -31.16
C PRO C 618 -6.10 18.93 -30.12
N ALA C 619 -6.65 17.81 -29.64
CA ALA C 619 -7.74 17.80 -28.64
C ALA C 619 -7.28 18.19 -27.25
N ILE C 620 -6.14 17.67 -26.83
CA ILE C 620 -5.61 17.95 -25.50
C ILE C 620 -5.28 19.47 -25.48
N ASP C 621 -4.65 19.93 -26.57
CA ASP C 621 -4.05 21.26 -26.67
C ASP C 621 -5.06 22.40 -26.76
N ILE C 622 -6.09 22.18 -27.59
CA ILE C 622 -7.27 23.02 -27.58
C ILE C 622 -7.91 23.08 -26.20
N GLY C 623 -8.14 21.91 -25.59
CA GLY C 623 -8.55 21.81 -24.20
C GLY C 623 -7.73 22.63 -23.22
N GLN C 624 -6.40 22.68 -23.37
CA GLN C 624 -5.54 23.59 -22.56
C GLN C 624 -5.74 25.07 -22.93
N VAL C 625 -5.96 25.35 -24.23
CA VAL C 625 -6.23 26.73 -24.67
C VAL C 625 -7.43 27.23 -23.90
N GLU C 626 -8.52 26.46 -23.99
CA GLU C 626 -9.80 26.77 -23.37
C GLU C 626 -9.73 26.96 -21.88
N GLY C 627 -9.03 26.08 -21.19
CA GLY C 627 -9.03 26.03 -19.72
C GLY C 627 -8.15 27.09 -19.14
N ALA C 628 -6.99 27.29 -19.79
CA ALA C 628 -6.12 28.39 -19.44
C ALA C 628 -6.90 29.70 -19.66
N PHE C 629 -7.51 29.86 -20.84
CA PHE C 629 -8.22 31.12 -21.12
C PHE C 629 -9.28 31.44 -20.01
N VAL C 630 -10.07 30.43 -19.63
CA VAL C 630 -11.18 30.59 -18.71
C VAL C 630 -10.62 30.87 -17.30
N GLN C 631 -9.46 30.32 -16.99
CA GLN C 631 -8.81 30.65 -15.71
C GLN C 631 -8.28 32.10 -15.62
N GLY C 632 -7.91 32.67 -16.78
CA GLY C 632 -7.52 34.10 -16.88
C GLY C 632 -8.69 35.05 -16.88
N LEU C 633 -9.76 34.71 -17.59
CA LEU C 633 -11.03 35.35 -17.34
C LEU C 633 -11.42 35.40 -15.83
N GLY C 634 -11.18 34.33 -15.05
CA GLY C 634 -11.43 34.34 -13.64
C GLY C 634 -10.58 35.40 -12.97
N LEU C 635 -9.25 35.29 -13.15
CA LEU C 635 -8.23 36.22 -12.62
C LEU C 635 -8.59 37.67 -12.89
N PHE C 636 -8.83 38.00 -14.16
CA PHE C 636 -9.18 39.36 -14.63
C PHE C 636 -10.62 39.89 -14.36
N THR C 637 -11.58 39.01 -14.08
CA THR C 637 -12.99 39.46 -13.99
C THR C 637 -13.82 38.99 -12.79
N LEU C 638 -13.50 37.85 -12.18
CA LEU C 638 -14.44 37.23 -11.24
C LEU C 638 -13.84 36.94 -9.91
N GLU C 639 -12.60 36.46 -9.94
CA GLU C 639 -11.98 35.93 -8.72
C GLU C 639 -11.35 36.98 -7.82
N GLU C 640 -11.96 37.13 -6.68
CA GLU C 640 -11.54 38.17 -5.80
C GLU C 640 -11.30 37.64 -4.40
N LEU C 641 -10.08 37.79 -3.92
CA LEU C 641 -9.74 37.36 -2.57
C LEU C 641 -9.79 38.60 -1.68
N HIS C 642 -10.36 38.43 -0.47
CA HIS C 642 -10.66 39.58 0.37
C HIS C 642 -10.25 39.26 1.79
N TYR C 643 -9.57 40.20 2.47
CA TYR C 643 -9.00 39.99 3.79
C TYR C 643 -9.61 40.98 4.78
N SER C 644 -9.72 40.61 6.05
CA SER C 644 -9.93 41.59 7.12
C SER C 644 -8.74 42.58 7.20
N PRO C 645 -8.96 43.81 7.69
CA PRO C 645 -7.90 44.73 8.13
C PRO C 645 -6.67 44.07 8.77
N GLU C 646 -6.91 43.14 9.70
CA GLU C 646 -5.90 42.43 10.50
C GLU C 646 -5.41 41.10 9.86
N GLY C 647 -5.56 41.00 8.53
CA GLY C 647 -4.88 40.02 7.71
C GLY C 647 -5.54 38.67 7.55
N SER C 648 -6.83 38.55 7.88
CA SER C 648 -7.52 37.27 7.84
C SER C 648 -8.42 37.11 6.59
N LEU C 649 -8.22 36.01 5.87
CA LEU C 649 -8.94 35.75 4.61
C LEU C 649 -10.44 35.49 4.87
N HIS C 650 -11.30 36.30 4.25
CA HIS C 650 -12.73 36.11 4.38
C HIS C 650 -13.22 35.07 3.39
N THR C 651 -12.55 35.01 2.24
CA THR C 651 -13.09 34.30 1.09
C THR C 651 -12.45 32.89 0.99
N ARG C 652 -13.11 31.95 1.65
CA ARG C 652 -12.54 30.63 1.94
C ARG C 652 -13.34 29.46 1.40
N GLY C 653 -14.26 29.70 0.47
CA GLY C 653 -14.95 28.65 -0.27
C GLY C 653 -15.69 29.18 -1.50
N PRO C 654 -16.41 28.31 -2.21
CA PRO C 654 -17.12 28.69 -3.48
C PRO C 654 -18.26 29.71 -3.32
N SER C 655 -18.84 29.82 -2.12
CA SER C 655 -19.91 30.78 -1.91
C SER C 655 -19.39 32.20 -1.78
N THR C 656 -18.10 32.36 -1.48
CA THR C 656 -17.54 33.70 -1.34
C THR C 656 -16.42 34.02 -2.34
N TYR C 657 -15.92 33.00 -3.00
CA TYR C 657 -14.91 33.13 -4.03
C TYR C 657 -15.46 32.49 -5.29
N LYS C 658 -15.53 33.25 -6.41
CA LYS C 658 -16.26 32.81 -7.63
C LYS C 658 -15.36 32.49 -8.81
N ILE C 659 -15.16 31.21 -9.09
CA ILE C 659 -14.35 30.81 -10.23
C ILE C 659 -15.32 30.76 -11.44
N PRO C 660 -14.79 30.80 -12.68
CA PRO C 660 -15.79 30.69 -13.75
C PRO C 660 -16.68 29.42 -13.64
N ALA C 661 -17.97 29.58 -14.00
CA ALA C 661 -19.01 28.54 -13.99
C ALA C 661 -19.45 28.22 -15.39
N PHE C 662 -20.28 27.19 -15.55
CA PHE C 662 -20.86 26.84 -16.87
C PHE C 662 -21.31 28.08 -17.62
N GLY C 663 -22.15 28.90 -17.01
CA GLY C 663 -22.69 30.06 -17.68
C GLY C 663 -21.81 31.30 -17.70
N SER C 664 -20.56 31.20 -17.27
CA SER C 664 -19.66 32.35 -17.33
C SER C 664 -18.90 32.49 -18.67
N ILE C 665 -18.88 31.42 -19.45
CA ILE C 665 -17.99 31.35 -20.59
C ILE C 665 -18.63 32.13 -21.78
N PRO C 666 -17.80 32.70 -22.70
CA PRO C 666 -18.39 33.40 -23.84
C PRO C 666 -19.46 32.56 -24.51
N THR C 667 -20.57 33.19 -24.85
CA THR C 667 -21.63 32.50 -25.60
C THR C 667 -21.11 31.81 -26.86
N GLU C 668 -20.23 32.50 -27.59
CA GLU C 668 -19.51 31.92 -28.71
C GLU C 668 -18.04 31.87 -28.38
N PHE C 669 -17.52 30.67 -28.29
CA PHE C 669 -16.19 30.44 -27.79
C PHE C 669 -15.45 29.60 -28.84
N ARG C 670 -14.55 30.27 -29.59
CA ARG C 670 -13.90 29.70 -30.78
C ARG C 670 -12.42 29.74 -30.60
N VAL C 671 -11.78 28.61 -30.83
CA VAL C 671 -10.36 28.44 -30.60
C VAL C 671 -9.81 27.73 -31.80
N SER C 672 -8.76 28.34 -32.38
CA SER C 672 -8.07 27.77 -33.51
C SER C 672 -6.61 27.53 -33.17
N LEU C 673 -6.05 26.48 -33.76
CA LEU C 673 -4.61 26.28 -33.72
C LEU C 673 -4.03 26.73 -35.08
N LEU C 674 -3.00 27.57 -35.00
CA LEU C 674 -2.34 28.09 -36.18
C LEU C 674 -1.74 26.93 -36.98
N ARG C 675 -2.27 26.72 -38.20
CA ARG C 675 -1.80 25.65 -39.11
C ARG C 675 -0.47 25.97 -39.79
N ASP C 676 0.27 24.93 -40.19
CA ASP C 676 1.49 25.04 -41.04
C ASP C 676 2.67 25.77 -40.44
N CYS C 677 2.92 25.58 -39.15
CA CYS C 677 4.11 26.18 -38.53
C CYS C 677 4.88 25.20 -37.63
N PRO C 678 5.64 24.26 -38.24
CA PRO C 678 6.55 23.35 -37.53
C PRO C 678 7.58 24.03 -36.59
N ASN C 679 7.42 23.86 -35.27
CA ASN C 679 8.42 24.27 -34.24
C ASN C 679 9.63 23.32 -34.03
N LYS C 680 10.81 23.74 -34.46
CA LYS C 680 11.99 22.85 -34.48
C LYS C 680 12.77 22.74 -33.14
N LYS C 681 12.34 23.48 -32.12
CA LYS C 681 12.96 23.42 -30.81
C LYS C 681 12.46 22.26 -29.93
N ALA C 682 11.27 21.74 -30.21
CA ALA C 682 10.57 20.74 -29.35
C ALA C 682 10.10 19.46 -30.05
N ILE C 683 9.75 18.47 -29.24
CA ILE C 683 9.41 17.13 -29.70
C ILE C 683 8.36 17.11 -30.80
N TYR C 684 8.74 16.48 -31.92
CA TYR C 684 7.93 16.39 -33.14
C TYR C 684 7.35 17.73 -33.52
N ALA C 685 8.14 18.77 -33.35
CA ALA C 685 7.81 20.09 -33.84
C ALA C 685 6.65 20.81 -33.09
N SER C 686 6.36 20.38 -31.86
CA SER C 686 5.26 20.94 -31.05
C SER C 686 5.74 22.07 -30.15
N LYS C 687 4.81 22.76 -29.49
CA LYS C 687 5.09 23.88 -28.56
C LYS C 687 4.34 23.71 -27.23
N ALA C 688 4.95 24.22 -26.16
CA ALA C 688 4.37 24.25 -24.83
C ALA C 688 3.08 25.04 -24.88
N VAL C 689 2.00 24.42 -24.44
CA VAL C 689 0.64 25.05 -24.50
C VAL C 689 0.05 25.42 -23.12
N GLY C 690 0.63 24.88 -22.04
CA GLY C 690 0.06 24.93 -20.67
C GLY C 690 -0.32 26.30 -20.12
N GLU C 691 0.68 27.11 -19.82
CA GLU C 691 0.50 28.45 -19.29
C GLU C 691 0.33 29.57 -20.33
N PRO C 692 0.91 29.42 -21.54
CA PRO C 692 0.77 30.49 -22.55
C PRO C 692 -0.61 31.16 -22.82
N PRO C 693 -1.72 30.39 -22.97
CA PRO C 693 -3.02 31.02 -23.36
C PRO C 693 -3.79 31.71 -22.26
N LEU C 694 -3.27 31.68 -21.05
CA LEU C 694 -3.97 32.19 -19.85
C LEU C 694 -4.22 33.72 -19.94
N PHE C 695 -3.17 34.47 -20.29
CA PHE C 695 -3.22 35.93 -20.26
C PHE C 695 -4.15 36.42 -21.34
N LEU C 696 -4.44 35.57 -22.31
CA LEU C 696 -5.49 35.89 -23.28
C LEU C 696 -6.87 36.14 -22.69
N GLY C 697 -7.12 35.71 -21.43
CA GLY C 697 -8.37 36.02 -20.73
C GLY C 697 -8.52 37.52 -20.45
N ALA C 698 -7.39 38.23 -20.50
CA ALA C 698 -7.33 39.71 -20.34
C ALA C 698 -8.02 40.45 -21.49
N SER C 699 -8.31 39.76 -22.59
CA SER C 699 -9.03 40.40 -23.69
C SER C 699 -10.51 40.72 -23.31
N VAL C 700 -11.09 39.95 -22.38
CA VAL C 700 -12.38 40.17 -21.72
C VAL C 700 -12.23 41.39 -20.82
N PHE C 701 -11.13 41.47 -20.06
CA PHE C 701 -10.88 42.65 -19.22
C PHE C 701 -10.82 43.95 -20.00
N PHE C 702 -10.09 43.93 -21.13
CA PHE C 702 -9.94 45.14 -21.93
C PHE C 702 -11.16 45.48 -22.80
N ALA C 703 -11.96 44.47 -23.17
CA ALA C 703 -13.27 44.72 -23.72
C ALA C 703 -14.23 45.35 -22.68
N ILE C 704 -14.20 44.94 -21.44
CA ILE C 704 -14.97 45.59 -20.38
C ILE C 704 -14.54 47.08 -20.18
N LYS C 705 -13.23 47.34 -20.12
CA LYS C 705 -12.68 48.69 -20.00
C LYS C 705 -13.13 49.55 -21.16
N ASP C 706 -13.15 49.02 -22.37
CA ASP C 706 -13.78 49.63 -23.51
C ASP C 706 -15.29 49.91 -23.37
N ALA C 707 -16.04 48.98 -22.80
CA ALA C 707 -17.46 49.19 -22.55
C ALA C 707 -17.66 50.35 -21.57
N ILE C 708 -16.81 50.43 -20.55
CA ILE C 708 -16.84 51.49 -19.56
C ILE C 708 -16.49 52.89 -20.11
N ARG C 709 -15.53 52.97 -21.04
CA ARG C 709 -15.18 54.24 -21.63
C ARG C 709 -16.42 54.70 -22.38
N ALA C 710 -17.12 53.78 -23.05
CA ALA C 710 -18.40 54.09 -23.71
C ALA C 710 -19.55 54.53 -22.77
N ALA C 711 -19.60 53.99 -21.56
CA ALA C 711 -20.55 54.44 -20.53
C ALA C 711 -20.13 55.80 -19.94
N ARG C 712 -18.84 56.04 -19.77
CA ARG C 712 -18.39 57.34 -19.31
C ARG C 712 -18.60 58.46 -20.37
N ALA C 713 -18.40 58.16 -21.66
CA ALA C 713 -18.75 59.10 -22.75
C ALA C 713 -20.24 59.45 -22.70
N GLN C 714 -21.07 58.48 -22.32
CA GLN C 714 -22.49 58.69 -22.25
C GLN C 714 -22.87 59.61 -21.07
N HIS C 715 -22.48 59.27 -19.84
CA HIS C 715 -23.02 59.94 -18.66
C HIS C 715 -22.02 60.77 -17.88
N THR C 716 -20.71 60.63 -18.09
CA THR C 716 -19.84 61.31 -17.10
C THR C 716 -19.13 62.59 -17.55
N ASN C 717 -18.71 62.65 -18.82
CA ASN C 717 -18.00 63.80 -19.38
C ASN C 717 -17.87 63.65 -20.91
N ASN C 718 -17.09 64.55 -21.52
CA ASN C 718 -17.01 64.67 -22.98
C ASN C 718 -15.55 64.52 -23.44
N ASN C 719 -14.67 64.24 -22.48
CA ASN C 719 -13.25 64.04 -22.75
C ASN C 719 -12.96 62.59 -23.18
N THR C 720 -12.87 62.37 -24.50
CA THR C 720 -12.59 61.01 -25.05
C THR C 720 -11.12 60.57 -24.96
N LYS C 721 -10.29 61.40 -24.31
CA LYS C 721 -8.87 61.08 -24.12
C LYS C 721 -8.58 60.84 -22.65
N GLU C 722 -9.64 60.89 -21.86
CA GLU C 722 -9.59 60.55 -20.42
C GLU C 722 -8.96 59.19 -20.12
N LEU C 723 -8.24 59.16 -19.00
CA LEU C 723 -7.67 57.96 -18.45
C LEU C 723 -8.25 57.72 -17.08
N PHE C 724 -8.73 56.52 -16.80
CA PHE C 724 -9.28 56.21 -15.45
C PHE C 724 -8.63 54.91 -15.01
N ARG C 725 -8.22 54.80 -13.77
CA ARG C 725 -7.64 53.55 -13.30
C ARG C 725 -8.74 52.47 -13.20
N LEU C 726 -8.56 51.37 -13.95
CA LEU C 726 -9.36 50.13 -13.72
C LEU C 726 -8.44 49.02 -13.22
N ASP C 727 -8.50 48.66 -11.93
CA ASP C 727 -7.69 47.54 -11.38
C ASP C 727 -8.23 46.14 -11.73
N SER C 728 -7.47 45.10 -11.43
CA SER C 728 -7.94 43.72 -11.70
C SER C 728 -8.09 43.02 -10.35
N PRO C 729 -9.17 42.20 -10.17
CA PRO C 729 -10.24 41.77 -11.09
C PRO C 729 -11.24 42.92 -11.29
N ALA C 730 -11.79 43.02 -12.48
CA ALA C 730 -12.79 44.07 -12.77
C ALA C 730 -14.04 43.32 -12.37
N THR C 731 -14.41 43.41 -11.07
CA THR C 731 -15.59 42.81 -10.47
C THR C 731 -16.77 43.76 -10.74
N PRO C 732 -18.05 43.30 -10.56
CA PRO C 732 -19.20 44.18 -10.64
C PRO C 732 -19.01 45.53 -9.92
N GLU C 733 -18.41 45.49 -8.72
CA GLU C 733 -18.17 46.70 -7.89
C GLU C 733 -17.36 47.73 -8.65
N LYS C 734 -16.26 47.26 -9.20
CA LYS C 734 -15.29 48.10 -9.94
C LYS C 734 -15.90 48.65 -11.22
N ILE C 735 -16.54 47.77 -11.97
CA ILE C 735 -17.30 48.18 -13.17
C ILE C 735 -18.40 49.24 -12.82
N ARG C 736 -19.35 48.93 -11.93
CA ARG C 736 -20.37 49.89 -11.54
C ARG C 736 -19.82 51.23 -11.07
N ASN C 737 -18.81 51.18 -10.22
CA ASN C 737 -18.23 52.40 -9.63
C ASN C 737 -17.61 53.37 -10.66
N ALA C 738 -17.13 52.76 -11.75
CA ALA C 738 -16.46 53.42 -12.86
C ALA C 738 -17.42 54.04 -13.85
N CYS C 739 -18.64 53.53 -13.94
CA CYS C 739 -19.63 54.08 -14.79
C CYS C 739 -20.30 55.24 -14.07
N VAL C 740 -19.55 56.34 -13.89
CA VAL C 740 -20.01 57.51 -13.09
C VAL C 740 -21.19 58.15 -13.82
N ASP C 741 -22.26 58.46 -13.09
CA ASP C 741 -23.53 58.89 -13.67
C ASP C 741 -24.33 59.60 -12.59
N LYS C 742 -25.63 59.80 -12.82
CA LYS C 742 -26.50 60.49 -11.86
C LYS C 742 -26.69 59.76 -10.52
N PHE C 743 -26.40 58.44 -10.52
CA PHE C 743 -26.57 57.60 -9.34
C PHE C 743 -25.33 57.54 -8.46
N THR C 744 -24.16 57.32 -9.06
CA THR C 744 -22.88 57.24 -8.34
C THR C 744 -22.51 58.58 -7.68
N THR C 745 -22.74 59.65 -8.44
CA THR C 745 -22.67 61.03 -7.93
C THR C 745 -24.00 61.12 -7.30
N LEU C 746 -24.30 62.01 -6.40
CA LEU C 746 -25.73 61.82 -6.11
C LEU C 746 -26.59 62.64 -7.08
N CYS C 747 -27.87 62.64 -6.92
CA CYS C 747 -28.57 62.47 -8.20
C CYS C 747 -28.64 63.76 -8.98
N VAL C 748 -29.86 64.18 -9.27
CA VAL C 748 -31.01 63.22 -9.28
C VAL C 748 -31.81 62.70 -8.01
N THR C 749 -31.28 62.53 -6.79
CA THR C 749 -31.23 63.51 -5.69
C THR C 749 -31.39 64.98 -5.94
N GLY C 750 -30.63 65.52 -6.87
CA GLY C 750 -30.55 66.95 -7.16
C GLY C 750 -29.78 67.88 -6.23
N ALA C 751 -28.92 67.40 -5.31
CA ALA C 751 -27.49 67.15 -5.52
C ALA C 751 -26.79 67.67 -6.78
N PRO C 752 -25.88 68.65 -6.61
CA PRO C 752 -25.10 68.98 -7.76
C PRO C 752 -24.02 67.95 -7.88
N GLY C 753 -23.41 67.84 -9.02
CA GLY C 753 -22.15 67.17 -9.02
C GLY C 753 -21.74 66.62 -10.34
N ASN C 754 -21.03 65.53 -10.24
CA ASN C 754 -20.85 64.49 -11.26
C ASN C 754 -19.36 64.42 -11.46
N CYS C 755 -18.88 63.84 -12.56
CA CYS C 755 -19.59 63.67 -13.82
C CYS C 755 -18.65 64.29 -14.90
N THR D 1 -22.23 -10.18 29.99
CA THR D 1 -22.63 -11.35 30.83
C THR D 1 -21.49 -12.39 30.97
N ALA D 2 -20.75 -12.57 29.87
CA ALA D 2 -19.45 -13.25 29.84
C ALA D 2 -18.35 -12.31 30.39
N ASP D 3 -17.31 -12.92 30.93
CA ASP D 3 -16.28 -12.18 31.67
C ASP D 3 -15.24 -11.52 30.80
N GLU D 4 -14.64 -10.45 31.32
CA GLU D 4 -13.49 -9.79 30.68
C GLU D 4 -12.19 -10.56 30.84
N LEU D 5 -11.41 -10.60 29.77
CA LEU D 5 -10.14 -11.27 29.83
C LEU D 5 -9.09 -10.21 29.97
N VAL D 6 -8.31 -10.29 31.04
CA VAL D 6 -7.34 -9.27 31.33
C VAL D 6 -5.92 -9.87 31.42
N PHE D 7 -5.07 -9.61 30.43
CA PHE D 7 -3.67 -9.98 30.52
C PHE D 7 -2.87 -8.78 30.16
N PHE D 8 -1.54 -8.95 30.06
CA PHE D 8 -0.62 -7.91 29.74
C PHE D 8 0.25 -8.36 28.58
N VAL D 9 0.58 -7.42 27.67
CA VAL D 9 1.60 -7.69 26.64
C VAL D 9 2.60 -6.56 26.68
N ASN D 10 3.86 -6.91 26.87
CA ASN D 10 4.99 -6.00 26.88
C ASN D 10 4.73 -4.87 27.87
N GLY D 11 4.03 -5.21 28.96
CA GLY D 11 3.84 -4.31 30.08
C GLY D 11 2.55 -3.51 30.04
N LYS D 12 1.76 -3.77 29.01
CA LYS D 12 0.60 -2.97 28.66
C LYS D 12 -0.62 -3.85 28.86
N LYS D 13 -1.61 -3.33 29.57
CA LYS D 13 -2.80 -4.11 29.82
C LYS D 13 -3.67 -4.28 28.57
N VAL D 14 -4.06 -5.52 28.33
CA VAL D 14 -5.07 -5.82 27.34
C VAL D 14 -6.31 -6.23 28.07
N VAL D 15 -7.42 -5.53 27.82
CA VAL D 15 -8.76 -5.98 28.26
C VAL D 15 -9.63 -6.48 27.09
N GLU D 16 -9.76 -7.80 26.96
CA GLU D 16 -10.57 -8.40 25.91
C GLU D 16 -11.95 -8.71 26.45
N LYS D 17 -12.95 -7.92 26.08
CA LYS D 17 -14.28 -8.10 26.67
C LYS D 17 -15.03 -9.26 26.04
N ASN D 18 -14.53 -9.72 24.89
CA ASN D 18 -15.26 -10.75 24.11
C ASN D 18 -14.48 -11.97 23.62
N ALA D 19 -13.51 -12.43 24.42
CA ALA D 19 -12.61 -13.53 24.06
C ALA D 19 -13.36 -14.74 23.53
N ASP D 20 -12.86 -15.25 22.41
CA ASP D 20 -13.33 -16.50 21.85
C ASP D 20 -12.37 -17.55 22.42
N PRO D 21 -12.90 -18.59 23.10
CA PRO D 21 -12.02 -19.69 23.57
C PRO D 21 -11.07 -20.28 22.48
N GLU D 22 -11.43 -20.13 21.21
CA GLU D 22 -10.65 -20.69 20.10
C GLU D 22 -9.43 -19.83 19.70
N THR D 23 -9.37 -18.58 20.13
CA THR D 23 -8.28 -17.66 19.76
C THR D 23 -6.99 -18.03 20.44
N THR D 24 -5.94 -18.26 19.63
CA THR D 24 -4.55 -18.44 20.09
C THR D 24 -3.86 -17.08 20.33
N LEU D 25 -2.88 -17.09 21.25
CA LEU D 25 -2.08 -15.90 21.49
C LEU D 25 -1.35 -15.47 20.18
N LEU D 26 -0.88 -16.40 19.39
CA LEU D 26 -0.21 -15.98 18.11
C LEU D 26 -1.13 -15.14 17.26
N ALA D 27 -2.33 -15.68 16.97
CA ALA D 27 -3.31 -14.91 16.18
C ALA D 27 -3.67 -13.53 16.82
N TYR D 28 -3.79 -13.51 18.16
CA TYR D 28 -4.25 -12.31 18.88
C TYR D 28 -3.15 -11.26 18.81
N LEU D 29 -1.91 -11.69 19.05
CA LEU D 29 -0.78 -10.78 18.98
C LEU D 29 -0.60 -10.16 17.56
N ARG D 30 -0.72 -10.98 16.52
CA ARG D 30 -0.39 -10.51 15.16
C ARG D 30 -1.55 -9.71 14.56
N ARG D 31 -2.76 -10.15 14.85
CA ARG D 31 -3.93 -9.82 14.04
C ARG D 31 -4.91 -8.90 14.82
N LYS D 32 -4.73 -8.81 16.14
CA LYS D 32 -5.48 -7.93 17.03
C LYS D 32 -4.56 -6.83 17.59
N LEU D 33 -3.38 -7.21 18.07
CA LEU D 33 -2.45 -6.26 18.67
C LEU D 33 -1.49 -5.64 17.67
N GLY D 34 -1.39 -6.18 16.46
CA GLY D 34 -0.48 -5.57 15.47
C GLY D 34 1.01 -5.80 15.76
N LEU D 35 1.31 -6.83 16.53
CA LEU D 35 2.68 -7.13 16.89
C LEU D 35 3.18 -8.39 16.12
N ARG D 36 3.88 -8.18 15.01
CA ARG D 36 4.20 -9.25 14.04
C ARG D 36 5.62 -9.81 14.07
N GLY D 37 6.40 -9.50 15.10
CA GLY D 37 7.74 -10.10 15.29
C GLY D 37 7.60 -11.55 15.71
N THR D 38 6.54 -11.87 16.47
CA THR D 38 6.24 -13.28 16.73
C THR D 38 5.65 -13.90 15.43
N LYS D 39 6.24 -15.03 15.00
CA LYS D 39 5.94 -15.61 13.71
C LYS D 39 5.19 -16.94 13.75
N LEU D 40 4.48 -17.21 12.64
CA LEU D 40 3.91 -18.54 12.29
C LEU D 40 4.86 -19.36 11.40
N GLY D 41 5.33 -20.49 11.96
CA GLY D 41 6.10 -21.45 11.19
C GLY D 41 5.50 -22.86 11.01
N CYS D 42 4.52 -23.23 11.84
CA CYS D 42 3.93 -24.56 11.77
C CYS D 42 2.51 -24.67 12.34
N GLY D 43 2.15 -23.86 13.32
CA GLY D 43 0.90 -24.02 14.13
C GLY D 43 0.77 -25.32 14.95
N GLU D 44 1.84 -26.07 15.12
CA GLU D 44 1.74 -27.31 15.87
C GLU D 44 2.83 -27.50 16.96
N GLY D 45 3.61 -26.48 17.28
CA GLY D 45 4.49 -26.61 18.45
C GLY D 45 5.93 -27.13 18.24
N GLY D 46 6.28 -27.45 17.00
CA GLY D 46 7.56 -28.04 16.69
C GLY D 46 8.69 -27.13 16.28
N CYS D 47 8.43 -25.89 15.87
CA CYS D 47 9.48 -24.98 15.31
C CYS D 47 9.89 -23.83 16.25
N GLY D 48 9.03 -23.42 17.18
CA GLY D 48 9.33 -22.32 18.12
C GLY D 48 9.43 -20.92 17.48
N ALA D 49 9.00 -20.76 16.22
CA ALA D 49 9.06 -19.44 15.55
C ALA D 49 8.17 -18.46 16.30
N CYS D 50 7.21 -19.03 17.02
CA CYS D 50 6.21 -18.27 17.75
C CYS D 50 6.50 -18.12 19.24
N THR D 51 7.75 -18.33 19.64
CA THR D 51 8.06 -18.45 21.04
C THR D 51 7.91 -17.10 21.68
N VAL D 52 7.18 -17.05 22.82
CA VAL D 52 7.06 -15.83 23.66
C VAL D 52 7.53 -16.16 25.10
N MET D 53 7.73 -15.14 25.94
CA MET D 53 7.91 -15.37 27.37
C MET D 53 6.56 -15.07 28.06
N LEU D 54 6.24 -15.85 29.07
CA LEU D 54 5.05 -15.67 29.86
C LEU D 54 5.62 -15.53 31.28
N SER D 55 4.94 -14.71 32.10
CA SER D 55 5.19 -14.53 33.54
C SER D 55 3.89 -14.56 34.31
N LYS D 56 3.92 -15.27 35.44
CA LYS D 56 2.82 -15.23 36.40
C LYS D 56 3.33 -15.19 37.84
N TYR D 57 2.56 -14.52 38.72
CA TYR D 57 2.77 -14.64 40.17
C TYR D 57 2.31 -16.05 40.58
N ASP D 58 3.22 -16.80 41.19
CA ASP D 58 2.90 -18.10 41.79
C ASP D 58 2.41 -17.89 43.24
N ARG D 59 1.12 -18.15 43.49
CA ARG D 59 0.58 -18.09 44.86
C ARG D 59 1.04 -19.35 45.61
N LEU D 60 2.08 -19.20 46.44
CA LEU D 60 2.77 -20.32 47.09
C LEU D 60 4.26 -20.01 47.11
N GLN D 61 4.89 -20.09 45.94
CA GLN D 61 6.30 -19.82 45.83
C GLN D 61 6.60 -18.37 46.21
N ASP D 62 5.53 -17.59 46.42
CA ASP D 62 5.58 -16.14 46.25
C ASP D 62 6.01 -15.98 44.78
N LYS D 63 7.23 -15.50 44.54
CA LYS D 63 7.87 -15.56 43.20
C LYS D 63 7.00 -15.33 41.95
N ILE D 64 7.41 -14.35 41.17
CA ILE D 64 7.01 -14.29 39.76
C ILE D 64 7.88 -15.32 38.98
N ILE D 65 7.21 -16.26 38.31
CA ILE D 65 7.87 -17.27 37.46
C ILE D 65 7.83 -16.90 35.97
N HIS D 66 8.93 -17.13 35.27
CA HIS D 66 9.09 -16.83 33.86
C HIS D 66 9.38 -18.11 33.11
N PHE D 67 8.63 -18.37 32.04
CA PHE D 67 8.88 -19.53 31.21
C PHE D 67 8.62 -19.17 29.75
N SER D 68 9.09 -20.00 28.81
CA SER D 68 8.73 -19.84 27.40
C SER D 68 7.48 -20.66 27.02
N ALA D 69 6.86 -20.29 25.91
CA ALA D 69 5.66 -20.95 25.37
C ALA D 69 5.47 -20.66 23.90
N ASN D 70 4.76 -21.56 23.25
CA ASN D 70 4.45 -21.48 21.84
C ASN D 70 3.15 -20.78 21.71
N ALA D 71 3.17 -19.53 21.28
CA ALA D 71 1.98 -18.72 21.10
C ALA D 71 0.94 -19.31 20.13
N CYS D 72 1.37 -20.13 19.16
CA CYS D 72 0.43 -20.84 18.25
C CYS D 72 -0.51 -21.81 18.96
N LEU D 73 -0.14 -22.25 20.19
CA LEU D 73 -0.93 -23.26 20.88
C LEU D 73 -1.53 -22.79 22.17
N ALA D 74 -1.10 -21.59 22.61
CA ALA D 74 -1.57 -20.96 23.83
C ALA D 74 -2.93 -20.29 23.66
N PRO D 75 -4.00 -20.85 24.29
CA PRO D 75 -5.27 -20.13 24.25
C PRO D 75 -5.14 -18.85 25.10
N ILE D 76 -5.63 -17.72 24.58
CA ILE D 76 -5.57 -16.44 25.29
C ILE D 76 -6.42 -16.59 26.55
N CYS D 77 -7.34 -17.53 26.51
CA CYS D 77 -8.29 -17.77 27.58
C CYS D 77 -7.62 -18.36 28.83
N THR D 78 -6.40 -18.86 28.67
CA THR D 78 -5.58 -19.38 29.78
C THR D 78 -4.70 -18.29 30.32
N LEU D 79 -4.71 -17.12 29.69
CA LEU D 79 -3.75 -16.09 30.03
C LEU D 79 -4.28 -15.04 31.01
N HIS D 80 -5.47 -15.25 31.59
CA HIS D 80 -5.98 -14.31 32.56
C HIS D 80 -4.94 -14.02 33.66
N HIS D 81 -4.59 -12.74 33.80
CA HIS D 81 -3.57 -12.20 34.72
C HIS D 81 -2.17 -12.75 34.48
N VAL D 82 -1.89 -13.12 33.22
CA VAL D 82 -0.56 -13.52 32.80
C VAL D 82 0.02 -12.34 32.04
N ALA D 83 1.35 -12.16 32.14
CA ALA D 83 2.02 -11.12 31.44
C ALA D 83 2.82 -11.80 30.33
N VAL D 84 2.59 -11.38 29.08
CA VAL D 84 3.37 -11.74 27.88
C VAL D 84 4.48 -10.75 27.59
N THR D 85 5.63 -11.29 27.21
CA THR D 85 6.73 -10.56 26.60
C THR D 85 7.08 -11.20 25.23
N THR D 86 7.12 -10.36 24.18
CA THR D 86 7.50 -10.78 22.85
C THR D 86 8.82 -10.06 22.49
N VAL D 87 9.41 -10.41 21.37
CA VAL D 87 10.72 -9.86 20.92
C VAL D 87 10.80 -8.32 20.95
N GLU D 88 9.63 -7.67 20.79
CA GLU D 88 9.57 -6.23 20.75
C GLU D 88 9.42 -5.64 22.17
N GLY D 89 9.14 -6.49 23.17
CA GLY D 89 9.13 -6.05 24.55
C GLY D 89 10.54 -5.94 25.14
N ILE D 90 11.56 -6.46 24.45
CA ILE D 90 12.87 -6.59 25.10
C ILE D 90 13.94 -5.66 24.55
N GLY D 91 13.64 -5.01 23.43
CA GLY D 91 14.62 -4.16 22.75
C GLY D 91 14.18 -3.89 21.35
N SER D 92 14.75 -2.86 20.72
CA SER D 92 14.55 -2.59 19.31
C SER D 92 15.61 -1.63 18.78
N THR D 93 15.82 -1.66 17.46
CA THR D 93 16.80 -0.81 16.77
C THR D 93 16.42 0.69 16.78
N LYS D 94 15.22 0.99 17.29
CA LYS D 94 14.71 2.35 17.38
C LYS D 94 15.09 2.94 18.75
N THR D 95 15.21 2.07 19.75
CA THR D 95 15.67 2.44 21.11
C THR D 95 17.04 1.83 21.38
N ARG D 96 17.10 0.72 22.10
CA ARG D 96 18.36 -0.04 22.15
C ARG D 96 18.09 -1.53 22.06
N LEU D 97 18.95 -2.25 21.33
CA LEU D 97 18.86 -3.72 21.35
C LEU D 97 19.14 -4.28 22.73
N HIS D 98 18.41 -5.32 23.11
CA HIS D 98 18.82 -6.17 24.23
C HIS D 98 20.11 -6.95 23.85
N PRO D 99 21.06 -7.16 24.80
CA PRO D 99 22.27 -7.96 24.50
C PRO D 99 22.04 -9.23 23.65
N VAL D 100 21.03 -10.01 23.97
CA VAL D 100 20.68 -11.19 23.15
C VAL D 100 20.48 -10.90 21.64
N GLN D 101 19.77 -9.79 21.35
CA GLN D 101 19.41 -9.40 20.00
C GLN D 101 20.69 -8.96 19.28
N GLU D 102 21.49 -8.18 20.01
CA GLU D 102 22.76 -7.63 19.53
C GLU D 102 23.76 -8.74 19.24
N ARG D 103 23.87 -9.68 20.16
CA ARG D 103 24.77 -10.83 20.02
C ARG D 103 24.44 -11.78 18.84
N ILE D 104 23.15 -12.15 18.67
CA ILE D 104 22.77 -13.06 17.59
C ILE D 104 23.01 -12.40 16.25
N ALA D 105 22.68 -11.12 16.13
CA ALA D 105 22.96 -10.31 14.93
C ALA D 105 24.43 -10.29 14.54
N LYS D 106 25.30 -9.94 15.51
CA LYS D 106 26.75 -9.74 15.31
C LYS D 106 27.51 -11.05 15.20
N SER D 107 26.98 -12.14 15.75
CA SER D 107 27.53 -13.51 15.61
C SER D 107 27.23 -14.18 14.27
N HIS D 108 26.39 -13.53 13.46
CA HIS D 108 25.94 -14.09 12.19
C HIS D 108 24.99 -15.24 12.42
N GLY D 109 24.26 -15.14 13.54
CA GLY D 109 23.20 -16.08 13.97
C GLY D 109 21.87 -15.97 13.24
N SER D 110 21.77 -14.99 12.34
CA SER D 110 20.54 -14.69 11.65
C SER D 110 20.76 -14.63 10.16
N GLN D 111 20.20 -15.56 9.39
CA GLN D 111 20.29 -15.36 7.92
C GLN D 111 18.98 -14.80 7.37
N CYS D 112 17.98 -15.64 7.11
CA CYS D 112 16.74 -15.12 6.52
C CYS D 112 16.05 -14.38 7.61
N GLY D 113 16.32 -14.83 8.84
CA GLY D 113 15.90 -14.19 10.08
C GLY D 113 14.54 -14.54 10.67
N PHE D 114 13.87 -15.52 10.05
CA PHE D 114 12.49 -15.88 10.41
C PHE D 114 12.36 -16.61 11.78
N CYS D 115 13.36 -17.43 12.12
CA CYS D 115 13.45 -18.14 13.41
C CYS D 115 14.03 -17.32 14.52
N THR D 116 14.60 -16.17 14.15
CA THR D 116 15.40 -15.37 15.07
C THR D 116 14.66 -14.79 16.29
N PRO D 117 13.46 -14.22 16.12
CA PRO D 117 12.66 -13.79 17.31
C PRO D 117 12.38 -14.88 18.31
N GLY D 118 12.01 -16.05 17.81
CA GLY D 118 11.73 -17.18 18.69
C GLY D 118 12.98 -17.67 19.40
N ILE D 119 14.06 -17.80 18.66
CA ILE D 119 15.38 -18.08 19.30
C ILE D 119 15.78 -17.04 20.35
N VAL D 120 15.71 -15.74 19.98
CA VAL D 120 15.87 -14.66 20.95
C VAL D 120 15.04 -14.82 22.24
N MET D 121 13.78 -15.23 22.13
CA MET D 121 12.89 -15.32 23.29
C MET D 121 13.16 -16.57 24.18
N SER D 122 13.56 -17.64 23.52
CA SER D 122 14.15 -18.80 24.20
C SER D 122 15.38 -18.43 25.01
N MET D 123 16.33 -17.72 24.38
CA MET D 123 17.54 -17.24 25.06
C MET D 123 17.24 -16.17 26.11
N TYR D 124 16.49 -15.14 25.75
CA TYR D 124 16.00 -14.19 26.73
C TYR D 124 15.33 -14.82 27.98
N THR D 125 14.47 -15.81 27.77
CA THR D 125 13.82 -16.53 28.90
C THR D 125 14.78 -17.34 29.83
N LEU D 126 15.79 -18.00 29.23
CA LEU D 126 16.88 -18.64 29.97
C LEU D 126 17.58 -17.61 30.90
N LEU D 127 18.07 -16.52 30.31
CA LEU D 127 18.71 -15.44 31.05
C LEU D 127 17.83 -14.79 32.11
N ARG D 128 16.53 -14.80 31.91
CA ARG D 128 15.59 -14.27 32.90
C ARG D 128 15.40 -15.19 34.12
N ASN D 129 15.79 -16.46 33.97
CA ASN D 129 15.72 -17.45 35.03
C ASN D 129 17.10 -17.72 35.60
N GLN D 130 18.11 -17.66 34.75
CA GLN D 130 19.48 -17.99 35.11
C GLN D 130 20.42 -16.99 34.43
N PRO D 131 20.66 -15.81 35.07
CA PRO D 131 21.43 -14.68 34.53
C PRO D 131 22.87 -15.03 34.12
N GLU D 132 23.44 -16.05 34.78
CA GLU D 132 24.68 -16.65 34.31
C GLU D 132 24.47 -18.14 34.31
N PRO D 133 24.10 -18.71 33.14
CA PRO D 133 23.84 -20.12 32.89
C PRO D 133 25.06 -20.87 32.35
N THR D 134 24.92 -22.19 32.19
CA THR D 134 26.03 -23.02 31.68
C THR D 134 25.87 -23.19 30.19
N VAL D 135 26.96 -23.59 29.54
CA VAL D 135 26.95 -23.97 28.11
C VAL D 135 25.93 -25.09 27.84
N GLU D 136 25.82 -26.03 28.79
CA GLU D 136 24.84 -27.12 28.72
C GLU D 136 23.41 -26.61 28.68
N GLU D 137 23.09 -25.67 29.58
CA GLU D 137 21.74 -25.09 29.70
C GLU D 137 21.36 -24.21 28.50
N ILE D 138 22.34 -23.44 28.02
CA ILE D 138 22.21 -22.64 26.81
C ILE D 138 21.63 -23.52 25.69
N GLU D 139 22.30 -24.61 25.34
CA GLU D 139 21.81 -25.49 24.28
C GLU D 139 20.42 -26.10 24.44
N ASP D 140 20.10 -26.66 25.63
CA ASP D 140 18.75 -27.22 25.83
C ASP D 140 17.67 -26.15 25.72
N ALA D 141 18.10 -24.89 25.79
CA ALA D 141 17.16 -23.75 25.64
C ALA D 141 16.43 -23.82 24.29
N PHE D 142 17.10 -24.44 23.31
CA PHE D 142 16.72 -24.38 21.90
C PHE D 142 16.24 -25.70 21.28
N GLN D 143 15.84 -26.63 22.13
CA GLN D 143 15.25 -27.89 21.72
C GLN D 143 13.99 -27.73 20.83
N GLY D 144 13.14 -26.75 21.09
CA GLY D 144 11.93 -26.62 20.29
C GLY D 144 11.98 -25.43 19.36
N ASN D 145 13.19 -25.06 18.92
CA ASN D 145 13.44 -23.97 18.02
C ASN D 145 14.20 -24.49 16.78
N LEU D 146 13.59 -24.34 15.61
CA LEU D 146 14.25 -24.77 14.33
C LEU D 146 14.78 -23.60 13.51
N CYS D 147 15.89 -23.84 12.82
CA CYS D 147 16.47 -22.86 11.93
C CYS D 147 16.94 -23.59 10.68
N ARG D 148 16.51 -23.14 9.52
CA ARG D 148 16.75 -23.85 8.30
C ARG D 148 18.01 -23.36 7.62
N CYS D 149 18.43 -22.15 7.99
CA CYS D 149 19.44 -21.43 7.22
C CYS D 149 20.85 -21.61 7.76
N THR D 150 21.00 -21.58 9.08
CA THR D 150 22.32 -21.32 9.71
C THR D 150 23.19 -22.56 10.04
N GLY D 151 22.58 -23.73 10.17
CA GLY D 151 23.32 -24.85 10.74
C GLY D 151 23.73 -24.70 12.22
N TYR D 152 23.14 -23.69 12.90
CA TYR D 152 23.06 -23.55 14.38
C TYR D 152 24.35 -23.12 15.08
N ARG D 153 25.50 -23.61 14.59
CA ARG D 153 26.85 -23.27 15.09
C ARG D 153 27.06 -21.78 15.51
N PRO D 154 26.79 -20.80 14.60
CA PRO D 154 26.94 -19.40 15.04
C PRO D 154 26.00 -18.96 16.16
N ILE D 155 24.78 -19.52 16.22
CA ILE D 155 23.83 -19.11 17.24
C ILE D 155 24.44 -19.45 18.60
N LEU D 156 24.72 -20.73 18.79
CA LEU D 156 25.39 -21.28 19.96
C LEU D 156 26.71 -20.59 20.28
N GLN D 157 27.55 -20.37 19.29
CA GLN D 157 28.80 -19.67 19.53
C GLN D 157 28.57 -18.25 20.01
N GLY D 158 27.81 -17.45 19.25
CA GLY D 158 27.47 -16.11 19.67
C GLY D 158 26.87 -16.07 21.06
N PHE D 159 26.18 -17.14 21.48
CA PHE D 159 25.45 -17.14 22.76
C PHE D 159 26.26 -17.71 23.92
N ARG D 160 27.33 -18.46 23.62
CA ARG D 160 28.21 -19.04 24.67
C ARG D 160 28.84 -17.96 25.54
N THR D 161 28.85 -16.77 24.96
CA THR D 161 29.44 -15.58 25.50
C THR D 161 28.63 -15.07 26.73
N PHE D 162 27.57 -15.81 27.07
CA PHE D 162 26.75 -15.57 28.26
C PHE D 162 27.05 -16.51 29.45
N ALA D 163 27.79 -17.60 29.22
CA ALA D 163 28.23 -18.48 30.34
C ALA D 163 29.49 -17.95 31.06
N LYS D 164 30.27 -18.87 31.64
CA LYS D 164 31.61 -18.58 32.22
C LYS D 164 31.54 -18.07 33.67
N PRO E 1 -9.34 -15.74 43.22
CA PRO E 1 -9.77 -15.96 41.84
C PRO E 1 -11.18 -16.55 41.80
N LYS E 2 -12.04 -15.96 40.98
CA LYS E 2 -13.39 -16.46 40.77
C LYS E 2 -13.48 -17.14 39.41
N GLN E 3 -14.46 -18.02 39.28
CA GLN E 3 -14.77 -18.65 38.03
C GLN E 3 -15.13 -17.60 36.96
N LEU E 4 -14.56 -17.80 35.78
CA LEU E 4 -14.74 -16.97 34.59
C LEU E 4 -15.39 -17.81 33.49
N ARG E 5 -16.23 -17.17 32.68
CA ARG E 5 -16.89 -17.83 31.55
C ARG E 5 -16.59 -17.03 30.26
N PHE E 6 -16.12 -17.73 29.21
CA PHE E 6 -15.87 -17.13 27.88
C PHE E 6 -16.68 -17.85 26.80
N GLU E 7 -17.40 -17.09 25.98
CA GLU E 7 -18.26 -17.67 24.94
C GLU E 7 -17.75 -17.24 23.55
N GLY E 8 -17.49 -18.23 22.70
CA GLY E 8 -17.01 -17.97 21.34
C GLY E 8 -18.06 -18.21 20.30
N GLU E 9 -17.65 -18.25 19.02
CA GLU E 9 -18.56 -18.60 17.94
C GLU E 9 -19.13 -20.00 18.10
N ARG E 10 -18.28 -20.92 18.54
CA ARG E 10 -18.63 -22.34 18.60
C ARG E 10 -18.37 -22.98 19.96
N VAL E 11 -17.69 -22.28 20.88
CA VAL E 11 -17.09 -22.90 22.08
C VAL E 11 -17.35 -22.09 23.34
N THR E 12 -17.79 -22.73 24.43
CA THR E 12 -17.79 -22.11 25.78
C THR E 12 -16.63 -22.59 26.64
N TRP E 13 -15.92 -21.67 27.23
CA TRP E 13 -14.76 -22.00 28.01
C TRP E 13 -15.11 -21.60 29.44
N ILE E 14 -15.03 -22.52 30.39
CA ILE E 14 -15.20 -22.07 31.76
C ILE E 14 -13.88 -22.18 32.51
N GLN E 15 -13.35 -21.08 33.05
CA GLN E 15 -12.14 -21.20 33.85
C GLN E 15 -12.55 -21.53 35.28
N ALA E 16 -12.27 -22.77 35.74
CA ALA E 16 -12.64 -23.22 37.09
C ALA E 16 -11.63 -22.77 38.16
N SER E 17 -12.13 -22.10 39.20
CA SER E 17 -11.31 -21.63 40.34
C SER E 17 -11.03 -22.61 41.51
N THR E 18 -11.90 -23.61 41.70
CA THR E 18 -11.79 -24.60 42.78
C THR E 18 -12.22 -25.99 42.29
N LEU E 19 -11.71 -27.04 42.93
CA LEU E 19 -12.07 -28.44 42.62
C LEU E 19 -13.55 -28.73 42.74
N LYS E 20 -14.25 -28.15 43.73
CA LYS E 20 -15.69 -28.40 43.85
C LYS E 20 -16.37 -28.01 42.54
N GLU E 21 -16.08 -26.78 42.08
CA GLU E 21 -16.55 -26.21 40.80
C GLU E 21 -16.23 -27.14 39.62
N LEU E 22 -14.96 -27.55 39.50
CA LEU E 22 -14.54 -28.51 38.49
C LEU E 22 -15.39 -29.75 38.52
N LEU E 23 -15.47 -30.38 39.69
CA LEU E 23 -16.27 -31.62 39.84
C LEU E 23 -17.72 -31.44 39.51
N ASP E 24 -18.25 -30.24 39.75
CA ASP E 24 -19.66 -29.95 39.47
C ASP E 24 -19.90 -29.74 37.98
N LEU E 25 -19.04 -28.92 37.37
CA LEU E 25 -19.00 -28.76 35.92
C LEU E 25 -18.89 -30.08 35.14
N LYS E 26 -17.95 -30.94 35.52
CA LYS E 26 -17.79 -32.26 34.87
C LYS E 26 -18.98 -33.20 35.08
N ALA E 27 -19.60 -33.17 36.25
CA ALA E 27 -20.84 -33.92 36.46
C ALA E 27 -22.02 -33.33 35.62
N GLN E 28 -22.10 -31.99 35.56
CA GLN E 28 -23.05 -31.33 34.65
C GLN E 28 -22.72 -31.47 33.14
N HIS E 29 -21.45 -31.49 32.79
CA HIS E 29 -21.04 -31.56 31.37
C HIS E 29 -20.04 -32.70 31.18
N PRO E 30 -20.55 -33.94 31.15
CA PRO E 30 -19.74 -35.14 31.05
C PRO E 30 -18.77 -35.14 29.85
N GLU E 31 -19.19 -34.49 28.76
CA GLU E 31 -18.44 -34.52 27.49
C GLU E 31 -17.38 -33.42 27.42
N ALA E 32 -17.45 -32.46 28.34
CA ALA E 32 -16.59 -31.30 28.37
C ALA E 32 -15.17 -31.76 28.29
N LYS E 33 -14.36 -31.09 27.46
CA LYS E 33 -12.94 -31.37 27.43
C LYS E 33 -12.28 -30.53 28.49
N LEU E 34 -11.38 -31.13 29.26
CA LEU E 34 -10.53 -30.39 30.17
C LEU E 34 -9.29 -29.94 29.39
N VAL E 35 -8.95 -28.65 29.44
CA VAL E 35 -7.76 -28.13 28.76
C VAL E 35 -6.86 -27.54 29.82
N VAL E 36 -5.56 -27.77 29.68
CA VAL E 36 -4.55 -27.19 30.52
C VAL E 36 -3.56 -26.52 29.59
N GLY E 37 -2.72 -27.35 28.99
CA GLY E 37 -1.62 -26.90 28.15
C GLY E 37 -2.06 -26.61 26.74
N ASN E 38 -3.04 -27.39 26.27
CA ASN E 38 -3.63 -27.28 24.91
C ASN E 38 -2.79 -27.93 23.81
N THR E 39 -1.70 -28.56 24.21
CA THR E 39 -0.75 -29.10 23.26
C THR E 39 -1.25 -30.34 22.56
N GLU E 40 -2.41 -30.83 23.02
CA GLU E 40 -3.12 -31.96 22.43
C GLU E 40 -4.42 -31.48 21.77
N ILE E 41 -5.24 -30.75 22.52
CA ILE E 41 -6.52 -30.22 22.04
C ILE E 41 -6.44 -29.13 20.95
N GLY E 42 -5.40 -28.32 20.97
CA GLY E 42 -5.10 -27.44 19.84
C GLY E 42 -4.85 -28.20 18.53
N ILE E 43 -4.13 -29.31 18.59
CA ILE E 43 -3.88 -30.11 17.39
C ILE E 43 -5.15 -30.77 16.90
N GLU E 44 -5.92 -31.37 17.82
CA GLU E 44 -7.16 -32.03 17.50
C GLU E 44 -8.17 -31.09 16.83
N MET E 45 -8.26 -29.88 17.37
CA MET E 45 -9.06 -28.83 16.78
C MET E 45 -8.51 -28.29 15.46
N LYS E 46 -7.20 -28.13 15.32
CA LYS E 46 -6.67 -27.56 14.08
C LYS E 46 -6.58 -28.58 12.95
N PHE E 47 -5.95 -29.73 13.22
CA PHE E 47 -5.53 -30.63 12.17
C PHE E 47 -6.41 -31.89 12.02
N LYS E 48 -7.18 -32.22 13.05
CA LYS E 48 -8.06 -33.36 12.98
C LYS E 48 -9.52 -32.84 12.91
N ASN E 49 -9.69 -31.52 12.89
CA ASN E 49 -10.99 -30.89 12.73
C ASN E 49 -12.05 -31.44 13.73
N GLN E 50 -11.74 -31.36 15.03
CA GLN E 50 -12.69 -31.68 16.04
C GLN E 50 -13.24 -30.38 16.57
N LEU E 51 -14.53 -30.36 16.89
CA LEU E 51 -15.11 -29.25 17.62
C LEU E 51 -15.56 -29.75 18.98
N PHE E 52 -15.00 -29.18 20.03
CA PHE E 52 -15.44 -29.43 21.43
C PHE E 52 -16.15 -28.15 21.90
N PRO E 53 -17.52 -28.15 21.93
CA PRO E 53 -18.26 -26.92 22.25
C PRO E 53 -18.20 -26.47 23.72
N MET E 54 -17.69 -27.35 24.57
CA MET E 54 -17.56 -27.04 26.00
C MET E 54 -16.18 -27.43 26.55
N ILE E 55 -15.48 -26.46 27.11
CA ILE E 55 -14.19 -26.72 27.72
C ILE E 55 -14.17 -26.16 29.13
N ILE E 56 -13.62 -26.94 30.08
CA ILE E 56 -13.30 -26.43 31.43
C ILE E 56 -11.78 -26.43 31.50
N CYS E 57 -11.20 -25.28 31.77
CA CYS E 57 -9.82 -25.24 32.14
C CYS E 57 -9.68 -25.31 33.70
N PRO E 58 -8.85 -26.27 34.20
CA PRO E 58 -8.54 -26.40 35.65
C PRO E 58 -7.15 -25.96 36.14
N ALA E 59 -6.38 -25.25 35.30
CA ALA E 59 -5.01 -24.84 35.62
C ALA E 59 -4.81 -24.07 36.94
N TRP E 60 -5.87 -23.36 37.34
CA TRP E 60 -5.86 -22.48 38.52
C TRP E 60 -5.98 -23.21 39.86
N ILE E 61 -6.52 -24.44 39.85
CA ILE E 61 -6.94 -25.18 41.04
C ILE E 61 -5.72 -25.70 41.84
N PRO E 62 -5.48 -25.19 43.08
CA PRO E 62 -4.36 -25.74 43.88
C PRO E 62 -4.86 -27.12 44.16
N GLU E 63 -4.02 -28.15 44.28
CA GLU E 63 -4.48 -29.55 44.03
C GLU E 63 -4.18 -29.55 42.54
N LEU E 64 -4.51 -30.55 41.77
CA LEU E 64 -4.10 -30.46 40.36
C LEU E 64 -2.71 -29.86 40.11
N ASN E 65 -2.16 -29.06 41.02
CA ASN E 65 -0.81 -28.43 40.92
C ASN E 65 0.10 -28.73 42.12
N ALA E 66 -0.47 -29.40 43.12
CA ALA E 66 0.23 -29.67 44.34
C ALA E 66 1.32 -30.74 44.16
N VAL E 67 2.45 -30.54 44.83
CA VAL E 67 3.56 -31.51 44.86
C VAL E 67 3.85 -31.96 46.31
N GLU E 68 3.46 -33.18 46.67
CA GLU E 68 3.81 -33.80 47.95
C GLU E 68 4.86 -34.92 47.83
N HIS E 69 5.87 -34.86 48.68
CA HIS E 69 6.82 -35.96 48.81
C HIS E 69 6.38 -36.83 49.99
N GLY E 70 5.82 -38.01 49.71
CA GLY E 70 5.34 -38.98 50.73
C GLY E 70 6.19 -40.25 50.93
N PRO E 71 5.65 -41.24 51.66
CA PRO E 71 6.39 -42.49 51.99
C PRO E 71 6.79 -43.39 50.78
N GLU E 72 5.98 -43.37 49.73
CA GLU E 72 6.07 -44.37 48.65
C GLU E 72 6.62 -43.78 47.37
N GLY E 73 6.45 -42.48 47.19
CA GLY E 73 6.91 -41.79 46.01
C GLY E 73 6.70 -40.29 46.13
N ILE E 74 6.81 -39.60 44.97
CA ILE E 74 6.47 -38.18 44.82
C ILE E 74 5.20 -37.98 44.01
N SER E 75 4.28 -37.21 44.57
CA SER E 75 2.94 -37.00 43.99
C SER E 75 2.83 -35.61 43.33
N PHE E 76 2.31 -35.62 42.10
CA PHE E 76 2.11 -34.40 41.28
C PHE E 76 0.64 -34.29 40.89
N GLY E 77 0.05 -33.14 41.23
CA GLY E 77 -1.20 -32.72 40.63
C GLY E 77 -1.19 -32.89 39.11
N ALA E 78 -2.34 -33.31 38.61
CA ALA E 78 -2.45 -33.71 37.23
C ALA E 78 -2.20 -32.53 36.25
N ALA E 79 -2.28 -31.29 36.75
CA ALA E 79 -2.13 -30.10 35.97
C ALA E 79 -0.71 -29.61 35.91
N CYS E 80 0.16 -30.19 36.76
CA CYS E 80 1.58 -29.84 36.77
C CYS E 80 2.26 -30.04 35.43
N ALA E 81 3.05 -29.03 35.07
CA ALA E 81 3.74 -28.94 33.80
C ALA E 81 4.89 -29.95 33.78
N LEU E 82 5.14 -30.52 32.62
CA LEU E 82 6.22 -31.47 32.48
C LEU E 82 7.57 -30.94 32.90
N SER E 83 7.70 -29.63 32.90
CA SER E 83 8.96 -28.96 33.20
C SER E 83 9.15 -28.90 34.70
N SER E 84 8.05 -28.84 35.43
CA SER E 84 8.03 -28.90 36.88
C SER E 84 8.26 -30.30 37.40
N VAL E 85 7.54 -31.28 36.83
CA VAL E 85 7.86 -32.68 37.00
C VAL E 85 9.38 -32.92 36.71
N GLU E 86 9.86 -32.54 35.54
CA GLU E 86 11.30 -32.68 35.24
C GLU E 86 12.20 -32.09 36.32
N LYS E 87 11.90 -30.86 36.78
CA LYS E 87 12.80 -30.15 37.69
C LYS E 87 12.78 -30.77 39.11
N THR E 88 11.59 -31.16 39.59
CA THR E 88 11.41 -31.88 40.86
C THR E 88 12.24 -33.17 40.86
N LEU E 89 12.03 -33.97 39.81
CA LEU E 89 12.60 -35.30 39.66
C LEU E 89 14.11 -35.25 39.55
N LEU E 90 14.65 -34.29 38.77
CA LEU E 90 16.08 -33.97 38.78
C LEU E 90 16.66 -33.56 40.16
N GLU E 91 15.82 -32.99 41.02
CA GLU E 91 16.22 -32.62 42.40
C GLU E 91 16.30 -33.89 43.25
N ALA E 92 15.30 -34.73 43.17
CA ALA E 92 15.35 -36.03 43.83
C ALA E 92 16.55 -36.88 43.39
N VAL E 93 16.88 -36.89 42.10
CA VAL E 93 17.97 -37.73 41.60
C VAL E 93 19.35 -37.27 42.13
N ALA E 94 19.51 -35.97 42.34
CA ALA E 94 20.77 -35.38 42.76
C ALA E 94 20.93 -35.35 44.29
N LYS E 95 19.84 -35.65 45.00
CA LYS E 95 19.77 -35.60 46.47
C LYS E 95 19.44 -36.94 47.14
N LEU E 96 18.94 -37.90 46.38
CA LEU E 96 18.52 -39.16 46.99
C LEU E 96 19.46 -40.30 46.60
N PRO E 97 19.47 -41.39 47.38
CA PRO E 97 20.36 -42.48 46.98
C PRO E 97 19.93 -43.17 45.68
N THR E 98 20.90 -43.42 44.81
CA THR E 98 20.71 -44.11 43.54
C THR E 98 19.64 -45.20 43.57
N GLN E 99 19.51 -45.89 44.70
CA GLN E 99 18.68 -47.08 44.71
C GLN E 99 17.19 -46.77 44.82
N LYS E 100 16.87 -45.56 45.29
CA LYS E 100 15.49 -45.10 45.46
C LYS E 100 14.85 -44.45 44.18
N THR E 101 15.70 -44.03 43.24
CA THR E 101 15.37 -43.16 42.14
C THR E 101 15.42 -43.82 40.76
N GLU E 102 15.25 -45.13 40.74
CA GLU E 102 15.28 -45.88 39.49
C GLU E 102 14.16 -45.47 38.51
N VAL E 103 12.91 -45.36 39.02
CA VAL E 103 11.76 -44.94 38.22
C VAL E 103 11.86 -43.45 37.80
N PHE E 104 12.26 -42.56 38.72
CA PHE E 104 12.45 -41.16 38.40
C PHE E 104 13.43 -40.98 37.24
N ARG E 105 14.46 -41.82 37.19
CA ARG E 105 15.47 -41.72 36.13
C ARG E 105 14.97 -42.23 34.79
N GLY E 106 14.06 -43.19 34.81
CA GLY E 106 13.35 -43.62 33.60
C GLY E 106 12.43 -42.52 33.08
N VAL E 107 11.76 -41.80 33.98
CA VAL E 107 10.88 -40.69 33.59
C VAL E 107 11.69 -39.56 32.95
N LEU E 108 12.83 -39.28 33.56
CA LEU E 108 13.76 -38.29 33.08
C LEU E 108 14.34 -38.65 31.73
N GLU E 109 14.63 -39.93 31.52
CA GLU E 109 15.08 -40.32 30.20
C GLU E 109 14.05 -40.06 29.08
N GLN E 110 12.79 -40.39 29.33
CA GLN E 110 11.73 -40.13 28.37
C GLN E 110 11.57 -38.62 28.12
N LEU E 111 11.65 -37.82 29.21
CA LEU E 111 11.49 -36.36 29.18
C LEU E 111 12.67 -35.60 28.58
N ARG E 112 13.84 -36.23 28.53
CA ARG E 112 15.02 -35.63 27.91
C ARG E 112 14.69 -34.95 26.57
N TRP E 113 14.51 -35.80 25.56
CA TRP E 113 14.41 -35.43 24.17
C TRP E 113 12.93 -35.44 23.73
N PHE E 114 12.07 -34.93 24.61
CA PHE E 114 10.62 -34.87 24.49
C PHE E 114 10.40 -33.41 24.11
N ALA E 115 9.79 -33.15 22.96
CA ALA E 115 9.45 -31.77 22.54
C ALA E 115 10.61 -30.76 22.65
N GLY E 116 10.36 -29.62 23.32
CA GLY E 116 11.36 -28.62 23.75
C GLY E 116 10.95 -27.91 25.03
N LYS E 117 11.62 -26.84 25.45
CA LYS E 117 11.15 -26.15 26.71
C LYS E 117 9.76 -25.49 26.63
N GLN E 118 9.42 -24.96 25.44
CA GLN E 118 8.10 -24.32 25.23
C GLN E 118 6.98 -25.30 25.49
N VAL E 119 7.05 -26.50 24.93
CA VAL E 119 5.98 -27.50 25.14
C VAL E 119 5.96 -28.03 26.60
N LYS E 120 7.14 -28.23 27.20
CA LYS E 120 7.24 -28.82 28.55
C LYS E 120 6.79 -27.83 29.61
N SER E 121 7.03 -26.54 29.37
CA SER E 121 6.59 -25.49 30.28
C SER E 121 5.08 -25.40 30.40
N VAL E 122 4.33 -25.93 29.39
CA VAL E 122 2.86 -25.85 29.36
C VAL E 122 2.09 -27.19 29.34
N ALA E 123 2.70 -28.24 28.77
CA ALA E 123 2.08 -29.56 28.74
C ALA E 123 1.92 -30.12 30.15
N SER E 124 0.71 -30.54 30.51
CA SER E 124 0.53 -31.19 31.82
C SER E 124 0.86 -32.72 31.84
N LEU E 125 1.15 -33.23 33.04
CA LEU E 125 1.13 -34.69 33.35
C LEU E 125 -0.11 -35.44 32.90
N GLY E 126 -1.27 -35.02 33.41
CA GLY E 126 -2.59 -35.61 33.16
C GLY E 126 -3.09 -35.50 31.71
N GLY E 127 -2.74 -34.43 31.04
CA GLY E 127 -3.01 -34.27 29.62
C GLY E 127 -2.31 -35.35 28.82
N ASN E 128 -1.05 -35.59 29.11
CA ASN E 128 -0.33 -36.72 28.52
C ASN E 128 -0.93 -38.10 28.84
N ILE E 129 -1.17 -38.35 30.13
CA ILE E 129 -1.73 -39.61 30.56
C ILE E 129 -3.08 -39.94 29.92
N ILE E 130 -4.00 -39.00 29.98
CA ILE E 130 -5.38 -39.24 29.48
C ILE E 130 -5.55 -39.13 27.95
N THR E 131 -4.72 -38.33 27.27
CA THR E 131 -4.70 -38.36 25.82
C THR E 131 -4.58 -39.84 25.43
N ALA E 132 -3.67 -40.57 26.07
CA ALA E 132 -3.56 -42.02 25.89
C ALA E 132 -3.22 -42.36 24.45
N SER E 133 -2.32 -41.57 23.86
CA SER E 133 -1.77 -41.87 22.56
C SER E 133 -1.07 -43.23 22.55
N PRO E 134 -1.22 -44.01 21.45
CA PRO E 134 -0.46 -45.26 21.39
C PRO E 134 1.04 -44.99 21.55
N ILE E 135 1.48 -43.76 21.25
CA ILE E 135 2.93 -43.46 21.34
C ILE E 135 3.35 -42.51 22.45
N SER E 136 2.55 -42.48 23.54
CA SER E 136 2.96 -41.72 24.72
C SER E 136 4.23 -42.31 25.26
N ASP E 137 5.23 -41.45 25.54
CA ASP E 137 6.48 -41.85 26.16
C ASP E 137 6.36 -42.06 27.67
N LEU E 138 5.27 -41.54 28.24
CA LEU E 138 5.19 -41.56 29.69
C LEU E 138 4.35 -42.74 30.18
N ASN E 139 3.24 -43.04 29.52
CA ASN E 139 2.41 -44.16 29.93
C ASN E 139 3.07 -45.55 30.09
N PRO E 140 3.98 -45.93 29.16
CA PRO E 140 4.73 -47.20 29.40
C PRO E 140 5.63 -47.18 30.66
N VAL E 141 6.27 -46.03 30.96
CA VAL E 141 7.00 -45.84 32.23
C VAL E 141 6.05 -45.95 33.45
N PHE E 142 4.93 -45.26 33.39
CA PHE E 142 3.94 -45.28 34.47
C PHE E 142 3.26 -46.63 34.62
N MET E 143 3.24 -47.42 33.55
CA MET E 143 2.64 -48.74 33.62
C MET E 143 3.63 -49.75 34.15
N ALA E 144 4.90 -49.64 33.75
CA ALA E 144 5.94 -50.55 34.20
C ALA E 144 6.23 -50.36 35.69
N SER E 145 6.13 -49.13 36.18
CA SER E 145 6.40 -48.81 37.59
C SER E 145 5.16 -48.87 38.46
N GLY E 146 4.00 -49.07 37.84
CA GLY E 146 2.72 -49.11 38.57
C GLY E 146 2.38 -47.81 39.30
N THR E 147 2.75 -46.69 38.69
CA THR E 147 2.50 -45.36 39.22
C THR E 147 1.07 -45.29 39.67
N LYS E 148 0.82 -44.66 40.82
CA LYS E 148 -0.54 -44.63 41.36
C LYS E 148 -1.30 -43.38 40.93
N LEU E 149 -2.55 -43.57 40.49
CA LEU E 149 -3.34 -42.50 39.94
C LEU E 149 -4.53 -42.25 40.81
N THR E 150 -4.66 -41.03 41.33
CA THR E 150 -5.85 -40.65 42.08
C THR E 150 -6.88 -39.93 41.17
N ILE E 151 -8.09 -40.46 41.20
CA ILE E 151 -9.19 -40.18 40.32
C ILE E 151 -10.39 -39.84 41.20
N VAL E 152 -11.11 -38.81 40.78
CA VAL E 152 -12.00 -38.11 41.67
C VAL E 152 -13.20 -37.69 40.87
N SER E 153 -14.35 -37.74 41.54
CA SER E 153 -15.67 -37.53 40.97
C SER E 153 -16.43 -36.77 42.05
N ARG E 154 -17.40 -35.95 41.69
CA ARG E 154 -18.20 -35.30 42.72
C ARG E 154 -18.80 -36.44 43.55
N GLY E 155 -18.37 -36.56 44.80
CA GLY E 155 -18.82 -37.71 45.58
C GLY E 155 -17.81 -38.82 45.80
N THR E 156 -17.32 -39.45 44.73
CA THR E 156 -16.28 -40.51 44.84
C THR E 156 -14.81 -40.12 44.71
N ARG E 157 -13.97 -40.92 45.36
CA ARG E 157 -12.53 -40.86 45.26
C ARG E 157 -11.96 -42.28 45.23
N ARG E 158 -10.96 -42.51 44.37
CA ARG E 158 -10.26 -43.78 44.26
C ARG E 158 -8.80 -43.63 43.78
N THR E 159 -7.96 -44.59 44.16
CA THR E 159 -6.58 -44.61 43.77
C THR E 159 -6.37 -45.99 43.18
N VAL E 160 -5.55 -46.06 42.12
CA VAL E 160 -5.16 -47.33 41.52
C VAL E 160 -3.76 -47.22 40.95
N PRO E 161 -3.00 -48.33 40.96
CA PRO E 161 -1.79 -48.33 40.18
C PRO E 161 -2.18 -48.41 38.70
N MET E 162 -1.37 -47.80 37.81
CA MET E 162 -1.60 -47.96 36.39
C MET E 162 -1.23 -49.37 35.97
N ASP E 163 -2.10 -49.97 35.18
CA ASP E 163 -1.83 -51.29 34.64
C ASP E 163 -2.48 -51.48 33.26
N HIS E 164 -2.35 -52.69 32.72
CA HIS E 164 -2.73 -52.95 31.34
C HIS E 164 -4.21 -52.62 31.04
N THR E 165 -5.04 -52.62 32.08
CA THR E 165 -6.48 -52.40 31.94
C THR E 165 -6.88 -50.92 31.93
N PHE E 166 -6.00 -50.01 32.41
CA PHE E 166 -6.33 -48.59 32.46
C PHE E 166 -6.57 -48.04 31.02
N PHE E 167 -6.00 -48.75 30.04
CA PHE E 167 -6.15 -48.40 28.62
C PHE E 167 -6.91 -49.52 27.93
N PRO E 168 -8.26 -49.47 27.95
CA PRO E 168 -9.05 -50.54 27.34
C PRO E 168 -8.95 -50.61 25.80
N SER E 169 -8.92 -49.45 25.12
CA SER E 169 -9.02 -49.36 23.67
C SER E 169 -8.33 -48.09 23.14
N TYR E 170 -8.42 -47.83 21.83
CA TYR E 170 -7.74 -46.71 21.19
C TYR E 170 -8.10 -45.39 21.78
N ARG E 171 -7.12 -44.79 22.46
CA ARG E 171 -7.25 -43.47 23.07
C ARG E 171 -8.29 -43.30 24.16
N LYS E 172 -8.74 -44.44 24.72
CA LYS E 172 -9.64 -44.52 25.86
C LYS E 172 -8.89 -44.93 27.13
N THR E 173 -9.32 -44.38 28.28
CA THR E 173 -8.79 -44.76 29.59
C THR E 173 -9.98 -45.17 30.44
N LEU E 174 -9.70 -45.84 31.55
CA LEU E 174 -10.72 -46.31 32.49
C LEU E 174 -11.30 -45.21 33.40
N LEU E 175 -11.48 -44.00 32.92
CA LEU E 175 -12.19 -42.99 33.71
C LEU E 175 -13.68 -42.99 33.38
N GLY E 176 -14.50 -42.93 34.42
CA GLY E 176 -15.93 -42.74 34.27
C GLY E 176 -16.30 -41.33 33.76
N PRO E 177 -17.55 -41.17 33.27
CA PRO E 177 -17.93 -39.96 32.58
C PRO E 177 -17.87 -38.70 33.48
N GLU E 178 -17.94 -38.88 34.79
CA GLU E 178 -17.91 -37.76 35.75
C GLU E 178 -16.55 -37.50 36.40
N GLU E 179 -15.58 -38.37 36.12
CA GLU E 179 -14.25 -38.35 36.77
C GLU E 179 -13.14 -37.49 36.09
N ILE E 180 -12.22 -36.98 36.92
CA ILE E 180 -10.96 -36.38 36.52
C ILE E 180 -9.78 -37.07 37.21
N LEU E 181 -8.62 -37.06 36.56
CA LEU E 181 -7.39 -37.44 37.19
C LEU E 181 -6.94 -36.25 38.09
N LEU E 182 -6.63 -36.56 39.35
CA LEU E 182 -6.30 -35.56 40.34
C LEU E 182 -4.79 -35.45 40.54
N SER E 183 -4.16 -36.59 40.79
CA SER E 183 -2.74 -36.63 41.09
C SER E 183 -2.16 -37.96 40.67
N ILE E 184 -0.85 -37.96 40.46
CA ILE E 184 -0.09 -39.12 40.04
C ILE E 184 1.10 -39.26 40.99
N GLU E 185 1.18 -40.37 41.73
CA GLU E 185 2.39 -40.65 42.52
C GLU E 185 3.43 -41.53 41.82
N ILE E 186 4.55 -40.91 41.50
CA ILE E 186 5.63 -41.63 40.86
C ILE E 186 6.49 -42.27 41.97
N PRO E 187 6.67 -43.63 41.87
CA PRO E 187 7.16 -44.39 43.01
C PRO E 187 8.68 -44.38 43.19
N TYR E 188 9.08 -44.45 44.45
CA TYR E 188 10.45 -44.78 44.79
C TYR E 188 10.71 -46.24 44.39
N SER E 189 11.92 -46.48 43.90
CA SER E 189 12.44 -47.83 43.72
C SER E 189 12.70 -48.44 45.07
N ARG E 190 12.40 -49.72 45.20
CA ARG E 190 12.70 -50.47 46.40
C ARG E 190 14.11 -51.09 46.28
N GLU E 191 14.59 -51.74 47.33
CA GLU E 191 15.86 -52.47 47.24
C GLU E 191 15.64 -53.64 46.29
N ASP E 192 16.71 -54.04 45.60
CA ASP E 192 16.66 -55.10 44.55
C ASP E 192 15.72 -54.77 43.34
N GLU E 193 15.31 -53.50 43.19
CA GLU E 193 14.38 -53.06 42.10
C GLU E 193 15.11 -52.23 41.06
N PHE E 194 14.89 -52.55 39.77
CA PHE E 194 15.66 -51.86 38.71
C PHE E 194 14.77 -51.36 37.56
N PHE E 195 15.13 -50.20 37.00
CA PHE E 195 14.27 -49.55 35.99
C PHE E 195 15.05 -48.97 34.84
N SER E 196 14.48 -49.14 33.64
CA SER E 196 15.04 -48.61 32.40
C SER E 196 13.93 -48.13 31.47
N ALA E 197 14.10 -46.98 30.84
CA ALA E 197 13.20 -46.61 29.79
C ALA E 197 13.96 -46.30 28.52
N PHE E 198 13.30 -46.54 27.39
CA PHE E 198 13.90 -46.40 26.06
C PHE E 198 12.88 -45.87 25.07
N LYS E 199 13.36 -45.26 24.02
CA LYS E 199 12.48 -44.83 22.97
C LYS E 199 13.12 -44.75 21.59
N GLN E 200 12.31 -45.07 20.60
CA GLN E 200 12.65 -44.99 19.20
C GLN E 200 13.02 -43.58 18.75
N ALA E 201 14.08 -43.54 17.96
CA ALA E 201 14.68 -42.32 17.46
C ALA E 201 13.82 -41.58 16.43
N SER E 202 12.78 -42.23 15.90
CA SER E 202 12.04 -41.63 14.77
C SER E 202 10.51 -41.66 14.92
N ARG E 203 9.89 -40.50 14.74
CA ARG E 203 8.43 -40.38 14.68
C ARG E 203 8.10 -40.02 13.22
N ARG E 204 7.06 -40.65 12.66
CA ARG E 204 6.85 -40.65 11.19
C ARG E 204 5.36 -40.68 10.82
N GLU E 205 4.51 -41.14 11.74
CA GLU E 205 3.05 -40.94 11.58
C GLU E 205 2.49 -40.38 12.88
N ASP E 206 1.35 -39.70 12.76
CA ASP E 206 0.79 -38.86 13.83
C ASP E 206 0.84 -39.48 15.22
N ASP E 207 0.45 -40.75 15.35
CA ASP E 207 0.51 -41.40 16.67
C ASP E 207 0.57 -42.91 16.67
N ILE E 208 1.08 -43.48 15.60
CA ILE E 208 1.29 -44.91 15.60
C ILE E 208 2.76 -45.20 15.41
N ALA E 209 3.15 -46.42 15.77
CA ALA E 209 4.39 -47.03 15.26
C ALA E 209 5.68 -46.35 15.73
N LYS E 210 5.69 -45.88 16.98
CA LYS E 210 6.90 -45.35 17.55
C LYS E 210 7.22 -46.06 18.83
N VAL E 211 8.21 -46.96 18.78
CA VAL E 211 8.48 -47.82 19.95
C VAL E 211 9.02 -47.04 21.15
N THR E 212 8.27 -47.12 22.23
CA THR E 212 8.61 -46.47 23.47
C THR E 212 8.29 -47.45 24.64
N CYS E 213 9.20 -47.57 25.62
CA CYS E 213 9.00 -48.60 26.64
C CYS E 213 9.53 -48.22 28.03
N GLY E 214 8.97 -48.83 29.06
CA GLY E 214 9.51 -48.78 30.41
C GLY E 214 9.62 -50.20 30.89
N MET E 215 10.73 -50.51 31.56
CA MET E 215 11.05 -51.87 32.02
C MET E 215 11.45 -51.92 33.50
N ARG E 216 10.77 -52.75 34.28
CA ARG E 216 11.01 -52.84 35.72
C ARG E 216 11.23 -54.29 36.11
N VAL E 217 12.30 -54.55 36.86
CA VAL E 217 12.51 -55.88 37.43
C VAL E 217 12.67 -55.80 38.96
N LEU E 218 12.00 -56.70 39.71
CA LEU E 218 12.28 -56.86 41.14
C LEU E 218 12.92 -58.22 41.51
N PHE E 219 14.10 -58.20 42.11
CA PHE E 219 14.69 -59.44 42.64
C PHE E 219 14.24 -59.83 44.08
N GLN E 220 14.25 -61.14 44.39
CA GLN E 220 14.12 -61.58 45.80
C GLN E 220 15.34 -60.98 46.48
N PRO E 221 15.21 -60.61 47.79
CA PRO E 221 16.26 -59.79 48.44
C PRO E 221 17.65 -60.37 48.19
N GLY E 222 18.58 -59.52 47.74
CA GLY E 222 19.98 -59.93 47.49
C GLY E 222 20.25 -60.93 46.36
N SER E 223 19.19 -61.48 45.77
CA SER E 223 19.32 -62.54 44.78
C SER E 223 19.54 -62.03 43.37
N MET E 224 19.25 -62.91 42.41
CA MET E 224 19.37 -62.67 40.97
C MET E 224 18.13 -63.26 40.41
N GLN E 225 17.27 -63.65 41.35
CA GLN E 225 16.03 -64.37 41.10
C GLN E 225 14.87 -63.38 41.00
N VAL E 226 14.00 -63.59 40.03
CA VAL E 226 12.96 -62.63 39.70
C VAL E 226 11.71 -62.75 40.59
N LYS E 227 11.28 -61.63 41.15
CA LYS E 227 10.02 -61.59 41.91
C LYS E 227 8.87 -60.96 41.10
N GLU E 228 9.21 -59.91 40.34
CA GLU E 228 8.25 -59.20 39.48
C GLU E 228 9.00 -58.69 38.27
N LEU E 229 8.33 -58.73 37.12
CA LEU E 229 8.93 -58.23 35.88
C LEU E 229 7.86 -57.56 35.08
N ALA E 230 8.13 -56.32 34.67
CA ALA E 230 7.14 -55.53 33.91
C ALA E 230 7.79 -54.91 32.67
N LEU E 231 7.29 -55.31 31.51
CA LEU E 231 7.77 -54.84 30.21
C LEU E 231 6.60 -54.22 29.46
N CYS E 232 6.57 -52.89 29.42
CA CYS E 232 5.46 -52.13 28.80
C CYS E 232 5.94 -51.36 27.58
N TYR E 233 5.14 -51.41 26.51
CA TYR E 233 5.51 -50.81 25.24
C TYR E 233 4.43 -49.91 24.65
N GLY E 234 4.83 -48.72 24.24
CA GLY E 234 4.05 -47.93 23.33
C GLY E 234 4.55 -48.13 21.91
N GLY E 235 3.73 -47.78 20.92
CA GLY E 235 4.12 -47.89 19.50
C GLY E 235 4.14 -49.28 18.88
N MET E 236 3.55 -50.24 19.59
CA MET E 236 3.43 -51.66 19.14
C MET E 236 1.98 -52.17 18.90
N ALA E 237 0.99 -51.31 19.17
CA ALA E 237 -0.44 -51.59 19.11
C ALA E 237 -1.11 -50.22 19.11
N ASP E 238 -2.45 -50.19 19.16
CA ASP E 238 -3.21 -48.94 19.23
C ASP E 238 -3.34 -48.40 20.66
N ARG E 239 -2.44 -48.84 21.54
CA ARG E 239 -2.46 -48.33 22.92
C ARG E 239 -1.21 -48.83 23.62
N THR E 240 -1.01 -48.35 24.84
CA THR E 240 0.11 -48.86 25.65
C THR E 240 -0.21 -50.28 26.11
N ILE E 241 0.70 -51.21 25.85
CA ILE E 241 0.48 -52.61 26.27
C ILE E 241 1.62 -53.14 27.17
N SER E 242 1.31 -54.22 27.88
CA SER E 242 2.21 -54.92 28.77
C SER E 242 2.44 -56.32 28.22
N ALA E 243 3.67 -56.84 28.31
CA ALA E 243 3.97 -58.12 27.71
C ALA E 243 3.83 -59.16 28.80
N LEU E 244 2.58 -59.53 29.11
CA LEU E 244 2.25 -60.25 30.36
C LEU E 244 2.53 -61.71 30.23
N LYS E 245 2.14 -62.31 29.12
CA LYS E 245 2.37 -63.71 28.86
C LYS E 245 3.87 -63.94 28.94
N THR E 246 4.64 -63.00 28.39
CA THR E 246 6.10 -63.09 28.34
C THR E 246 6.76 -62.97 29.71
N THR E 247 6.36 -61.97 30.49
CA THR E 247 7.01 -61.68 31.77
C THR E 247 6.57 -62.59 32.91
N GLN E 248 5.34 -63.10 32.81
CA GLN E 248 4.79 -63.98 33.82
C GLN E 248 5.53 -65.33 33.81
N LYS E 249 5.97 -65.74 32.62
CA LYS E 249 6.73 -67.01 32.42
C LYS E 249 8.12 -66.96 33.03
N GLN E 250 8.53 -65.77 33.50
CA GLN E 250 9.86 -65.58 34.09
C GLN E 250 9.84 -65.40 35.61
N LEU E 251 8.67 -65.44 36.24
CA LEU E 251 8.63 -65.29 37.72
C LEU E 251 9.39 -66.45 38.42
N SER E 252 10.28 -66.12 39.35
CA SER E 252 11.17 -67.08 40.07
C SER E 252 12.35 -67.69 39.28
N LYS E 253 12.45 -67.43 37.96
CA LYS E 253 13.67 -67.73 37.18
C LYS E 253 14.81 -66.79 37.55
N PHE E 254 16.01 -67.07 37.06
CA PHE E 254 17.22 -66.23 37.32
C PHE E 254 17.66 -65.42 36.08
N TRP E 255 18.35 -64.30 36.35
CA TRP E 255 18.77 -63.34 35.32
C TRP E 255 20.08 -63.77 34.61
N ASN E 256 19.88 -64.54 33.56
CA ASN E 256 20.94 -65.16 32.79
C ASN E 256 20.56 -65.21 31.31
N GLU E 257 21.48 -65.75 30.50
CA GLU E 257 21.33 -65.87 29.05
C GLU E 257 20.10 -66.71 28.60
N LYS E 258 19.59 -67.59 29.47
CA LYS E 258 18.39 -68.37 29.17
C LYS E 258 17.13 -67.49 29.39
N LEU E 259 17.13 -66.69 30.46
CA LEU E 259 16.12 -65.66 30.62
C LEU E 259 16.10 -64.80 29.36
N LEU E 260 17.27 -64.37 28.91
CA LEU E 260 17.35 -63.46 27.74
C LEU E 260 16.69 -63.98 26.44
N GLN E 261 17.16 -65.14 25.94
CA GLN E 261 16.58 -65.67 24.70
C GLN E 261 15.11 -66.10 24.85
N ASP E 262 14.69 -66.43 26.07
CA ASP E 262 13.27 -66.78 26.36
C ASP E 262 12.29 -65.59 26.42
N VAL E 263 12.69 -64.53 27.11
CA VAL E 263 12.00 -63.24 27.02
C VAL E 263 11.98 -62.79 25.55
N CYS E 264 13.12 -62.82 24.86
CA CYS E 264 13.12 -62.47 23.42
C CYS E 264 12.13 -63.34 22.64
N ALA E 265 12.24 -64.67 22.71
CA ALA E 265 11.24 -65.56 22.11
C ALA E 265 9.80 -65.16 22.40
N GLY E 266 9.54 -64.80 23.67
CA GLY E 266 8.23 -64.29 24.13
C GLY E 266 7.77 -63.00 23.47
N LEU E 267 8.58 -61.96 23.58
CA LEU E 267 8.36 -60.68 22.89
C LEU E 267 8.05 -60.85 21.39
N ALA E 268 8.88 -61.62 20.68
CA ALA E 268 8.66 -61.86 19.27
C ALA E 268 7.26 -62.44 19.00
N GLU E 269 6.80 -63.37 19.84
CA GLU E 269 5.49 -64.00 19.65
C GLU E 269 4.34 -63.15 20.18
N GLU E 270 4.44 -62.72 21.43
CA GLU E 270 3.35 -62.01 22.10
C GLU E 270 3.05 -60.66 21.43
N LEU E 271 4.08 -59.97 20.96
CA LEU E 271 3.93 -58.62 20.35
C LEU E 271 3.86 -58.64 18.81
N SER E 272 3.68 -59.82 18.23
CA SER E 272 3.71 -59.96 16.76
C SER E 272 2.96 -58.86 16.05
N LEU E 273 3.59 -58.32 15.04
CA LEU E 273 2.99 -57.35 14.18
C LEU E 273 2.63 -58.03 12.87
N SER E 274 1.40 -57.81 12.39
CA SER E 274 0.96 -58.35 11.11
C SER E 274 1.62 -57.53 9.98
N PRO E 275 1.75 -58.12 8.76
CA PRO E 275 2.47 -57.45 7.68
C PRO E 275 1.86 -56.10 7.34
N ASP E 276 0.54 -56.00 7.40
CA ASP E 276 -0.14 -54.72 7.15
C ASP E 276 -0.47 -53.89 8.45
N ALA E 277 0.26 -54.14 9.53
CA ALA E 277 -0.01 -53.46 10.82
C ALA E 277 0.09 -51.97 10.57
N PRO E 278 -0.85 -51.18 11.13
CA PRO E 278 -0.75 -49.72 10.89
C PRO E 278 0.62 -49.15 11.33
N GLY E 279 1.27 -48.44 10.41
CA GLY E 279 2.52 -47.77 10.71
C GLY E 279 3.73 -48.31 9.99
N GLY E 280 3.67 -49.56 9.51
CA GLY E 280 4.78 -50.19 8.78
C GLY E 280 5.99 -50.31 9.68
N MET E 281 7.20 -50.35 9.10
CA MET E 281 8.46 -50.52 9.90
C MET E 281 8.45 -51.76 10.83
N ILE E 282 7.85 -52.82 10.29
CA ILE E 282 7.52 -54.06 10.98
C ILE E 282 8.76 -54.78 11.58
N GLU E 283 9.78 -54.91 10.76
CA GLU E 283 11.02 -55.57 11.10
C GLU E 283 11.70 -54.78 12.21
N PHE E 284 11.78 -53.46 12.00
CA PHE E 284 12.52 -52.54 12.85
C PHE E 284 11.88 -52.45 14.22
N ARG E 285 10.55 -52.27 14.26
CA ARG E 285 9.83 -52.25 15.55
C ARG E 285 10.05 -53.54 16.35
N ARG E 286 9.89 -54.69 15.68
CA ARG E 286 10.25 -55.99 16.26
C ARG E 286 11.63 -55.99 16.91
N THR E 287 12.62 -55.67 16.11
CA THR E 287 14.02 -55.57 16.53
C THR E 287 14.33 -54.65 17.75
N LEU E 288 13.68 -53.49 17.84
CA LEU E 288 13.72 -52.62 19.01
C LEU E 288 13.08 -53.17 20.29
N THR E 289 11.95 -53.87 20.18
CA THR E 289 11.39 -54.50 21.39
C THR E 289 12.40 -55.47 22.07
N LEU E 290 13.12 -56.27 21.26
CA LEU E 290 14.14 -57.17 21.78
C LEU E 290 15.40 -56.40 22.16
N SER E 291 15.82 -55.48 21.28
CA SER E 291 17.04 -54.67 21.46
C SER E 291 17.02 -53.83 22.74
N PHE E 292 15.88 -53.16 22.97
CA PHE E 292 15.63 -52.43 24.22
C PHE E 292 15.67 -53.39 25.44
N PHE E 293 14.99 -54.53 25.34
CA PHE E 293 15.09 -55.50 26.40
C PHE E 293 16.50 -56.00 26.68
N PHE E 294 17.29 -56.22 25.65
CA PHE E 294 18.67 -56.58 25.82
C PHE E 294 19.42 -55.50 26.56
N LYS E 295 19.18 -54.22 26.23
CA LYS E 295 19.84 -53.12 26.94
C LYS E 295 19.40 -53.14 28.40
N PHE E 296 18.13 -53.42 28.67
CA PHE E 296 17.64 -53.50 30.07
C PHE E 296 18.33 -54.65 30.78
N TYR E 297 18.38 -55.79 30.11
CA TYR E 297 19.07 -56.99 30.58
C TYR E 297 20.57 -56.71 30.91
N LEU E 298 21.33 -56.12 30.01
CA LEU E 298 22.73 -55.79 30.34
C LEU E 298 22.93 -54.66 31.38
N THR E 299 21.97 -53.75 31.49
CA THR E 299 22.03 -52.69 32.50
C THR E 299 21.76 -53.28 33.89
N VAL E 300 20.79 -54.18 33.95
CA VAL E 300 20.40 -54.84 35.20
C VAL E 300 21.60 -55.60 35.73
N LEU E 301 22.18 -56.46 34.88
CA LEU E 301 23.49 -57.11 35.13
C LEU E 301 24.58 -56.16 35.57
N LYS E 302 24.69 -54.99 34.94
CA LYS E 302 25.67 -53.99 35.34
C LYS E 302 25.42 -53.49 36.78
N LYS E 303 24.15 -53.26 37.10
CA LYS E 303 23.70 -52.69 38.38
C LYS E 303 23.80 -53.69 39.53
N LEU E 304 23.53 -54.96 39.25
CA LEU E 304 23.82 -56.07 40.17
C LEU E 304 25.34 -56.36 40.25
N GLY E 305 25.93 -56.79 39.11
CA GLY E 305 27.30 -57.34 39.00
C GLY E 305 28.39 -56.47 39.60
N ASP F 1 36.06 0.54 1.65
CA ASP F 1 36.16 -0.86 1.12
C ASP F 1 35.94 -1.91 2.24
N THR F 2 34.80 -2.61 2.17
CA THR F 2 34.49 -3.69 3.09
C THR F 2 34.52 -5.05 2.36
N VAL F 3 34.78 -5.04 1.04
CA VAL F 3 34.83 -6.31 0.33
C VAL F 3 35.92 -7.20 0.98
N GLY F 4 35.50 -8.39 1.38
CA GLY F 4 36.36 -9.37 2.05
C GLY F 4 36.27 -9.36 3.56
N ARG F 5 35.40 -8.53 4.13
CA ARG F 5 35.33 -8.40 5.59
C ARG F 5 34.08 -9.13 6.13
N PRO F 6 34.16 -9.65 7.36
CA PRO F 6 33.02 -10.36 7.92
C PRO F 6 31.89 -9.39 8.33
N LEU F 7 31.37 -8.63 7.37
CA LEU F 7 30.26 -7.68 7.63
C LEU F 7 28.93 -8.42 7.89
N PRO F 8 28.31 -8.21 9.07
CA PRO F 8 27.04 -8.84 9.31
C PRO F 8 25.96 -8.46 8.29
N HIS F 9 25.13 -9.44 7.97
CA HIS F 9 23.89 -9.23 7.21
C HIS F 9 23.26 -7.90 7.63
N LEU F 10 22.90 -7.08 6.65
CA LEU F 10 22.46 -5.68 6.87
C LEU F 10 21.18 -5.61 7.67
N ALA F 11 20.36 -6.66 7.53
CA ALA F 11 19.06 -6.65 8.18
C ALA F 11 19.01 -7.40 9.45
N ALA F 12 20.15 -7.92 9.94
CA ALA F 12 20.16 -8.94 11.05
C ALA F 12 19.69 -8.39 12.35
N ALA F 13 19.98 -7.11 12.59
CA ALA F 13 19.61 -6.44 13.84
C ALA F 13 18.11 -6.29 13.92
N MET F 14 17.49 -6.02 12.77
CA MET F 14 16.04 -5.90 12.68
C MET F 14 15.29 -7.25 12.70
N GLN F 15 15.94 -8.30 12.23
CA GLN F 15 15.47 -9.69 12.32
C GLN F 15 15.48 -10.16 13.77
N ALA F 16 16.55 -9.82 14.51
CA ALA F 16 16.64 -10.06 15.98
C ALA F 16 15.59 -9.34 16.82
N SER F 17 15.20 -8.15 16.36
CA SER F 17 14.24 -7.28 17.09
C SER F 17 12.78 -7.46 16.65
N GLY F 18 12.56 -8.21 15.58
CA GLY F 18 11.19 -8.46 15.09
C GLY F 18 10.63 -7.27 14.33
N GLU F 19 11.52 -6.41 13.81
CA GLU F 19 11.12 -5.25 13.05
C GLU F 19 11.22 -5.46 11.55
N ALA F 20 11.97 -6.48 11.13
CA ALA F 20 12.12 -6.77 9.71
C ALA F 20 10.74 -7.32 9.23
N VAL F 21 10.22 -6.79 8.12
CA VAL F 21 8.85 -7.05 7.68
C VAL F 21 8.94 -8.15 6.62
N TYR F 22 8.31 -9.28 6.97
CA TYR F 22 8.11 -10.34 5.99
C TYR F 22 6.71 -10.15 5.45
N CYS F 23 6.40 -10.90 4.45
CA CYS F 23 5.18 -10.66 3.68
C CYS F 23 3.91 -10.62 4.54
N ASP F 24 3.72 -11.60 5.43
CA ASP F 24 2.53 -11.59 6.26
C ASP F 24 2.48 -10.54 7.34
N ASP F 25 3.62 -9.91 7.62
CA ASP F 25 3.72 -8.84 8.64
C ASP F 25 3.25 -7.48 8.11
N ILE F 26 3.09 -7.37 6.80
CA ILE F 26 2.60 -6.17 6.19
C ILE F 26 1.22 -6.00 6.73
N PRO F 27 0.88 -4.81 7.23
CA PRO F 27 -0.47 -4.46 7.69
C PRO F 27 -1.57 -4.70 6.63
N ARG F 28 -2.74 -5.05 7.11
CA ARG F 28 -3.90 -5.29 6.29
C ARG F 28 -4.62 -3.99 6.02
N TYR F 29 -5.12 -3.89 4.80
CA TYR F 29 -6.14 -2.87 4.47
C TYR F 29 -7.43 -3.13 5.20
N GLU F 30 -8.20 -2.08 5.49
CA GLU F 30 -9.42 -2.28 6.26
C GLU F 30 -10.34 -3.38 5.65
N ASN F 31 -10.34 -3.51 4.31
CA ASN F 31 -11.24 -4.39 3.58
C ASN F 31 -10.58 -5.69 3.11
N GLU F 32 -9.35 -5.93 3.57
CA GLU F 32 -8.56 -7.08 3.18
C GLU F 32 -9.20 -8.43 3.48
N LEU F 33 -9.27 -9.26 2.44
CA LEU F 33 -9.84 -10.63 2.59
C LEU F 33 -8.69 -11.65 2.67
N PHE F 34 -9.07 -12.92 2.93
CA PHE F 34 -8.13 -14.03 3.13
C PHE F 34 -8.57 -15.21 2.26
N LEU F 35 -7.60 -15.89 1.65
CA LEU F 35 -7.88 -16.99 0.73
C LEU F 35 -7.28 -18.29 1.28
N ARG F 36 -8.01 -19.39 1.13
CA ARG F 36 -7.53 -20.69 1.59
C ARG F 36 -7.77 -21.63 0.43
N LEU F 37 -6.70 -22.26 -0.05
CA LEU F 37 -6.83 -23.21 -1.17
C LEU F 37 -7.72 -24.41 -0.84
N VAL F 38 -8.43 -24.90 -1.86
CA VAL F 38 -9.19 -26.17 -1.82
C VAL F 38 -8.53 -27.19 -2.74
N THR F 39 -8.17 -28.32 -2.14
CA THR F 39 -7.12 -29.22 -2.64
C THR F 39 -7.66 -30.65 -2.79
N SER F 40 -7.16 -31.35 -3.81
CA SER F 40 -7.54 -32.75 -4.04
C SER F 40 -7.13 -33.74 -2.93
N THR F 41 -8.02 -34.67 -2.60
CA THR F 41 -7.72 -35.73 -1.62
C THR F 41 -7.47 -37.07 -2.30
N ARG F 42 -7.48 -37.02 -3.63
CA ARG F 42 -7.27 -38.17 -4.51
C ARG F 42 -6.09 -37.94 -5.44
N ALA F 43 -5.28 -38.99 -5.61
CA ALA F 43 -4.12 -38.96 -6.49
C ALA F 43 -4.50 -38.87 -7.94
N HIS F 44 -5.70 -39.34 -8.30
CA HIS F 44 -6.08 -39.36 -9.73
C HIS F 44 -7.55 -39.72 -9.86
N ALA F 45 -8.34 -38.77 -10.33
CA ALA F 45 -9.77 -38.93 -10.29
C ALA F 45 -10.45 -37.84 -11.08
N LYS F 46 -11.63 -38.16 -11.60
CA LYS F 46 -12.43 -37.20 -12.28
C LYS F 46 -13.14 -36.45 -11.16
N ILE F 47 -13.30 -35.12 -11.27
CA ILE F 47 -14.13 -34.37 -10.31
C ILE F 47 -15.58 -34.43 -10.80
N LYS F 48 -16.44 -35.06 -10.01
CA LYS F 48 -17.81 -35.35 -10.34
C LYS F 48 -18.78 -34.23 -9.83
N SER F 49 -18.45 -33.61 -8.69
CA SER F 49 -19.11 -32.40 -8.20
C SER F 49 -18.36 -31.70 -7.07
N ILE F 50 -18.72 -30.44 -6.86
CA ILE F 50 -18.25 -29.60 -5.76
C ILE F 50 -19.45 -28.86 -5.16
N ASP F 51 -19.65 -29.06 -3.86
CA ASP F 51 -20.75 -28.46 -3.17
C ASP F 51 -20.26 -27.46 -2.08
N VAL F 52 -20.63 -26.19 -2.23
CA VAL F 52 -20.18 -25.16 -1.30
C VAL F 52 -21.18 -24.81 -0.20
N SER F 53 -22.36 -25.44 -0.23
CA SER F 53 -23.50 -25.07 0.62
C SER F 53 -23.24 -25.04 2.12
N GLU F 54 -22.32 -25.86 2.62
CA GLU F 54 -21.94 -25.81 4.04
C GLU F 54 -20.94 -24.67 4.28
N ALA F 55 -20.10 -24.40 3.28
CA ALA F 55 -19.03 -23.44 3.39
C ALA F 55 -19.68 -22.08 3.52
N GLN F 56 -20.79 -21.91 2.79
CA GLN F 56 -21.59 -20.68 2.73
C GLN F 56 -22.30 -20.31 4.01
N LYS F 57 -22.26 -21.17 5.00
CA LYS F 57 -22.90 -20.87 6.27
C LYS F 57 -21.85 -20.49 7.31
N VAL F 58 -20.57 -20.59 6.95
CA VAL F 58 -19.50 -20.17 7.84
C VAL F 58 -19.52 -18.65 7.93
N PRO F 59 -19.53 -18.09 9.16
CA PRO F 59 -19.46 -16.65 9.32
C PRO F 59 -18.27 -16.08 8.55
N GLY F 60 -18.48 -14.92 7.91
CA GLY F 60 -17.46 -14.22 7.14
C GLY F 60 -17.18 -14.78 5.76
N PHE F 61 -17.92 -15.79 5.32
CA PHE F 61 -17.62 -16.40 4.01
C PHE F 61 -17.87 -15.42 2.90
N VAL F 62 -16.93 -15.28 1.96
CA VAL F 62 -17.14 -14.37 0.83
C VAL F 62 -17.56 -15.10 -0.49
N CYS F 63 -16.71 -16.03 -0.98
CA CYS F 63 -16.99 -16.79 -2.19
C CYS F 63 -16.14 -18.04 -2.29
N PHE F 64 -16.55 -18.91 -3.22
CA PHE F 64 -15.73 -20.00 -3.65
C PHE F 64 -15.27 -19.67 -5.05
N LEU F 65 -13.97 -19.89 -5.33
CA LEU F 65 -13.39 -19.71 -6.64
C LEU F 65 -12.98 -20.99 -7.31
N SER F 66 -13.21 -21.09 -8.61
CA SER F 66 -12.89 -22.32 -9.36
C SER F 66 -12.61 -21.96 -10.81
N ALA F 67 -12.23 -22.97 -11.62
CA ALA F 67 -11.80 -22.76 -13.04
C ALA F 67 -12.68 -21.78 -13.79
N ASP F 68 -13.98 -21.83 -13.54
CA ASP F 68 -14.95 -21.01 -14.29
C ASP F 68 -14.91 -19.54 -13.96
N ASP F 69 -14.22 -19.19 -12.88
CA ASP F 69 -14.13 -17.80 -12.42
C ASP F 69 -12.96 -17.08 -13.08
N ILE F 70 -12.10 -17.81 -13.78
CA ILE F 70 -10.88 -17.23 -14.37
C ILE F 70 -11.16 -16.39 -15.65
N PRO F 71 -10.80 -15.07 -15.64
CA PRO F 71 -11.13 -14.24 -16.81
C PRO F 71 -10.25 -14.50 -18.02
N GLY F 72 -9.01 -14.90 -17.80
CA GLY F 72 -8.11 -15.12 -18.91
C GLY F 72 -7.75 -16.55 -19.24
N SER F 73 -6.87 -17.17 -18.45
CA SER F 73 -6.37 -18.47 -18.87
C SER F 73 -6.18 -19.35 -17.66
N ASN F 74 -6.70 -20.59 -17.75
CA ASN F 74 -6.50 -21.68 -16.79
C ASN F 74 -5.35 -22.60 -17.19
N GLU F 75 -4.52 -22.15 -18.13
CA GLU F 75 -3.36 -22.92 -18.53
C GLU F 75 -2.11 -22.20 -18.00
N THR F 76 -1.37 -22.83 -17.11
CA THR F 76 -0.31 -22.10 -16.45
C THR F 76 0.91 -22.98 -16.33
N GLY F 77 1.89 -22.58 -15.56
CA GLY F 77 3.05 -23.46 -15.39
C GLY F 77 4.18 -23.14 -16.36
N LEU F 78 5.38 -23.54 -15.97
CA LEU F 78 6.60 -23.28 -16.73
C LEU F 78 6.48 -23.78 -18.15
N PHE F 79 5.94 -24.97 -18.34
CA PHE F 79 5.73 -25.56 -19.67
C PHE F 79 4.26 -25.61 -20.10
N ASN F 80 3.42 -24.77 -19.46
CA ASN F 80 2.02 -24.68 -19.86
C ASN F 80 1.25 -25.97 -19.75
N ASP F 81 1.61 -26.79 -18.76
CA ASP F 81 1.05 -28.13 -18.63
C ASP F 81 0.32 -28.27 -17.32
N GLU F 82 -0.02 -27.13 -16.72
CA GLU F 82 -0.77 -27.13 -15.47
C GLU F 82 -2.06 -26.30 -15.57
N THR F 83 -3.05 -26.61 -14.73
CA THR F 83 -4.20 -25.74 -14.46
C THR F 83 -3.89 -24.75 -13.28
N VAL F 84 -4.51 -23.57 -13.29
CA VAL F 84 -4.56 -22.70 -12.12
C VAL F 84 -5.48 -23.36 -11.12
N PHE F 85 -6.63 -23.81 -11.61
CA PHE F 85 -7.59 -24.60 -10.81
C PHE F 85 -7.96 -25.86 -11.62
N ALA F 86 -7.87 -27.05 -11.01
CA ALA F 86 -8.29 -28.28 -11.70
C ALA F 86 -9.74 -28.19 -12.19
N LYS F 87 -10.01 -28.55 -13.45
CA LYS F 87 -11.41 -28.49 -13.98
C LYS F 87 -12.15 -29.83 -13.96
N ASP F 88 -11.67 -30.81 -14.71
CA ASP F 88 -12.47 -32.02 -14.84
C ASP F 88 -11.75 -33.16 -14.17
N THR F 89 -10.45 -33.02 -14.03
CA THR F 89 -9.72 -34.09 -13.38
C THR F 89 -8.58 -33.59 -12.46
N VAL F 90 -8.51 -34.20 -11.27
CA VAL F 90 -7.35 -34.02 -10.40
C VAL F 90 -6.29 -35.10 -10.67
N THR F 91 -5.01 -34.69 -10.59
CA THR F 91 -3.89 -35.56 -10.88
C THR F 91 -2.84 -35.70 -9.80
N CYS F 92 -3.13 -35.26 -8.56
CA CYS F 92 -2.31 -35.64 -7.39
C CYS F 92 -3.11 -35.26 -6.15
N VAL F 93 -2.77 -35.85 -5.00
CA VAL F 93 -3.30 -35.40 -3.69
C VAL F 93 -3.01 -33.91 -3.40
N GLY F 94 -1.87 -33.35 -3.73
CA GLY F 94 -1.92 -31.83 -3.54
C GLY F 94 -2.72 -30.84 -4.46
N HIS F 95 -3.44 -31.38 -5.45
CA HIS F 95 -3.85 -30.67 -6.63
C HIS F 95 -4.91 -29.64 -6.37
N ILE F 96 -4.62 -28.39 -6.73
CA ILE F 96 -5.56 -27.27 -6.42
C ILE F 96 -6.80 -27.27 -7.32
N ILE F 97 -7.95 -27.33 -6.64
CA ILE F 97 -9.23 -27.31 -7.24
C ILE F 97 -9.88 -25.92 -7.26
N GLY F 98 -9.68 -25.15 -6.18
CA GLY F 98 -10.47 -23.93 -6.01
C GLY F 98 -9.94 -23.16 -4.85
N ALA F 99 -10.67 -22.18 -4.36
CA ALA F 99 -10.23 -21.47 -3.15
C ALA F 99 -11.45 -20.79 -2.50
N VAL F 100 -11.46 -20.77 -1.18
CA VAL F 100 -12.46 -20.04 -0.46
C VAL F 100 -11.84 -18.68 -0.14
N VAL F 101 -12.67 -17.65 -0.19
CA VAL F 101 -12.26 -16.32 0.23
C VAL F 101 -13.18 -16.01 1.42
N ALA F 102 -12.63 -15.57 2.55
CA ALA F 102 -13.44 -15.13 3.72
C ALA F 102 -12.83 -13.88 4.41
N ASP F 103 -13.43 -13.45 5.52
CA ASP F 103 -13.08 -12.19 6.12
C ASP F 103 -11.95 -12.29 7.16
N THR F 104 -11.56 -13.51 7.48
CA THR F 104 -10.45 -13.74 8.39
C THR F 104 -9.87 -15.06 7.90
N PRO F 105 -8.63 -15.37 8.26
CA PRO F 105 -8.03 -16.63 7.87
C PRO F 105 -8.57 -17.83 8.62
N GLU F 106 -9.07 -17.57 9.83
CA GLU F 106 -9.74 -18.57 10.61
C GLU F 106 -11.03 -18.97 9.90
N HIS F 107 -11.84 -17.99 9.52
CA HIS F 107 -13.04 -18.27 8.73
C HIS F 107 -12.78 -18.92 7.39
N ALA F 108 -11.72 -18.52 6.68
CA ALA F 108 -11.34 -19.19 5.40
C ALA F 108 -10.91 -20.68 5.62
N GLU F 109 -10.07 -20.91 6.63
CA GLU F 109 -9.71 -22.25 7.11
C GLU F 109 -10.92 -23.10 7.47
N ARG F 110 -11.86 -22.54 8.21
CA ARG F 110 -13.05 -23.29 8.57
C ARG F 110 -13.90 -23.64 7.32
N ALA F 111 -14.08 -22.68 6.42
CA ALA F 111 -14.99 -22.83 5.30
C ALA F 111 -14.41 -23.82 4.31
N ALA F 112 -13.11 -23.73 4.07
CA ALA F 112 -12.46 -24.63 3.10
C ALA F 112 -12.61 -26.10 3.53
N HIS F 113 -12.52 -26.34 4.85
CA HIS F 113 -12.62 -27.69 5.41
C HIS F 113 -13.98 -28.33 5.12
N VAL F 114 -15.00 -27.49 4.92
CA VAL F 114 -16.35 -27.95 4.68
C VAL F 114 -16.83 -27.93 3.18
N VAL F 115 -15.97 -27.51 2.24
CA VAL F 115 -16.26 -27.64 0.81
C VAL F 115 -16.26 -29.12 0.45
N LYS F 116 -17.28 -29.61 -0.27
CA LYS F 116 -17.43 -31.08 -0.48
C LYS F 116 -17.24 -31.45 -1.93
N VAL F 117 -16.20 -32.21 -2.20
CA VAL F 117 -15.91 -32.68 -3.53
C VAL F 117 -16.20 -34.17 -3.60
N THR F 118 -16.89 -34.59 -4.67
CA THR F 118 -17.09 -36.03 -4.83
C THR F 118 -16.35 -36.37 -6.12
N TYR F 119 -15.75 -37.56 -6.14
CA TYR F 119 -14.72 -37.94 -7.09
C TYR F 119 -15.07 -39.25 -7.74
N GLU F 120 -14.46 -39.47 -8.90
CA GLU F 120 -14.41 -40.81 -9.44
C GLU F 120 -12.96 -41.21 -9.80
N ASP F 121 -12.42 -42.15 -9.02
CA ASP F 121 -11.02 -42.63 -9.09
C ASP F 121 -10.66 -43.18 -10.47
N LEU F 122 -9.49 -42.77 -10.92
CA LEU F 122 -8.90 -43.20 -12.17
C LEU F 122 -7.55 -43.79 -11.76
N PRO F 123 -7.02 -44.73 -12.56
CA PRO F 123 -5.81 -45.43 -12.13
C PRO F 123 -4.58 -44.52 -12.05
N ALA F 124 -3.92 -44.54 -10.88
CA ALA F 124 -2.84 -43.65 -10.52
C ALA F 124 -1.50 -44.33 -10.74
N ILE F 125 -0.51 -43.53 -11.04
CA ILE F 125 0.86 -43.96 -11.18
C ILE F 125 1.66 -43.12 -10.20
N ILE F 126 2.29 -43.78 -9.24
CA ILE F 126 2.81 -43.13 -8.05
C ILE F 126 4.35 -43.19 -7.95
N THR F 127 4.89 -44.41 -8.10
CA THR F 127 6.28 -44.68 -7.85
C THR F 127 7.02 -44.57 -9.16
N ILE F 128 8.34 -44.41 -9.08
CA ILE F 128 9.20 -44.50 -10.25
C ILE F 128 9.01 -45.84 -11.03
N GLU F 129 9.03 -46.99 -10.32
CA GLU F 129 8.75 -48.30 -10.95
C GLU F 129 7.37 -48.43 -11.62
N ASP F 130 6.30 -47.88 -11.03
CA ASP F 130 5.02 -47.77 -11.74
C ASP F 130 5.21 -47.01 -13.04
N ALA F 131 5.92 -45.87 -12.98
CA ALA F 131 6.07 -45.00 -14.15
C ALA F 131 6.86 -45.64 -15.27
N ILE F 132 7.90 -46.39 -14.90
CA ILE F 132 8.67 -47.22 -15.87
C ILE F 132 7.77 -48.34 -16.48
N LYS F 133 7.05 -49.09 -15.63
CA LYS F 133 6.10 -50.15 -16.04
C LYS F 133 4.98 -49.63 -16.96
N ASN F 134 4.63 -48.36 -16.80
CA ASN F 134 3.57 -47.77 -17.62
C ASN F 134 4.07 -46.84 -18.70
N ASN F 135 5.39 -46.64 -18.79
CA ASN F 135 5.97 -45.81 -19.83
C ASN F 135 5.40 -44.39 -19.71
N SER F 136 5.55 -43.81 -18.53
CA SER F 136 4.82 -42.62 -18.16
C SER F 136 5.91 -41.64 -17.85
N PHE F 137 6.36 -40.93 -18.89
CA PHE F 137 7.52 -40.09 -18.81
C PHE F 137 7.24 -38.70 -19.34
N TYR F 138 7.98 -37.69 -18.84
CA TYR F 138 8.01 -36.41 -19.57
C TYR F 138 9.18 -36.43 -20.52
N GLY F 139 8.84 -36.22 -21.79
CA GLY F 139 9.83 -36.07 -22.86
C GLY F 139 10.47 -37.39 -23.19
N SER F 140 11.51 -37.34 -24.01
CA SER F 140 12.37 -38.51 -24.27
C SER F 140 13.66 -38.45 -23.44
N GLU F 141 14.44 -39.52 -23.56
CA GLU F 141 15.65 -39.74 -22.77
C GLU F 141 16.76 -38.70 -23.03
N LEU F 142 17.40 -38.27 -21.95
CA LEU F 142 18.55 -37.41 -21.97
C LEU F 142 19.76 -38.30 -21.88
N LYS F 143 20.86 -37.93 -22.54
CA LYS F 143 22.06 -38.76 -22.55
C LYS F 143 23.30 -37.87 -22.62
N ILE F 144 24.34 -38.21 -21.84
CA ILE F 144 25.73 -37.75 -22.07
C ILE F 144 26.61 -39.01 -22.20
N GLU F 145 27.36 -39.12 -23.29
CA GLU F 145 28.17 -40.31 -23.57
C GLU F 145 29.54 -39.88 -24.06
N LYS F 146 30.57 -40.52 -23.51
CA LYS F 146 31.94 -40.26 -23.91
C LYS F 146 32.69 -41.58 -23.91
N GLY F 147 33.66 -41.69 -24.82
CA GLY F 147 34.59 -42.82 -24.84
C GLY F 147 33.95 -43.97 -25.57
N ASP F 148 34.26 -45.18 -25.11
CA ASP F 148 33.82 -46.42 -25.76
C ASP F 148 33.45 -47.42 -24.65
N LEU F 149 32.16 -47.52 -24.34
CA LEU F 149 31.71 -48.32 -23.18
C LEU F 149 31.97 -49.81 -23.35
N LYS F 150 31.48 -50.35 -24.48
CA LYS F 150 31.64 -51.74 -24.89
C LYS F 150 33.09 -51.87 -25.27
N LYS F 151 33.95 -52.18 -24.31
CA LYS F 151 35.41 -51.95 -24.51
C LYS F 151 36.15 -51.58 -23.25
N GLY F 152 35.68 -50.54 -22.57
CA GLY F 152 36.13 -50.27 -21.23
C GLY F 152 35.71 -51.38 -20.27
N PHE F 153 34.49 -51.89 -20.48
CA PHE F 153 33.96 -53.10 -19.82
C PHE F 153 34.70 -54.41 -20.24
N SER F 154 35.29 -54.39 -21.42
CA SER F 154 36.16 -55.46 -21.89
C SER F 154 37.52 -55.48 -21.22
N GLU F 155 38.01 -54.34 -20.72
CA GLU F 155 39.31 -54.31 -20.03
C GLU F 155 39.17 -54.38 -18.53
N ALA F 156 37.96 -54.13 -18.03
CA ALA F 156 37.72 -54.13 -16.58
C ALA F 156 38.03 -55.51 -15.95
N ASP F 157 38.88 -55.50 -14.91
CA ASP F 157 39.02 -56.61 -13.97
C ASP F 157 37.67 -56.96 -13.30
N ASN F 158 36.97 -55.93 -12.79
CA ASN F 158 35.62 -56.09 -12.20
C ASN F 158 34.50 -55.24 -12.78
N VAL F 159 33.28 -55.56 -12.40
CA VAL F 159 32.10 -54.84 -12.82
C VAL F 159 31.17 -54.98 -11.63
N VAL F 160 30.98 -53.91 -10.87
CA VAL F 160 29.89 -53.82 -9.91
C VAL F 160 28.62 -53.17 -10.49
N SER F 161 27.52 -53.90 -10.40
CA SER F 161 26.22 -53.42 -10.79
C SER F 161 25.26 -53.33 -9.58
N GLY F 162 24.26 -52.47 -9.68
CA GLY F 162 23.43 -52.13 -8.53
C GLY F 162 22.25 -51.27 -8.93
N GLU F 163 21.35 -51.03 -7.97
CA GLU F 163 20.24 -50.08 -8.13
C GLU F 163 20.30 -49.25 -6.85
N LEU F 164 19.92 -47.96 -6.94
CA LEU F 164 20.01 -47.07 -5.79
C LEU F 164 18.82 -46.15 -5.80
N TYR F 165 18.38 -45.79 -4.62
CA TYR F 165 17.32 -44.81 -4.48
C TYR F 165 17.70 -43.72 -3.47
N ILE F 166 17.33 -42.49 -3.81
CA ILE F 166 17.46 -41.35 -2.90
C ILE F 166 16.13 -40.65 -2.72
N GLY F 167 15.69 -40.54 -1.46
CA GLY F 167 14.39 -39.95 -1.12
C GLY F 167 14.47 -38.47 -1.46
N GLY F 168 13.31 -37.82 -1.57
CA GLY F 168 13.20 -36.35 -1.83
C GLY F 168 13.31 -35.49 -0.59
N GLN F 169 12.79 -34.28 -0.62
CA GLN F 169 13.08 -33.37 0.52
C GLN F 169 12.09 -32.23 0.51
N ASP F 170 11.59 -31.87 1.70
CA ASP F 170 10.79 -30.69 1.85
C ASP F 170 11.62 -29.47 2.16
N HIS F 171 11.27 -28.32 1.59
CA HIS F 171 12.17 -27.18 1.78
C HIS F 171 12.13 -26.73 3.18
N PHE F 172 10.97 -26.69 3.81
CA PHE F 172 10.95 -26.18 5.20
C PHE F 172 11.68 -24.81 5.36
N TYR F 173 11.55 -23.93 4.37
CA TYR F 173 11.83 -22.48 4.60
C TYR F 173 10.99 -22.21 5.87
N LEU F 174 11.51 -21.49 6.86
CA LEU F 174 10.71 -21.24 8.05
C LEU F 174 9.46 -20.42 7.76
N GLU F 175 9.47 -19.58 6.71
CA GLU F 175 8.29 -18.88 6.24
C GLU F 175 7.72 -19.62 5.07
N THR F 176 6.49 -20.09 5.19
CA THR F 176 5.80 -20.73 4.06
C THR F 176 5.45 -19.70 2.94
N HIS F 177 4.83 -20.21 1.88
CA HIS F 177 4.48 -19.36 0.76
C HIS F 177 3.42 -18.35 1.25
N CYS F 178 3.47 -17.13 0.67
CA CYS F 178 2.67 -16.00 1.06
C CYS F 178 2.56 -14.97 -0.10
N THR F 179 1.36 -14.45 -0.37
CA THR F 179 1.12 -13.37 -1.34
C THR F 179 0.01 -12.46 -0.83
N ILE F 180 0.20 -11.17 -1.04
CA ILE F 180 -0.85 -10.17 -0.90
C ILE F 180 -0.99 -9.61 -2.32
N ALA F 181 -2.22 -9.49 -2.83
CA ALA F 181 -2.48 -8.92 -4.16
C ALA F 181 -3.39 -7.75 -3.93
N ILE F 182 -3.00 -6.59 -4.46
CA ILE F 182 -3.83 -5.38 -4.29
C ILE F 182 -4.34 -4.96 -5.68
N PRO F 183 -5.66 -5.10 -5.92
CA PRO F 183 -6.22 -4.67 -7.22
C PRO F 183 -6.50 -3.15 -7.19
N LYS F 184 -6.01 -2.40 -8.19
CA LYS F 184 -6.08 -0.93 -8.24
C LYS F 184 -7.37 -0.37 -8.89
N GLY F 185 -8.20 -1.25 -9.50
CA GLY F 185 -9.50 -0.82 -9.99
C GLY F 185 -9.38 -0.11 -11.32
N GLU F 186 -8.15 0.11 -11.77
CA GLU F 186 -7.87 0.78 -13.06
C GLU F 186 -7.11 -0.11 -14.01
N GLU F 187 -7.70 -0.42 -15.17
CA GLU F 187 -6.98 -0.98 -16.31
C GLU F 187 -6.43 -2.37 -16.04
N GLY F 188 -6.93 -3.04 -15.01
CA GLY F 188 -6.39 -4.33 -14.64
C GLY F 188 -5.09 -4.25 -13.84
N GLU F 189 -4.76 -3.08 -13.35
CA GLU F 189 -3.57 -2.90 -12.57
C GLU F 189 -3.64 -3.65 -11.26
N MET F 190 -2.56 -4.33 -10.92
CA MET F 190 -2.50 -5.04 -9.67
C MET F 190 -1.08 -4.94 -9.12
N GLU F 191 -0.99 -4.75 -7.81
CA GLU F 191 0.30 -4.68 -7.12
C GLU F 191 0.41 -5.84 -6.16
N LEU F 192 1.49 -6.64 -6.24
CA LEU F 192 1.57 -7.89 -5.40
C LEU F 192 2.85 -7.89 -4.62
N PHE F 193 2.75 -8.29 -3.33
CA PHE F 193 3.87 -8.48 -2.41
C PHE F 193 3.95 -9.95 -2.17
N VAL F 194 5.10 -10.55 -2.47
CA VAL F 194 5.18 -11.99 -2.50
C VAL F 194 6.51 -12.47 -2.03
N SER F 195 6.46 -13.67 -1.44
CA SER F 195 7.63 -14.46 -0.95
C SER F 195 8.01 -15.40 -2.10
N THR F 196 8.79 -14.89 -3.06
CA THR F 196 9.20 -15.65 -4.25
C THR F 196 10.56 -15.25 -4.68
N GLN F 197 11.29 -16.19 -5.30
CA GLN F 197 12.64 -15.96 -5.86
C GLN F 197 12.49 -15.59 -7.31
N ASN F 198 11.27 -15.54 -7.81
CA ASN F 198 11.01 -15.32 -9.23
C ASN F 198 9.84 -14.36 -9.44
N ALA F 199 10.06 -13.09 -9.09
CA ALA F 199 9.09 -11.96 -9.43
C ALA F 199 8.69 -11.87 -10.89
N MET F 200 9.57 -12.24 -11.81
CA MET F 200 9.18 -12.18 -13.23
C MET F 200 8.08 -13.20 -13.64
N LYS F 201 8.29 -14.48 -13.33
CA LYS F 201 7.25 -15.44 -13.58
C LYS F 201 6.03 -15.15 -12.74
N THR F 202 6.21 -14.64 -11.52
CA THR F 202 4.99 -14.31 -10.80
C THR F 202 4.13 -13.34 -11.64
N GLN F 203 4.73 -12.24 -12.08
CA GLN F 203 4.14 -11.21 -12.96
C GLN F 203 3.52 -11.74 -14.25
N SER F 204 4.26 -12.61 -14.95
CA SER F 204 3.78 -13.20 -16.24
C SER F 204 2.60 -14.11 -16.07
N PHE F 205 2.66 -14.94 -15.01
CA PHE F 205 1.61 -15.98 -14.76
C PHE F 205 0.32 -15.35 -14.25
N VAL F 206 0.44 -14.34 -13.39
CA VAL F 206 -0.67 -13.52 -12.91
C VAL F 206 -1.37 -12.79 -14.09
N ALA F 207 -0.60 -12.16 -14.95
CA ALA F 207 -1.14 -11.46 -16.12
C ALA F 207 -1.86 -12.38 -17.14
N LYS F 208 -1.29 -13.57 -17.36
CA LYS F 208 -1.81 -14.55 -18.28
C LYS F 208 -3.09 -15.10 -17.72
N MET F 209 -3.16 -15.31 -16.40
CA MET F 209 -4.37 -15.82 -15.81
C MET F 209 -5.49 -14.78 -15.92
N LEU F 210 -5.12 -13.52 -15.66
CA LEU F 210 -6.06 -12.41 -15.77
C LEU F 210 -6.42 -12.00 -17.20
N GLY F 211 -5.55 -12.28 -18.16
CA GLY F 211 -5.77 -11.91 -19.56
C GLY F 211 -5.42 -10.44 -19.80
N VAL F 212 -4.38 -9.97 -19.13
CA VAL F 212 -4.00 -8.56 -19.26
C VAL F 212 -2.50 -8.51 -19.55
N PRO F 213 -2.02 -7.37 -20.15
CA PRO F 213 -0.57 -7.25 -20.39
C PRO F 213 0.23 -7.29 -19.11
N VAL F 214 1.43 -7.86 -19.18
CA VAL F 214 2.35 -7.91 -18.06
C VAL F 214 2.63 -6.52 -17.45
N ASN F 215 2.78 -5.48 -18.30
CA ASN F 215 2.96 -4.05 -17.84
C ASN F 215 1.89 -3.52 -16.86
N ARG F 216 0.79 -4.27 -16.70
CA ARG F 216 -0.24 -3.96 -15.69
C ARG F 216 0.13 -4.45 -14.26
N ILE F 217 1.07 -5.36 -14.17
CA ILE F 217 1.25 -6.23 -12.95
C ILE F 217 2.58 -5.88 -12.28
N LEU F 218 2.54 -5.43 -11.03
CA LEU F 218 3.74 -5.04 -10.31
C LEU F 218 3.90 -6.01 -9.14
N VAL F 219 5.10 -6.64 -9.05
CA VAL F 219 5.46 -7.64 -8.03
C VAL F 219 6.68 -7.10 -7.26
N ARG F 220 6.55 -7.06 -5.95
CA ARG F 220 7.52 -6.47 -5.09
C ARG F 220 7.91 -7.53 -4.08
N VAL F 221 9.22 -7.71 -3.90
CA VAL F 221 9.73 -8.71 -2.94
C VAL F 221 10.67 -7.99 -2.03
N LYS F 222 10.30 -7.85 -0.78
CA LYS F 222 11.23 -7.29 0.17
C LYS F 222 12.31 -8.29 0.63
N ARG F 223 11.83 -9.42 1.14
CA ARG F 223 12.66 -10.53 1.56
C ARG F 223 11.78 -11.79 1.64
N MET F 224 12.42 -12.96 1.60
CA MET F 224 11.78 -14.23 2.01
C MET F 224 12.41 -14.70 3.29
N GLY F 225 11.60 -15.37 4.10
CA GLY F 225 12.10 -16.20 5.21
C GLY F 225 12.46 -17.61 4.72
N GLY F 226 13.45 -17.69 3.83
CA GLY F 226 13.94 -18.95 3.24
C GLY F 226 13.27 -19.12 1.89
N GLY F 227 14.03 -19.66 0.94
CA GLY F 227 13.52 -20.00 -0.39
C GLY F 227 13.97 -21.41 -0.75
N PHE F 228 15.31 -21.58 -0.81
CA PHE F 228 16.04 -22.77 -1.20
C PHE F 228 15.60 -23.43 -2.52
N GLY F 229 15.03 -22.66 -3.42
CA GLY F 229 14.58 -23.24 -4.68
C GLY F 229 13.06 -23.47 -4.70
N GLY F 230 12.47 -23.56 -3.52
CA GLY F 230 11.07 -23.89 -3.39
C GLY F 230 10.15 -22.74 -3.69
N LYS F 231 10.75 -21.53 -3.82
CA LYS F 231 9.97 -20.32 -4.29
C LYS F 231 10.48 -19.80 -5.63
N GLU F 232 11.19 -20.65 -6.40
CA GLU F 232 11.67 -20.29 -7.74
C GLU F 232 10.54 -20.34 -8.77
N THR F 233 9.62 -21.30 -8.61
CA THR F 233 8.46 -21.40 -9.49
C THR F 233 7.15 -21.67 -8.78
N ARG F 234 7.20 -22.45 -7.69
CA ARG F 234 6.00 -23.04 -7.14
C ARG F 234 5.20 -22.04 -6.39
N SER F 235 5.84 -20.93 -6.00
CA SER F 235 5.21 -19.80 -5.34
C SER F 235 4.03 -19.23 -6.13
N THR F 236 4.04 -19.40 -7.45
CA THR F 236 2.92 -18.92 -8.25
C THR F 236 1.58 -19.65 -8.04
N LEU F 237 1.59 -20.89 -7.52
CA LEU F 237 0.36 -21.63 -7.18
C LEU F 237 -0.48 -20.81 -6.22
N VAL F 238 0.18 -20.10 -5.33
CA VAL F 238 -0.52 -19.30 -4.33
C VAL F 238 -0.82 -17.90 -4.91
N SER F 239 0.18 -17.33 -5.58
CA SER F 239 0.13 -15.97 -6.09
C SER F 239 -1.04 -15.79 -7.06
N VAL F 240 -1.21 -16.75 -7.97
CA VAL F 240 -2.16 -16.69 -9.08
C VAL F 240 -3.56 -16.85 -8.48
N ALA F 241 -3.67 -17.70 -7.45
CA ALA F 241 -4.94 -17.91 -6.80
C ALA F 241 -5.41 -16.65 -6.07
N VAL F 242 -4.50 -16.01 -5.35
CA VAL F 242 -4.75 -14.76 -4.60
C VAL F 242 -5.01 -13.59 -5.56
N ALA F 243 -4.28 -13.54 -6.67
CA ALA F 243 -4.59 -12.50 -7.70
C ALA F 243 -6.02 -12.62 -8.23
N LEU F 244 -6.46 -13.86 -8.53
CA LEU F 244 -7.86 -14.13 -8.95
C LEU F 244 -8.91 -13.59 -7.94
N ALA F 245 -8.66 -13.82 -6.67
CA ALA F 245 -9.61 -13.38 -5.66
C ALA F 245 -9.63 -11.84 -5.58
N ALA F 246 -8.48 -11.20 -5.77
CA ALA F 246 -8.43 -9.73 -5.80
C ALA F 246 -9.19 -9.20 -7.03
N TYR F 247 -8.87 -9.67 -8.21
CA TYR F 247 -9.69 -9.40 -9.38
C TYR F 247 -11.21 -9.56 -9.07
N LYS F 248 -11.63 -10.73 -8.60
CA LYS F 248 -13.04 -11.05 -8.53
C LYS F 248 -13.79 -10.14 -7.53
N THR F 249 -13.15 -9.84 -6.42
CA THR F 249 -13.80 -9.12 -5.32
C THR F 249 -13.55 -7.62 -5.40
N GLY F 250 -12.48 -7.22 -6.09
CA GLY F 250 -12.03 -5.85 -6.08
C GLY F 250 -11.42 -5.41 -4.76
N HIS F 251 -11.23 -6.34 -3.81
CA HIS F 251 -10.60 -6.05 -2.50
C HIS F 251 -9.16 -6.59 -2.52
N PRO F 252 -8.27 -6.03 -1.65
CA PRO F 252 -6.99 -6.69 -1.32
C PRO F 252 -7.20 -8.09 -0.74
N VAL F 253 -6.39 -9.04 -1.15
CA VAL F 253 -6.55 -10.41 -0.62
C VAL F 253 -5.18 -10.95 -0.31
N ARG F 254 -5.06 -11.70 0.78
CA ARG F 254 -3.80 -12.44 1.09
C ARG F 254 -4.04 -13.91 1.38
N CYS F 255 -2.97 -14.69 1.25
CA CYS F 255 -2.88 -16.07 1.73
C CYS F 255 -1.47 -16.29 2.19
N MET F 256 -1.30 -16.78 3.43
CA MET F 256 -0.10 -17.48 3.89
C MET F 256 -0.43 -18.96 4.18
N LEU F 257 0.29 -19.90 3.58
CA LEU F 257 -0.01 -21.32 3.86
C LEU F 257 0.35 -21.75 5.30
N ASP F 258 -0.48 -22.59 5.92
CA ASP F 258 -0.03 -23.40 7.08
C ASP F 258 1.00 -24.43 6.61
N ARG F 259 1.81 -24.99 7.53
CA ARG F 259 2.92 -25.87 7.13
C ARG F 259 2.39 -27.07 6.34
N ASN F 260 1.30 -27.60 6.84
CA ASN F 260 0.72 -28.82 6.29
C ASN F 260 0.26 -28.65 4.86
N GLU F 261 -0.26 -27.48 4.53
CA GLU F 261 -0.64 -27.15 3.16
C GLU F 261 0.58 -27.01 2.27
N ASP F 262 1.55 -26.22 2.72
CA ASP F 262 2.83 -26.02 2.06
C ASP F 262 3.52 -27.33 1.70
N MET F 263 3.64 -28.24 2.67
CA MET F 263 4.30 -29.56 2.42
C MET F 263 3.59 -30.42 1.42
N LEU F 264 2.27 -30.32 1.41
CA LEU F 264 1.45 -31.16 0.55
C LEU F 264 1.41 -30.64 -0.88
N ILE F 265 1.32 -29.32 -1.03
CA ILE F 265 0.90 -28.66 -2.27
C ILE F 265 2.12 -28.33 -3.15
N THR F 266 3.19 -27.85 -2.55
CA THR F 266 4.16 -27.07 -3.33
C THR F 266 5.35 -27.84 -3.92
N GLY F 267 5.41 -29.17 -3.65
CA GLY F 267 6.47 -30.03 -4.25
C GLY F 267 7.79 -29.87 -3.54
N GLY F 268 8.73 -30.77 -3.77
CA GLY F 268 10.02 -30.75 -3.06
C GLY F 268 11.20 -31.09 -3.97
N ARG F 269 12.28 -31.55 -3.37
CA ARG F 269 13.31 -32.23 -4.16
C ARG F 269 12.83 -33.55 -4.82
N HIS F 270 13.38 -33.80 -6.00
CA HIS F 270 13.08 -35.01 -6.81
C HIS F 270 13.70 -36.23 -6.21
N PRO F 271 12.86 -37.21 -5.86
CA PRO F 271 13.37 -38.55 -5.63
C PRO F 271 13.98 -39.05 -6.93
N PHE F 272 15.14 -39.68 -6.82
CA PHE F 272 15.91 -40.32 -7.93
C PHE F 272 16.14 -41.80 -7.68
N LEU F 273 15.85 -42.59 -8.70
CA LEU F 273 16.31 -43.97 -8.79
C LEU F 273 17.41 -44.11 -9.88
N ALA F 274 18.45 -44.89 -9.57
CA ALA F 274 19.54 -45.15 -10.47
C ALA F 274 19.85 -46.64 -10.61
N ARG F 275 20.05 -47.09 -11.84
CA ARG F 275 20.60 -48.39 -12.15
C ARG F 275 21.95 -48.13 -12.78
N TYR F 276 23.01 -48.64 -12.15
CA TYR F 276 24.41 -48.42 -12.57
C TYR F 276 25.25 -49.72 -12.74
N LYS F 277 26.41 -49.58 -13.35
CA LYS F 277 27.32 -50.68 -13.67
C LYS F 277 28.65 -49.98 -13.83
N VAL F 278 29.57 -50.15 -12.86
CA VAL F 278 30.95 -49.60 -12.92
C VAL F 278 31.98 -50.70 -13.27
N GLY F 279 32.82 -50.41 -14.26
CA GLY F 279 33.94 -51.26 -14.66
C GLY F 279 35.21 -50.63 -14.14
N PHE F 280 36.00 -51.42 -13.44
CA PHE F 280 37.21 -50.93 -12.77
C PHE F 280 38.29 -52.02 -12.80
N MET F 281 39.49 -51.65 -12.36
CA MET F 281 40.65 -52.56 -12.30
C MET F 281 40.93 -52.97 -10.85
N LYS F 282 41.73 -54.02 -10.62
CA LYS F 282 42.00 -54.57 -9.27
C LYS F 282 42.61 -53.48 -8.41
N THR F 283 43.14 -52.51 -9.13
CA THR F 283 43.74 -51.27 -8.65
C THR F 283 42.73 -50.23 -8.09
N GLY F 284 41.47 -50.31 -8.54
CA GLY F 284 40.44 -49.36 -8.14
C GLY F 284 40.17 -48.31 -9.20
N THR F 285 41.08 -48.22 -10.17
CA THR F 285 40.95 -47.31 -11.26
C THR F 285 39.69 -47.59 -12.10
N ILE F 286 38.86 -46.55 -12.26
CA ILE F 286 37.63 -46.63 -13.03
C ILE F 286 37.92 -46.60 -14.55
N VAL F 287 37.21 -47.45 -15.28
CA VAL F 287 37.44 -47.63 -16.68
C VAL F 287 36.15 -47.42 -17.49
N ALA F 288 35.03 -47.84 -16.90
CA ALA F 288 33.73 -47.77 -17.56
C ALA F 288 32.60 -47.58 -16.53
N LEU F 289 31.61 -46.76 -16.90
CA LEU F 289 30.50 -46.44 -16.01
C LEU F 289 29.29 -46.18 -16.86
N GLU F 290 28.23 -46.93 -16.59
CA GLU F 290 26.94 -46.70 -17.15
C GLU F 290 25.92 -46.45 -16.04
N VAL F 291 25.22 -45.32 -16.11
CA VAL F 291 24.18 -45.02 -15.10
C VAL F 291 22.90 -44.52 -15.77
N ASP F 292 21.79 -45.22 -15.57
CA ASP F 292 20.46 -44.70 -15.95
C ASP F 292 19.77 -44.15 -14.72
N HIS F 293 19.46 -42.85 -14.78
CA HIS F 293 18.81 -42.12 -13.70
C HIS F 293 17.37 -41.99 -14.04
N TYR F 294 16.53 -42.04 -13.01
CA TYR F 294 15.11 -41.78 -13.20
C TYR F 294 14.67 -40.84 -12.10
N SER F 295 13.96 -39.76 -12.46
CA SER F 295 13.51 -38.86 -11.38
C SER F 295 12.03 -38.91 -11.22
N ASN F 296 11.55 -38.83 -9.97
CA ASN F 296 10.09 -38.72 -9.77
C ASN F 296 9.68 -37.25 -9.97
N ALA F 297 9.13 -36.92 -11.16
CA ALA F 297 8.76 -35.52 -11.50
C ALA F 297 7.40 -34.94 -11.00
N GLY F 298 6.41 -35.80 -10.74
CA GLY F 298 5.13 -35.33 -10.23
C GLY F 298 4.27 -34.96 -11.43
N ASN F 299 3.22 -34.19 -11.18
CA ASN F 299 2.18 -34.03 -12.18
C ASN F 299 2.38 -32.83 -13.13
N SER F 300 3.57 -32.26 -13.18
CA SER F 300 3.86 -31.34 -14.28
C SER F 300 5.35 -31.35 -14.52
N ARG F 301 5.76 -30.83 -15.65
CA ARG F 301 7.18 -30.80 -15.97
C ARG F 301 7.93 -29.85 -15.04
N ASP F 302 7.40 -28.64 -14.83
CA ASP F 302 8.10 -27.59 -14.07
C ASP F 302 9.58 -27.61 -14.46
N LEU F 303 10.50 -27.64 -13.49
CA LEU F 303 11.95 -27.56 -13.73
C LEU F 303 12.67 -28.91 -13.86
N SER F 304 11.92 -29.99 -13.95
CA SER F 304 12.45 -31.34 -13.93
C SER F 304 13.51 -31.65 -14.96
N HIS F 305 13.32 -31.17 -16.18
CA HIS F 305 14.25 -31.47 -17.28
C HIS F 305 15.68 -30.93 -17.01
N SER F 306 15.75 -29.68 -16.53
CA SER F 306 17.01 -28.98 -16.21
C SER F 306 17.69 -29.55 -14.98
N ILE F 307 16.87 -29.99 -14.04
CA ILE F 307 17.31 -30.76 -12.88
C ILE F 307 18.03 -32.08 -13.30
N MET F 308 17.41 -32.84 -14.22
CA MET F 308 18.04 -34.03 -14.80
C MET F 308 19.29 -33.65 -15.60
N GLU F 309 19.22 -32.57 -16.40
CA GLU F 309 20.46 -32.10 -17.05
C GLU F 309 21.54 -31.88 -16.07
N ARG F 310 21.28 -31.15 -14.98
CA ARG F 310 22.30 -30.93 -13.96
C ARG F 310 22.74 -32.23 -13.29
N ALA F 311 21.86 -33.23 -13.24
CA ALA F 311 22.19 -34.51 -12.60
C ALA F 311 23.22 -35.11 -13.52
N LEU F 312 22.89 -35.14 -14.82
CA LEU F 312 23.78 -35.68 -15.83
C LEU F 312 25.16 -35.02 -15.80
N PHE F 313 25.23 -33.70 -15.67
CA PHE F 313 26.51 -32.98 -15.68
C PHE F 313 27.35 -33.30 -14.43
N HIS F 314 26.74 -33.98 -13.45
CA HIS F 314 27.39 -34.19 -12.14
C HIS F 314 27.64 -35.66 -11.74
N MET F 315 27.40 -36.55 -12.68
CA MET F 315 27.55 -37.98 -12.48
C MET F 315 29.02 -38.48 -12.35
N ASP F 316 29.98 -37.56 -12.50
CA ASP F 316 31.43 -37.81 -12.41
C ASP F 316 32.03 -37.41 -11.05
N ASN F 317 31.27 -36.69 -10.22
CA ASN F 317 31.87 -35.90 -9.12
C ASN F 317 33.23 -35.34 -9.57
N CYS F 318 34.29 -35.66 -8.84
CA CYS F 318 35.65 -35.24 -9.20
C CYS F 318 36.49 -36.32 -9.89
N TYR F 319 35.85 -37.23 -10.61
CA TYR F 319 36.47 -38.49 -11.04
C TYR F 319 36.55 -38.64 -12.57
N LYS F 320 37.76 -38.88 -13.05
CA LYS F 320 38.03 -39.06 -14.48
C LYS F 320 37.71 -40.51 -14.82
N ILE F 321 36.91 -40.70 -15.88
CA ILE F 321 36.30 -41.97 -16.27
C ILE F 321 36.28 -41.84 -17.74
N PRO F 322 37.04 -42.68 -18.46
CA PRO F 322 37.21 -42.43 -19.90
C PRO F 322 36.03 -42.84 -20.77
N ASN F 323 35.36 -43.93 -20.37
CA ASN F 323 34.24 -44.49 -21.11
C ASN F 323 33.04 -44.40 -20.16
N ILE F 324 32.00 -43.67 -20.59
CA ILE F 324 30.93 -43.23 -19.67
C ILE F 324 29.64 -42.99 -20.47
N ARG F 325 28.53 -43.56 -19.98
CA ARG F 325 27.20 -43.30 -20.51
C ARG F 325 26.22 -42.99 -19.36
N GLY F 326 25.64 -41.80 -19.36
CA GLY F 326 24.61 -41.46 -18.39
C GLY F 326 23.35 -41.06 -19.13
N THR F 327 22.23 -41.65 -18.72
CA THR F 327 20.95 -41.35 -19.32
C THR F 327 20.02 -40.85 -18.20
N GLY F 328 19.04 -40.03 -18.57
CA GLY F 328 18.13 -39.45 -17.61
C GLY F 328 16.75 -39.53 -18.18
N ARG F 329 15.81 -39.88 -17.32
CA ARG F 329 14.43 -39.99 -17.74
C ARG F 329 13.55 -39.36 -16.65
N LEU F 330 12.49 -38.65 -17.04
CA LEU F 330 11.61 -37.95 -16.07
C LEU F 330 10.27 -38.63 -15.92
N CYS F 331 10.01 -39.20 -14.74
CA CYS F 331 8.77 -39.94 -14.44
C CYS F 331 7.53 -39.06 -14.22
N LYS F 332 6.53 -39.26 -15.05
CA LYS F 332 5.25 -38.58 -14.96
C LYS F 332 4.34 -39.33 -13.95
N THR F 333 4.08 -38.69 -12.83
CA THR F 333 3.39 -39.34 -11.76
C THR F 333 2.29 -38.47 -11.17
N ASN F 334 1.40 -39.14 -10.45
CA ASN F 334 0.31 -38.57 -9.72
C ASN F 334 0.73 -38.09 -8.32
N LEU F 335 1.76 -37.24 -8.29
CA LEU F 335 2.19 -36.63 -7.05
C LEU F 335 2.42 -35.18 -7.30
N SER F 336 2.37 -34.37 -6.24
CA SER F 336 2.73 -32.94 -6.33
C SER F 336 3.99 -32.80 -7.16
N SER F 337 3.97 -31.83 -8.05
CA SER F 337 5.05 -31.59 -8.98
C SER F 337 6.30 -31.11 -8.25
N ASN F 338 7.37 -31.89 -8.40
CA ASN F 338 8.66 -31.54 -7.76
C ASN F 338 9.45 -30.45 -8.48
N THR F 339 10.40 -29.86 -7.76
CA THR F 339 10.94 -28.58 -8.20
C THR F 339 12.42 -28.37 -7.80
N ALA F 340 12.86 -27.14 -7.94
CA ALA F 340 14.18 -26.76 -7.48
C ALA F 340 14.31 -26.97 -6.00
N PHE F 341 15.46 -27.44 -5.60
CA PHE F 341 15.83 -27.51 -4.21
C PHE F 341 17.33 -27.42 -4.29
N ARG F 342 17.87 -26.39 -3.69
CA ARG F 342 19.29 -26.20 -3.42
C ARG F 342 20.17 -27.40 -3.79
N GLY F 343 20.82 -27.31 -4.95
CA GLY F 343 21.57 -28.47 -5.49
C GLY F 343 21.05 -28.89 -6.86
N PHE F 344 19.72 -28.95 -6.99
CA PHE F 344 19.05 -28.90 -8.33
C PHE F 344 19.46 -30.12 -9.22
N GLY F 345 19.30 -31.33 -8.68
CA GLY F 345 19.72 -32.59 -9.36
C GLY F 345 21.16 -33.01 -9.08
N GLY F 346 21.97 -32.03 -8.71
CA GLY F 346 23.36 -32.28 -8.47
C GLY F 346 23.63 -33.26 -7.37
N PRO F 347 23.12 -33.00 -6.13
CA PRO F 347 23.34 -33.89 -4.96
C PRO F 347 22.91 -35.35 -5.21
N GLN F 348 21.78 -35.55 -5.90
CA GLN F 348 21.31 -36.87 -6.23
C GLN F 348 22.32 -37.63 -7.12
N ALA F 349 22.75 -36.98 -8.22
CA ALA F 349 23.75 -37.55 -9.14
C ALA F 349 25.13 -37.75 -8.43
N LEU F 350 25.53 -36.82 -7.58
CA LEU F 350 26.79 -36.94 -6.84
C LEU F 350 26.73 -38.06 -5.79
N PHE F 351 25.58 -38.19 -5.11
CA PHE F 351 25.36 -39.30 -4.18
C PHE F 351 25.47 -40.67 -4.89
N ILE F 352 24.96 -40.74 -6.12
CA ILE F 352 25.00 -41.96 -6.94
C ILE F 352 26.47 -42.25 -7.20
N ALA F 353 27.21 -41.18 -7.56
CA ALA F 353 28.64 -41.27 -7.88
C ALA F 353 29.38 -41.84 -6.72
N GLU F 354 29.20 -41.21 -5.55
CA GLU F 354 29.90 -41.63 -4.34
C GLU F 354 29.55 -43.04 -3.84
N ASN F 355 28.32 -43.47 -4.06
CA ASN F 355 27.91 -44.82 -3.70
C ASN F 355 28.69 -45.87 -4.49
N TRP F 356 28.66 -45.78 -5.83
CA TRP F 356 29.39 -46.75 -6.63
C TRP F 356 30.91 -46.71 -6.37
N MET F 357 31.42 -45.55 -6.00
CA MET F 357 32.81 -45.40 -5.60
C MET F 357 33.11 -46.17 -4.29
N SER F 358 32.25 -46.02 -3.30
CA SER F 358 32.52 -46.60 -1.99
C SER F 358 32.52 -48.14 -2.08
N GLU F 359 31.85 -48.65 -3.12
CA GLU F 359 31.67 -50.06 -3.47
C GLU F 359 32.81 -50.61 -4.34
N VAL F 360 33.37 -49.74 -5.19
CA VAL F 360 34.65 -50.02 -5.86
C VAL F 360 35.76 -50.29 -4.84
N ALA F 361 35.88 -49.39 -3.85
CA ALA F 361 36.90 -49.54 -2.80
C ALA F 361 36.69 -50.79 -1.95
N VAL F 362 35.44 -51.09 -1.60
CA VAL F 362 35.12 -52.31 -0.83
C VAL F 362 35.49 -53.57 -1.63
N THR F 363 35.01 -53.67 -2.88
CA THR F 363 35.32 -54.79 -3.75
C THR F 363 36.83 -55.07 -3.89
N CYS F 364 37.65 -54.00 -3.97
CA CYS F 364 39.10 -54.10 -4.21
C CYS F 364 39.89 -54.35 -2.93
N GLY F 365 39.30 -54.11 -1.76
CA GLY F 365 39.99 -54.25 -0.48
C GLY F 365 40.98 -53.11 -0.26
N LEU F 366 40.66 -51.95 -0.85
CA LEU F 366 41.54 -50.79 -0.74
C LEU F 366 40.88 -49.73 0.13
N PRO F 367 41.69 -48.99 0.91
CA PRO F 367 41.28 -47.74 1.59
C PRO F 367 40.54 -46.82 0.61
N ALA F 368 39.47 -46.21 1.08
CA ALA F 368 38.58 -45.36 0.25
C ALA F 368 39.18 -44.01 -0.26
N GLU F 369 39.89 -43.24 0.59
CA GLU F 369 40.65 -42.00 0.15
C GLU F 369 41.60 -42.28 -0.99
N GLU F 370 42.16 -43.49 -0.94
CA GLU F 370 43.11 -43.97 -1.86
C GLU F 370 42.43 -44.19 -3.23
N VAL F 371 41.36 -44.96 -3.27
CA VAL F 371 40.62 -45.20 -4.53
C VAL F 371 40.10 -43.84 -5.12
N ARG F 372 39.56 -43.00 -4.25
CA ARG F 372 39.08 -41.68 -4.66
C ARG F 372 40.23 -40.80 -5.22
N TRP F 373 41.28 -40.55 -4.42
CA TRP F 373 42.48 -39.85 -4.89
C TRP F 373 43.07 -40.40 -6.20
N LYS F 374 43.21 -41.72 -6.33
CA LYS F 374 43.67 -42.37 -7.57
C LYS F 374 42.80 -41.93 -8.76
N ASN F 375 41.49 -41.80 -8.52
CA ASN F 375 40.56 -41.52 -9.62
C ASN F 375 40.29 -40.05 -9.99
N MET F 376 40.84 -39.12 -9.20
CA MET F 376 40.62 -37.67 -9.36
C MET F 376 41.13 -37.11 -10.68
N TYR F 377 40.31 -36.26 -11.29
CA TYR F 377 40.70 -35.40 -12.39
C TYR F 377 42.00 -34.75 -12.02
N LYS F 378 42.77 -34.37 -13.05
CA LYS F 378 43.95 -33.49 -12.91
C LYS F 378 43.55 -32.10 -13.43
N GLU F 379 44.17 -31.06 -12.88
CA GLU F 379 44.15 -29.77 -13.54
C GLU F 379 44.24 -29.97 -15.04
N GLY F 380 43.26 -29.40 -15.75
CA GLY F 380 43.31 -29.31 -17.19
C GLY F 380 42.55 -30.44 -17.82
N ASP F 381 42.08 -31.37 -16.99
CA ASP F 381 41.30 -32.51 -17.51
C ASP F 381 39.98 -32.05 -18.11
N LEU F 382 39.53 -32.74 -19.14
CA LEU F 382 38.17 -32.60 -19.60
C LEU F 382 37.21 -33.58 -18.87
N THR F 383 35.99 -33.06 -18.63
CA THR F 383 34.89 -33.79 -17.97
C THR F 383 34.23 -34.65 -19.02
N HIS F 384 33.28 -35.47 -18.60
CA HIS F 384 32.53 -36.28 -19.52
C HIS F 384 31.73 -35.54 -20.57
N PHE F 385 31.39 -34.28 -20.28
CA PHE F 385 30.66 -33.44 -21.23
C PHE F 385 31.62 -32.46 -21.94
N ASN F 386 32.93 -32.65 -21.71
CA ASN F 386 34.00 -32.06 -22.54
C ASN F 386 34.42 -30.64 -22.24
N GLN F 387 34.40 -30.29 -20.96
CA GLN F 387 34.72 -28.95 -20.53
C GLN F 387 35.95 -29.05 -19.69
N ARG F 388 36.92 -28.17 -19.97
CA ARG F 388 38.20 -28.21 -19.29
C ARG F 388 38.04 -27.78 -17.83
N LEU F 389 38.83 -28.37 -16.94
CA LEU F 389 38.85 -27.95 -15.56
C LEU F 389 40.07 -27.11 -15.35
N GLU F 390 39.84 -25.80 -15.33
CA GLU F 390 40.82 -24.77 -15.04
C GLU F 390 40.80 -24.37 -13.57
N GLY F 391 41.95 -24.32 -12.91
CA GLY F 391 41.98 -23.93 -11.49
C GLY F 391 41.14 -24.93 -10.72
N PHE F 392 41.48 -26.21 -10.90
CA PHE F 392 40.82 -27.34 -10.29
C PHE F 392 41.48 -27.49 -8.95
N SER F 393 40.78 -27.06 -7.90
CA SER F 393 41.39 -26.90 -6.60
C SER F 393 41.17 -28.04 -5.61
N VAL F 394 40.50 -29.10 -6.04
CA VAL F 394 40.13 -30.19 -5.13
C VAL F 394 41.35 -30.84 -4.47
N PRO F 395 42.43 -31.15 -5.24
CA PRO F 395 43.69 -31.64 -4.59
C PRO F 395 44.20 -30.84 -3.33
N ARG F 396 44.23 -29.50 -3.41
CA ARG F 396 44.52 -28.65 -2.24
C ARG F 396 43.48 -28.71 -1.13
N CYS F 397 42.19 -28.69 -1.49
CA CYS F 397 41.12 -28.85 -0.47
C CYS F 397 41.25 -30.24 0.17
N TRP F 398 41.60 -31.22 -0.65
CA TRP F 398 41.85 -32.60 -0.22
C TRP F 398 43.02 -32.72 0.78
N ASP F 399 44.24 -32.34 0.38
CA ASP F 399 45.37 -32.49 1.34
C ASP F 399 45.22 -31.59 2.53
N GLU F 400 44.61 -30.43 2.32
CA GLU F 400 44.43 -29.54 3.45
C GLU F 400 43.42 -30.10 4.45
N CYS F 401 42.37 -30.73 3.94
CA CYS F 401 41.35 -31.31 4.81
C CYS F 401 41.91 -32.55 5.56
N LEU F 402 42.59 -33.43 4.83
CA LEU F 402 43.35 -34.55 5.46
C LEU F 402 44.21 -34.04 6.61
N LYS F 403 45.05 -33.05 6.32
CA LYS F 403 45.98 -32.46 7.28
C LYS F 403 45.32 -31.84 8.53
N SER F 404 44.37 -30.91 8.34
CA SER F 404 43.67 -30.22 9.45
C SER F 404 42.64 -31.06 10.22
N SER F 405 42.00 -32.02 9.55
CA SER F 405 41.13 -32.95 10.26
C SER F 405 41.87 -34.08 10.98
N GLN F 406 43.20 -34.20 10.74
CA GLN F 406 44.00 -35.29 11.32
C GLN F 406 43.41 -36.64 10.93
N TYR F 407 43.10 -36.82 9.64
CA TYR F 407 42.34 -37.99 9.16
C TYR F 407 42.95 -39.34 9.56
N TYR F 408 44.20 -39.58 9.14
CA TYR F 408 44.97 -40.79 9.44
C TYR F 408 45.10 -41.03 10.96
N ALA F 409 45.55 -40.04 11.71
CA ALA F 409 45.47 -40.19 13.15
C ALA F 409 44.13 -40.81 13.61
N ARG F 410 43.01 -40.27 13.11
CA ARG F 410 41.65 -40.63 13.59
C ARG F 410 41.06 -41.88 12.91
N LYS F 411 41.54 -42.21 11.72
CA LYS F 411 41.23 -43.49 11.08
C LYS F 411 41.66 -44.62 12.03
N SER F 412 42.85 -44.48 12.63
CA SER F 412 43.36 -45.36 13.71
C SER F 412 42.45 -45.43 14.92
N GLU F 413 41.96 -44.30 15.41
CA GLU F 413 41.11 -44.29 16.60
C GLU F 413 39.84 -45.06 16.40
N VAL F 414 39.31 -44.98 15.18
CA VAL F 414 38.01 -45.55 14.82
C VAL F 414 38.16 -47.09 14.84
N ASP F 415 39.11 -47.60 14.05
CA ASP F 415 39.65 -48.96 14.18
C ASP F 415 39.78 -49.50 15.61
N LYS F 416 40.44 -48.74 16.49
CA LYS F 416 40.56 -49.07 17.91
C LYS F 416 39.15 -49.18 18.50
N PHE F 417 38.37 -48.11 18.40
CA PHE F 417 37.04 -48.05 19.01
C PHE F 417 36.20 -49.29 18.63
N ASN F 418 36.30 -49.71 17.36
CA ASN F 418 35.48 -50.78 16.81
C ASN F 418 35.85 -52.16 17.32
N LYS F 419 37.14 -52.36 17.59
CA LYS F 419 37.65 -53.53 18.32
C LYS F 419 37.27 -53.55 19.79
N GLU F 420 37.14 -52.38 20.42
CA GLU F 420 36.80 -52.35 21.85
C GLU F 420 35.29 -52.26 22.14
N ASN F 421 34.47 -52.27 21.09
CA ASN F 421 33.05 -52.00 21.24
C ASN F 421 32.22 -52.93 20.38
N CYS F 422 31.27 -53.57 21.05
CA CYS F 422 30.50 -54.59 20.45
C CYS F 422 29.27 -54.02 19.72
N TRP F 423 28.58 -53.11 20.41
CA TRP F 423 27.22 -52.70 20.10
C TRP F 423 27.09 -51.22 19.72
N LYS F 424 28.21 -50.50 19.80
CA LYS F 424 28.43 -49.20 19.16
C LYS F 424 29.60 -49.25 18.19
N LYS F 425 29.47 -48.61 17.04
CA LYS F 425 30.56 -48.53 16.06
C LYS F 425 30.84 -47.10 15.58
N ARG F 426 32.05 -46.87 15.08
CA ARG F 426 32.40 -45.57 14.46
C ARG F 426 32.67 -45.69 12.99
N GLY F 427 32.59 -44.55 12.30
CA GLY F 427 32.88 -44.43 10.89
C GLY F 427 33.51 -43.09 10.64
N LEU F 428 34.41 -43.08 9.66
CA LEU F 428 35.04 -41.85 9.26
C LEU F 428 35.06 -41.95 7.77
N CYS F 429 34.78 -40.84 7.11
CA CYS F 429 34.84 -40.79 5.66
C CYS F 429 35.12 -39.37 5.14
N ILE F 430 35.83 -39.29 4.02
CA ILE F 430 36.25 -38.02 3.40
C ILE F 430 35.77 -37.94 1.96
N ILE F 431 35.04 -36.87 1.64
CA ILE F 431 34.29 -36.79 0.38
C ILE F 431 34.61 -35.47 -0.39
N PRO F 432 34.97 -35.55 -1.69
CA PRO F 432 35.18 -34.31 -2.41
C PRO F 432 33.84 -33.78 -2.98
N THR F 433 33.86 -32.57 -3.54
CA THR F 433 32.80 -32.16 -4.46
C THR F 433 33.26 -31.17 -5.52
N LYS F 434 32.62 -31.21 -6.68
CA LYS F 434 32.62 -30.09 -7.62
C LYS F 434 31.19 -29.77 -8.09
N PHE F 435 30.90 -28.49 -8.25
CA PHE F 435 29.58 -28.10 -8.66
C PHE F 435 29.76 -27.02 -9.72
N GLY F 436 29.27 -27.27 -10.93
CA GLY F 436 29.23 -26.27 -12.00
C GLY F 436 28.39 -25.03 -11.71
N ILE F 437 28.97 -23.86 -11.95
CA ILE F 437 28.33 -22.57 -11.72
C ILE F 437 27.73 -21.94 -12.99
N SER F 438 26.41 -21.84 -13.00
CA SER F 438 25.59 -21.22 -14.07
C SER F 438 24.27 -21.97 -14.25
N PHE F 439 23.19 -21.27 -14.63
CA PHE F 439 21.98 -21.96 -15.09
C PHE F 439 22.30 -22.72 -16.34
N THR F 440 21.74 -23.93 -16.44
CA THR F 440 21.98 -24.81 -17.57
C THR F 440 21.21 -24.37 -18.78
N VAL F 441 20.27 -23.44 -18.56
CA VAL F 441 19.56 -22.75 -19.63
C VAL F 441 20.39 -21.44 -19.85
N PRO F 442 21.12 -21.36 -20.98
CA PRO F 442 22.05 -20.24 -21.21
C PRO F 442 21.42 -18.82 -21.07
N PHE F 443 20.18 -18.66 -21.53
CA PHE F 443 19.50 -17.38 -21.49
C PHE F 443 19.17 -16.79 -20.11
N LEU F 444 19.16 -17.61 -19.06
CA LEU F 444 18.95 -17.16 -17.69
C LEU F 444 20.13 -16.45 -17.04
N ASN F 445 21.29 -16.53 -17.69
CA ASN F 445 22.54 -16.00 -17.18
C ASN F 445 22.68 -14.57 -17.64
N GLN F 446 21.68 -13.78 -17.21
CA GLN F 446 21.55 -12.30 -17.40
C GLN F 446 21.14 -11.61 -16.09
N ALA F 447 21.57 -10.38 -15.88
CA ALA F 447 21.29 -9.63 -14.68
C ALA F 447 21.27 -8.13 -14.98
N GLY F 448 20.31 -7.42 -14.40
CA GLY F 448 20.18 -6.00 -14.56
C GLY F 448 20.25 -5.41 -13.15
N ALA F 449 20.60 -4.13 -13.11
CA ALA F 449 20.64 -3.29 -11.91
C ALA F 449 20.07 -1.91 -12.34
N LEU F 450 19.64 -1.13 -11.35
CA LEU F 450 19.28 0.26 -11.55
C LEU F 450 19.76 0.98 -10.34
N ILE F 451 20.51 2.06 -10.55
CA ILE F 451 21.04 2.85 -9.46
C ILE F 451 20.69 4.34 -9.67
N HIS F 452 20.32 4.98 -8.59
CA HIS F 452 19.96 6.38 -8.58
C HIS F 452 20.82 6.97 -7.48
N VAL F 453 21.45 8.10 -7.73
CA VAL F 453 22.09 8.83 -6.65
C VAL F 453 21.23 10.08 -6.41
N TYR F 454 20.75 10.26 -5.19
CA TYR F 454 20.01 11.47 -4.80
C TYR F 454 20.93 12.64 -4.47
N THR F 455 20.35 13.83 -4.29
CA THR F 455 21.11 15.06 -4.22
C THR F 455 21.75 15.31 -2.86
N ASP F 456 21.41 14.48 -1.87
CA ASP F 456 22.11 14.48 -0.61
C ASP F 456 23.31 13.51 -0.67
N GLY F 457 23.54 12.95 -1.88
CA GLY F 457 24.58 11.93 -2.17
C GLY F 457 24.26 10.47 -1.78
N SER F 458 23.11 10.26 -1.14
CA SER F 458 22.63 8.91 -0.80
C SER F 458 22.25 8.14 -2.09
N VAL F 459 22.59 6.85 -2.13
CA VAL F 459 22.44 5.99 -3.28
C VAL F 459 21.33 4.97 -3.01
N LEU F 460 20.45 4.78 -3.98
CA LEU F 460 19.48 3.68 -3.92
C LEU F 460 19.84 2.68 -4.99
N VAL F 461 20.13 1.46 -4.55
CA VAL F 461 20.44 0.38 -5.48
C VAL F 461 19.26 -0.55 -5.57
N SER F 462 18.99 -0.95 -6.79
CA SER F 462 17.96 -1.91 -7.10
C SER F 462 18.55 -2.86 -8.14
N HIS F 463 18.38 -4.17 -7.93
CA HIS F 463 18.92 -5.21 -8.84
C HIS F 463 17.91 -6.38 -8.99
N GLY F 464 18.13 -7.22 -10.00
CA GLY F 464 17.22 -8.34 -10.29
C GLY F 464 17.01 -9.35 -9.16
N GLY F 465 17.96 -9.45 -8.24
CA GLY F 465 18.04 -10.54 -7.28
C GLY F 465 17.22 -10.32 -6.03
N THR F 466 16.78 -11.40 -5.38
CA THR F 466 15.96 -11.26 -4.17
C THR F 466 16.75 -11.75 -2.96
N GLU F 467 16.47 -11.18 -1.80
CA GLU F 467 17.04 -11.61 -0.51
C GLU F 467 16.23 -12.74 0.15
N MET F 468 16.85 -13.89 0.41
CA MET F 468 16.16 -14.96 1.13
C MET F 468 16.96 -15.46 2.29
N GLY F 469 17.85 -14.62 2.79
CA GLY F 469 18.73 -14.93 3.92
C GLY F 469 20.19 -15.20 3.56
N GLN F 470 20.49 -15.20 2.26
CA GLN F 470 21.82 -15.53 1.83
C GLN F 470 22.79 -14.33 1.78
N GLY F 471 22.29 -13.15 2.16
CA GLY F 471 23.06 -11.86 2.18
C GLY F 471 23.47 -11.28 0.86
N LEU F 472 22.62 -11.47 -0.13
CA LEU F 472 22.74 -10.89 -1.43
C LEU F 472 22.82 -9.37 -1.36
N HIS F 473 21.86 -8.72 -0.70
CA HIS F 473 21.82 -7.26 -0.63
C HIS F 473 23.04 -6.77 0.13
N THR F 474 23.47 -7.52 1.15
CA THR F 474 24.68 -7.18 1.92
C THR F 474 25.93 -7.15 1.00
N LYS F 475 25.99 -8.08 0.04
CA LYS F 475 27.08 -8.20 -0.90
C LYS F 475 27.01 -7.24 -2.09
N MET F 476 25.81 -6.93 -2.56
CA MET F 476 25.65 -5.82 -3.49
C MET F 476 25.98 -4.43 -2.87
N VAL F 477 25.62 -4.21 -1.62
CA VAL F 477 26.00 -3.01 -0.93
C VAL F 477 27.56 -2.90 -0.81
N GLN F 478 28.22 -4.01 -0.51
CA GLN F 478 29.67 -4.07 -0.37
C GLN F 478 30.32 -3.83 -1.74
N VAL F 479 29.81 -4.44 -2.78
CA VAL F 479 30.33 -4.19 -4.11
C VAL F 479 30.13 -2.72 -4.59
N ALA F 480 28.91 -2.20 -4.44
CA ALA F 480 28.62 -0.84 -4.88
C ALA F 480 29.44 0.18 -4.09
N SER F 481 29.61 0.02 -2.79
CA SER F 481 30.46 0.89 -2.01
C SER F 481 31.89 0.89 -2.51
N LYS F 482 32.37 -0.31 -2.88
CA LYS F 482 33.74 -0.44 -3.27
C LYS F 482 33.82 0.20 -4.61
N ALA F 483 32.95 -0.19 -5.53
CA ALA F 483 32.96 0.36 -6.88
C ALA F 483 32.85 1.90 -6.87
N LEU F 484 32.01 2.46 -6.01
CA LEU F 484 31.85 3.91 -5.97
C LEU F 484 32.88 4.58 -5.08
N LYS F 485 33.53 3.80 -4.22
CA LYS F 485 34.52 4.31 -3.28
C LYS F 485 33.87 5.20 -2.23
N ILE F 486 32.68 4.80 -1.76
CA ILE F 486 31.97 5.53 -0.70
C ILE F 486 31.61 4.55 0.43
N PRO F 487 31.41 5.05 1.67
CA PRO F 487 31.01 4.15 2.73
C PRO F 487 29.64 3.44 2.48
N ILE F 488 29.57 2.19 2.93
CA ILE F 488 28.37 1.37 2.75
C ILE F 488 27.15 2.08 3.35
N SER F 489 27.39 2.92 4.37
CA SER F 489 26.31 3.64 5.03
C SER F 489 25.56 4.69 4.16
N LYS F 490 26.01 4.93 2.94
CA LYS F 490 25.38 5.90 2.02
C LYS F 490 24.52 5.23 0.96
N ILE F 491 24.60 3.89 0.94
CA ILE F 491 23.98 3.02 -0.04
C ILE F 491 22.91 2.20 0.67
N TYR F 492 21.78 2.02 0.01
CA TYR F 492 20.62 1.31 0.58
C TYR F 492 20.01 0.55 -0.54
N ILE F 493 19.44 -0.63 -0.22
CA ILE F 493 18.61 -1.41 -1.16
C ILE F 493 17.37 -1.69 -0.37
N SER F 494 16.21 -1.32 -0.90
CA SER F 494 14.95 -1.45 -0.23
C SER F 494 14.27 -2.79 -0.55
N GLU F 495 14.34 -3.18 -1.83
CA GLU F 495 13.62 -4.34 -2.23
C GLU F 495 13.79 -4.60 -3.70
N THR F 496 13.19 -5.68 -4.17
CA THR F 496 13.32 -6.08 -5.57
C THR F 496 11.94 -5.92 -6.18
N SER F 497 11.85 -5.32 -7.37
CA SER F 497 10.56 -5.18 -8.08
C SER F 497 10.62 -5.14 -9.58
N THR F 498 9.49 -5.53 -10.20
CA THR F 498 9.35 -5.65 -11.67
C THR F 498 9.33 -4.28 -12.39
N ASN F 499 9.09 -3.21 -11.62
CA ASN F 499 9.09 -1.87 -12.17
C ASN F 499 10.42 -1.12 -12.07
N THR F 500 11.37 -1.66 -11.31
CA THR F 500 12.79 -1.19 -11.37
C THR F 500 13.71 -2.03 -12.28
N VAL F 501 13.73 -3.36 -12.11
CA VAL F 501 14.46 -4.30 -12.98
C VAL F 501 13.51 -5.34 -13.55
N PRO F 502 13.20 -5.25 -14.87
CA PRO F 502 12.32 -6.18 -15.51
C PRO F 502 12.97 -7.53 -15.94
N ASN F 503 12.14 -8.53 -16.25
CA ASN F 503 12.60 -9.70 -17.00
C ASN F 503 13.77 -10.39 -16.29
N SER F 504 13.80 -10.31 -14.97
CA SER F 504 14.85 -10.96 -14.16
C SER F 504 14.69 -12.50 -14.18
N SER F 505 15.83 -13.18 -14.13
CA SER F 505 15.92 -14.62 -13.87
C SER F 505 15.58 -14.80 -12.42
N PRO F 506 15.09 -15.99 -12.02
CA PRO F 506 14.98 -16.24 -10.58
C PRO F 506 16.34 -16.18 -9.89
N THR F 507 16.29 -15.89 -8.61
CA THR F 507 17.47 -15.83 -7.81
C THR F 507 17.70 -17.33 -7.42
N ALA F 508 18.62 -17.96 -8.14
CA ALA F 508 18.71 -19.41 -8.22
C ALA F 508 20.06 -19.71 -8.88
N ALA F 509 20.36 -21.01 -9.00
CA ALA F 509 21.61 -21.52 -9.54
C ALA F 509 22.94 -20.98 -8.88
N SER F 510 22.79 -20.37 -7.72
CA SER F 510 23.93 -19.91 -6.93
C SER F 510 24.66 -18.70 -7.46
N VAL F 511 24.28 -18.25 -8.66
CA VAL F 511 25.00 -17.20 -9.40
C VAL F 511 24.64 -15.72 -9.10
N SER F 512 23.79 -15.45 -8.11
CA SER F 512 23.22 -14.08 -7.90
C SER F 512 24.26 -12.98 -7.61
N THR F 513 25.24 -13.32 -6.79
CA THR F 513 26.33 -12.42 -6.43
C THR F 513 27.21 -12.19 -7.64
N ASP F 514 27.39 -13.26 -8.41
CA ASP F 514 28.21 -13.19 -9.63
C ASP F 514 27.59 -12.16 -10.53
N ILE F 515 26.33 -12.40 -10.91
CA ILE F 515 25.74 -11.74 -12.07
C ILE F 515 25.13 -10.37 -11.73
N TYR F 516 24.57 -10.27 -10.53
CA TYR F 516 24.07 -9.01 -10.02
C TYR F 516 25.23 -8.11 -9.64
N GLY F 517 26.30 -8.70 -9.11
CA GLY F 517 27.45 -7.96 -8.60
C GLY F 517 28.13 -7.34 -9.78
N GLN F 518 28.06 -7.99 -10.93
CA GLN F 518 28.55 -7.45 -12.17
C GLN F 518 27.58 -6.37 -12.72
N ALA F 519 26.27 -6.59 -12.66
CA ALA F 519 25.28 -5.57 -13.09
C ALA F 519 25.40 -4.30 -12.27
N VAL F 520 25.49 -4.43 -10.93
CA VAL F 520 25.71 -3.33 -10.01
C VAL F 520 27.01 -2.55 -10.26
N TYR F 521 28.09 -3.29 -10.51
CA TYR F 521 29.43 -2.73 -10.79
C TYR F 521 29.40 -1.85 -12.05
N GLU F 522 28.83 -2.38 -13.12
CA GLU F 522 28.67 -1.65 -14.35
C GLU F 522 27.98 -0.27 -14.16
N ALA F 523 26.81 -0.30 -13.52
CA ALA F 523 26.04 0.89 -13.30
C ALA F 523 26.81 1.83 -12.38
N CYS F 524 27.59 1.31 -11.44
CA CYS F 524 28.43 2.15 -10.59
C CYS F 524 29.52 2.81 -11.47
N GLN F 525 30.08 2.06 -12.41
CA GLN F 525 31.07 2.63 -13.32
C GLN F 525 30.49 3.76 -14.14
N THR F 526 29.24 3.63 -14.57
CA THR F 526 28.57 4.64 -15.40
C THR F 526 28.47 5.98 -14.64
N ILE F 527 28.15 5.88 -13.35
CA ILE F 527 27.97 7.00 -12.48
C ILE F 527 29.29 7.72 -12.26
N LEU F 528 30.33 6.96 -11.91
CA LEU F 528 31.72 7.46 -11.83
C LEU F 528 32.18 8.20 -13.08
N LYS F 529 31.94 7.61 -14.27
CA LYS F 529 32.26 8.30 -15.55
C LYS F 529 31.56 9.66 -15.64
N ARG F 530 30.34 9.76 -15.08
CA ARG F 530 29.54 10.96 -15.17
C ARG F 530 29.97 11.98 -14.17
N LEU F 531 30.40 11.48 -13.01
CA LEU F 531 30.82 12.31 -11.91
C LEU F 531 32.26 12.75 -12.06
N GLU F 532 32.90 12.32 -13.15
CA GLU F 532 34.34 12.43 -13.30
C GLU F 532 34.77 13.89 -13.44
N PRO F 533 34.21 14.61 -14.45
CA PRO F 533 34.48 16.01 -14.74
C PRO F 533 34.44 16.93 -13.52
N PHE F 534 33.58 16.58 -12.54
CA PHE F 534 33.31 17.41 -11.33
C PHE F 534 34.32 17.13 -10.24
N LYS F 535 34.70 15.87 -10.14
CA LYS F 535 35.80 15.39 -9.31
C LYS F 535 37.16 16.04 -9.72
N LYS F 536 37.35 16.22 -11.03
CA LYS F 536 38.51 16.88 -11.66
C LYS F 536 38.52 18.36 -11.38
N LYS F 537 37.42 19.03 -11.75
CA LYS F 537 37.11 20.40 -11.40
C LYS F 537 37.25 20.68 -9.89
N ASN F 538 37.01 19.68 -9.04
CA ASN F 538 37.11 19.92 -7.56
C ASN F 538 37.69 18.75 -6.73
N PRO F 539 38.98 18.38 -6.98
CA PRO F 539 39.67 17.23 -6.39
C PRO F 539 39.58 17.08 -4.89
N ASP F 540 39.48 18.20 -4.19
CA ASP F 540 39.49 18.20 -2.73
C ASP F 540 38.13 18.16 -2.01
N GLY F 541 37.05 18.27 -2.76
CA GLY F 541 35.72 18.25 -2.17
C GLY F 541 35.23 16.84 -1.84
N SER F 542 34.00 16.77 -1.35
CA SER F 542 33.39 15.54 -0.87
C SER F 542 32.57 14.90 -1.98
N TRP F 543 32.13 13.67 -1.71
CA TRP F 543 31.15 12.95 -2.55
C TRP F 543 29.90 13.82 -2.82
N GLU F 544 29.27 14.30 -1.74
CA GLU F 544 28.10 15.23 -1.78
C GLU F 544 28.30 16.49 -2.64
N ASP F 545 29.49 17.06 -2.58
CA ASP F 545 29.83 18.18 -3.46
C ASP F 545 29.84 17.77 -4.93
N TRP F 546 30.40 16.62 -5.26
CA TRP F 546 30.45 16.23 -6.70
C TRP F 546 29.05 15.94 -7.22
N VAL F 547 28.22 15.36 -6.36
CA VAL F 547 26.84 14.94 -6.70
C VAL F 547 25.97 16.18 -6.90
N MET F 548 25.96 17.09 -5.95
CA MET F 548 25.22 18.34 -6.09
C MET F 548 25.66 19.13 -7.32
N ALA F 549 26.98 19.16 -7.54
CA ALA F 549 27.58 19.79 -8.73
C ALA F 549 27.08 19.19 -10.03
N ALA F 550 26.86 17.87 -10.04
CA ALA F 550 26.53 17.20 -11.29
C ALA F 550 25.05 17.39 -11.55
N TYR F 551 24.29 17.44 -10.45
CA TYR F 551 22.86 17.78 -10.50
C TYR F 551 22.61 19.20 -11.08
N GLN F 552 23.25 20.21 -10.47
CA GLN F 552 23.09 21.60 -10.97
C GLN F 552 23.55 21.73 -12.40
N ASP F 553 24.40 20.81 -12.85
CA ASP F 553 24.91 20.86 -14.22
C ASP F 553 24.09 20.02 -15.19
N ARG F 554 22.93 19.58 -14.73
CA ARG F 554 22.04 18.75 -15.51
C ARG F 554 22.76 17.49 -16.05
N VAL F 555 23.57 16.92 -15.16
CA VAL F 555 24.08 15.56 -15.32
C VAL F 555 23.14 14.55 -14.63
N SER F 556 22.69 13.55 -15.39
CA SER F 556 21.86 12.46 -14.84
C SER F 556 22.57 11.57 -13.85
N LEU F 557 22.03 11.49 -12.62
CA LEU F 557 22.57 10.58 -11.58
C LEU F 557 21.81 9.22 -11.41
N SER F 558 21.39 8.66 -12.53
CA SER F 558 20.61 7.45 -12.54
C SER F 558 20.91 6.69 -13.81
N THR F 559 21.11 5.39 -13.65
CA THR F 559 21.45 4.51 -14.77
C THR F 559 21.13 3.06 -14.43
N THR F 560 20.90 2.28 -15.49
CA THR F 560 20.82 0.84 -15.45
C THR F 560 22.23 0.28 -15.68
N GLY F 561 22.53 -0.87 -15.08
CA GLY F 561 23.52 -1.79 -15.61
C GLY F 561 22.99 -3.18 -15.99
N PHE F 562 23.81 -3.97 -16.68
CA PHE F 562 23.40 -5.29 -17.14
C PHE F 562 24.65 -6.13 -17.36
N TYR F 563 24.50 -7.45 -17.27
CA TYR F 563 25.61 -8.40 -17.44
C TYR F 563 25.08 -9.74 -17.97
N ARG F 564 25.86 -10.35 -18.85
CA ARG F 564 25.47 -11.49 -19.67
C ARG F 564 26.70 -12.39 -19.54
N THR F 565 26.57 -13.55 -18.91
CA THR F 565 27.72 -14.45 -18.71
C THR F 565 28.34 -14.86 -20.10
N PRO F 566 29.68 -14.70 -20.27
CA PRO F 566 30.25 -15.01 -21.60
C PRO F 566 30.45 -16.51 -21.87
N ASN F 567 30.46 -16.88 -23.16
CA ASN F 567 30.87 -18.20 -23.63
C ASN F 567 30.15 -19.42 -22.97
N LEU F 568 28.81 -19.39 -22.96
CA LEU F 568 27.99 -20.48 -22.41
C LEU F 568 27.19 -21.08 -23.55
N GLY F 569 26.84 -22.36 -23.43
CA GLY F 569 26.14 -23.00 -24.53
C GLY F 569 26.58 -24.41 -24.85
N TYR F 570 26.17 -25.35 -23.99
CA TYR F 570 26.35 -26.79 -24.22
C TYR F 570 25.31 -27.43 -25.16
N SER F 571 25.83 -28.35 -26.00
CA SER F 571 25.03 -29.14 -26.92
C SER F 571 25.01 -30.64 -26.55
N PHE F 572 23.81 -31.18 -26.32
CA PHE F 572 23.64 -32.59 -26.03
C PHE F 572 23.78 -33.46 -27.28
N GLU F 573 23.56 -32.90 -28.44
CA GLU F 573 24.07 -33.48 -29.70
C GLU F 573 25.39 -32.79 -30.00
N THR F 574 26.43 -33.55 -30.28
CA THR F 574 27.83 -33.02 -30.36
C THR F 574 28.61 -33.01 -29.05
N ASN F 575 27.94 -32.85 -27.90
CA ASN F 575 28.61 -32.97 -26.57
C ASN F 575 29.83 -32.01 -26.33
N SER F 576 29.62 -30.73 -26.68
CA SER F 576 30.65 -29.70 -26.64
C SER F 576 30.02 -28.35 -26.32
N GLY F 577 30.88 -27.38 -26.06
CA GLY F 577 30.47 -26.04 -25.66
C GLY F 577 30.39 -26.07 -24.15
N ASN F 578 30.65 -24.95 -23.52
CA ASN F 578 30.69 -24.91 -22.08
C ASN F 578 29.28 -24.96 -21.49
N ALA F 579 29.08 -25.78 -20.46
CA ALA F 579 27.81 -25.74 -19.74
C ALA F 579 27.90 -24.74 -18.63
N PHE F 580 29.13 -24.54 -18.14
CA PHE F 580 29.36 -23.78 -16.93
C PHE F 580 30.39 -22.66 -17.13
N HIS F 581 30.38 -21.69 -16.23
CA HIS F 581 31.31 -20.60 -16.28
C HIS F 581 32.62 -20.99 -15.56
N TYR F 582 32.47 -21.60 -14.39
CA TYR F 582 33.54 -22.18 -13.60
C TYR F 582 32.87 -23.23 -12.70
N PHE F 583 33.65 -23.81 -11.76
CA PHE F 583 33.21 -24.80 -10.80
C PHE F 583 33.64 -24.35 -9.45
N THR F 584 32.77 -24.59 -8.49
CA THR F 584 33.15 -24.42 -7.08
C THR F 584 33.46 -25.84 -6.57
N TYR F 585 34.47 -25.95 -5.69
CA TYR F 585 34.98 -27.21 -5.13
C TYR F 585 35.11 -27.18 -3.60
N GLY F 586 35.05 -28.35 -2.96
CA GLY F 586 35.23 -28.49 -1.53
C GLY F 586 35.45 -29.96 -1.15
N VAL F 587 35.78 -30.16 0.12
CA VAL F 587 35.99 -31.49 0.64
C VAL F 587 35.50 -31.43 2.06
N ALA F 588 34.82 -32.49 2.48
CA ALA F 588 34.43 -32.69 3.88
C ALA F 588 34.83 -34.07 4.42
N CYS F 589 35.20 -34.08 5.68
CA CYS F 589 35.51 -35.27 6.39
C CYS F 589 34.57 -35.27 7.54
N SER F 590 33.82 -36.35 7.76
CA SER F 590 32.94 -36.47 8.96
C SER F 590 33.13 -37.76 9.78
N GLU F 591 32.86 -37.67 11.07
CA GLU F 591 32.93 -38.82 11.92
C GLU F 591 31.61 -39.04 12.63
N VAL F 592 31.22 -40.30 12.74
CA VAL F 592 29.93 -40.64 13.31
C VAL F 592 30.12 -41.84 14.21
N GLU F 593 29.28 -41.92 15.22
CA GLU F 593 29.16 -43.12 16.03
C GLU F 593 27.72 -43.62 15.95
N ILE F 594 27.50 -44.87 15.56
CA ILE F 594 26.15 -45.45 15.52
C ILE F 594 25.82 -46.32 16.73
N ASP F 595 24.55 -46.35 17.10
CA ASP F 595 24.11 -47.36 18.06
C ASP F 595 23.62 -48.56 17.25
N CYS F 596 24.28 -49.71 17.39
CA CYS F 596 23.91 -50.83 16.55
C CYS F 596 22.59 -51.45 17.02
N LEU F 597 22.20 -51.13 18.25
CA LEU F 597 21.00 -51.72 18.86
C LEU F 597 19.72 -50.91 18.63
N THR F 598 19.88 -49.61 18.34
CA THR F 598 18.75 -48.70 18.06
C THR F 598 18.69 -48.10 16.67
N GLY F 599 19.80 -47.98 15.97
CA GLY F 599 19.77 -47.28 14.68
C GLY F 599 20.06 -45.80 14.84
N ASP F 600 20.06 -45.35 16.09
CA ASP F 600 20.60 -44.03 16.44
C ASP F 600 22.03 -43.77 16.04
N HIS F 601 22.40 -42.50 15.95
CA HIS F 601 23.78 -42.09 15.70
C HIS F 601 24.07 -40.66 16.22
N LYS F 602 25.34 -40.39 16.60
CA LYS F 602 25.84 -39.05 16.88
C LYS F 602 26.85 -38.66 15.80
N ASN F 603 26.74 -37.45 15.29
CA ASN F 603 27.80 -36.82 14.49
C ASN F 603 28.88 -36.20 15.38
N LEU F 604 30.03 -36.85 15.41
CA LEU F 604 31.09 -36.49 16.34
C LEU F 604 31.85 -35.23 15.93
N ARG F 605 32.22 -35.17 14.66
CA ARG F 605 33.10 -34.14 14.12
C ARG F 605 33.09 -34.12 12.60
N THR F 606 33.00 -32.91 12.06
CA THR F 606 33.07 -32.69 10.60
C THR F 606 34.06 -31.57 10.34
N ASP F 607 34.77 -31.64 9.23
CA ASP F 607 35.79 -30.65 8.93
C ASP F 607 35.56 -30.33 7.49
N ILE F 608 35.43 -29.06 7.12
CA ILE F 608 35.23 -28.72 5.70
C ILE F 608 36.33 -27.76 5.19
N VAL F 609 36.72 -27.91 3.93
CA VAL F 609 37.55 -26.92 3.26
C VAL F 609 36.82 -26.67 1.94
N MET F 610 36.29 -25.46 1.77
CA MET F 610 35.66 -24.98 0.53
C MET F 610 36.53 -24.00 -0.23
N ASP F 611 36.70 -24.25 -1.52
CA ASP F 611 37.15 -23.23 -2.47
C ASP F 611 36.02 -22.23 -2.86
N VAL F 612 35.97 -21.08 -2.19
CA VAL F 612 35.03 -19.99 -2.56
C VAL F 612 35.79 -18.79 -3.16
N GLY F 613 36.96 -19.05 -3.74
CA GLY F 613 37.81 -18.00 -4.31
C GLY F 613 38.20 -17.00 -3.25
N SER F 614 38.26 -15.72 -3.64
CA SER F 614 38.39 -14.61 -2.67
C SER F 614 37.00 -14.07 -2.26
N SER F 615 36.64 -14.41 -1.02
CA SER F 615 35.31 -14.17 -0.52
C SER F 615 35.01 -12.66 -0.42
N LEU F 616 33.82 -12.24 -0.89
CA LEU F 616 33.33 -10.86 -0.66
C LEU F 616 33.04 -10.60 0.82
N ASN F 617 32.70 -11.67 1.55
CA ASN F 617 32.28 -11.60 2.99
C ASN F 617 32.40 -13.00 3.56
N PRO F 618 33.56 -13.33 4.16
CA PRO F 618 33.83 -14.64 4.82
C PRO F 618 32.81 -15.12 5.84
N ALA F 619 32.27 -14.20 6.61
CA ALA F 619 31.25 -14.56 7.58
C ALA F 619 29.95 -15.04 6.87
N ILE F 620 29.57 -14.39 5.76
CA ILE F 620 28.43 -14.82 4.95
C ILE F 620 28.70 -16.17 4.29
N ASP F 621 29.85 -16.27 3.63
CA ASP F 621 30.21 -17.48 2.90
C ASP F 621 30.38 -18.73 3.76
N ILE F 622 30.90 -18.58 4.95
CA ILE F 622 30.97 -19.67 5.94
C ILE F 622 29.59 -20.09 6.45
N GLY F 623 28.68 -19.10 6.62
CA GLY F 623 27.28 -19.35 7.02
C GLY F 623 26.58 -20.09 5.90
N GLN F 624 26.93 -19.73 4.67
CA GLN F 624 26.40 -20.48 3.53
C GLN F 624 26.88 -21.96 3.48
N VAL F 625 28.18 -22.19 3.71
CA VAL F 625 28.77 -23.57 3.82
C VAL F 625 28.15 -24.45 4.93
N GLU F 626 28.13 -23.92 6.15
CA GLU F 626 27.50 -24.56 7.30
C GLU F 626 26.01 -24.84 7.10
N GLY F 627 25.22 -23.88 6.63
CA GLY F 627 23.81 -24.09 6.35
C GLY F 627 23.52 -25.12 5.27
N ALA F 628 24.23 -25.02 4.13
CA ALA F 628 24.17 -25.98 3.02
C ALA F 628 24.56 -27.40 3.52
N PHE F 629 25.69 -27.49 4.26
CA PHE F 629 26.10 -28.77 4.83
C PHE F 629 24.99 -29.44 5.68
N VAL F 630 24.33 -28.62 6.50
CA VAL F 630 23.30 -29.12 7.41
C VAL F 630 22.00 -29.51 6.73
N GLN F 631 21.63 -28.82 5.67
CA GLN F 631 20.52 -29.25 4.83
C GLN F 631 20.85 -30.52 4.12
N GLY F 632 22.10 -30.67 3.70
CA GLY F 632 22.59 -31.95 3.14
C GLY F 632 22.57 -33.10 4.14
N LEU F 633 23.10 -32.89 5.34
CA LEU F 633 22.93 -33.87 6.38
C LEU F 633 21.47 -34.24 6.68
N GLY F 634 20.52 -33.31 6.55
CA GLY F 634 19.13 -33.67 6.67
C GLY F 634 18.71 -34.63 5.55
N LEU F 635 19.01 -34.24 4.31
CA LEU F 635 18.63 -35.03 3.13
C LEU F 635 19.05 -36.51 3.27
N PHE F 636 20.27 -36.73 3.72
CA PHE F 636 20.95 -38.03 3.71
C PHE F 636 20.77 -38.92 4.95
N THR F 637 20.29 -38.31 6.04
CA THR F 637 20.33 -38.97 7.36
C THR F 637 19.09 -38.76 8.29
N LEU F 638 18.23 -37.79 8.00
CA LEU F 638 17.17 -37.38 8.97
C LEU F 638 15.82 -37.24 8.33
N GLU F 639 15.81 -36.71 7.12
CA GLU F 639 14.60 -36.16 6.52
C GLU F 639 13.97 -37.22 5.66
N GLU F 640 12.75 -37.62 6.00
CA GLU F 640 12.01 -38.61 5.20
C GLU F 640 10.56 -38.27 4.91
N LEU F 641 10.18 -38.25 3.65
CA LEU F 641 8.77 -38.08 3.29
C LEU F 641 8.17 -39.44 3.16
N HIS F 642 6.99 -39.59 3.72
CA HIS F 642 6.31 -40.88 3.76
C HIS F 642 4.86 -40.65 3.24
N TYR F 643 4.46 -41.48 2.27
CA TYR F 643 3.20 -41.43 1.52
C TYR F 643 2.40 -42.69 1.77
N SER F 644 1.08 -42.56 1.85
CA SER F 644 0.26 -43.75 1.81
C SER F 644 0.45 -44.47 0.48
N PRO F 645 0.00 -45.75 0.41
CA PRO F 645 0.04 -46.48 -0.85
C PRO F 645 -0.73 -45.77 -1.97
N GLU F 646 -1.82 -45.07 -1.60
CA GLU F 646 -2.64 -44.27 -2.53
C GLU F 646 -2.06 -42.91 -2.92
N GLY F 647 -0.87 -42.56 -2.38
CA GLY F 647 -0.20 -41.35 -2.84
C GLY F 647 -0.43 -40.10 -2.01
N SER F 648 -0.87 -40.32 -0.78
CA SER F 648 -1.21 -39.26 0.13
C SER F 648 -0.08 -39.09 1.14
N LEU F 649 0.46 -37.87 1.25
CA LEU F 649 1.59 -37.62 2.14
C LEU F 649 1.16 -37.70 3.60
N HIS F 650 1.85 -38.53 4.38
CA HIS F 650 1.67 -38.64 5.83
C HIS F 650 2.46 -37.56 6.58
N THR F 651 3.68 -37.25 6.10
CA THR F 651 4.60 -36.39 6.85
C THR F 651 4.36 -34.86 6.57
N ARG F 652 3.58 -34.20 7.44
CA ARG F 652 3.06 -32.87 7.09
C ARG F 652 3.38 -31.75 8.06
N GLY F 653 4.38 -31.95 8.91
CA GLY F 653 4.78 -30.92 9.82
C GLY F 653 6.03 -31.33 10.51
N PRO F 654 6.53 -30.50 11.44
CA PRO F 654 7.80 -30.84 12.13
C PRO F 654 7.71 -32.02 13.09
N SER F 655 6.49 -32.46 13.44
CA SER F 655 6.33 -33.58 14.36
C SER F 655 6.62 -34.88 13.67
N THR F 656 6.31 -34.97 12.38
CA THR F 656 6.53 -36.20 11.62
C THR F 656 7.63 -36.06 10.58
N TYR F 657 8.07 -34.86 10.28
CA TYR F 657 9.21 -34.62 9.36
C TYR F 657 10.35 -33.95 10.12
N LYS F 658 11.50 -34.62 10.23
CA LYS F 658 12.59 -34.14 11.09
C LYS F 658 13.76 -33.49 10.32
N ILE F 659 13.77 -32.16 10.31
CA ILE F 659 14.87 -31.40 9.81
C ILE F 659 15.94 -31.31 10.90
N PRO F 660 17.19 -31.08 10.49
CA PRO F 660 18.24 -30.99 11.51
C PRO F 660 17.87 -29.99 12.64
N ALA F 661 18.18 -30.37 13.87
CA ALA F 661 17.86 -29.59 15.07
C ALA F 661 19.16 -29.04 15.62
N PHE F 662 19.09 -28.15 16.61
CA PHE F 662 20.28 -27.63 17.30
C PHE F 662 21.26 -28.76 17.66
N GLY F 663 20.70 -29.83 18.25
CA GLY F 663 21.49 -30.93 18.76
C GLY F 663 21.88 -32.00 17.76
N SER F 664 21.40 -31.91 16.52
CA SER F 664 21.83 -32.77 15.40
C SER F 664 23.21 -32.42 14.84
N ILE F 665 23.66 -31.18 14.99
CA ILE F 665 24.93 -30.78 14.36
C ILE F 665 26.16 -31.48 14.98
N PRO F 666 27.23 -31.73 14.16
CA PRO F 666 28.50 -32.35 14.60
C PRO F 666 29.02 -31.60 15.82
N THR F 667 29.51 -32.33 16.81
CA THR F 667 29.83 -31.72 18.08
C THR F 667 31.03 -30.82 17.85
N GLU F 668 31.87 -31.24 16.89
CA GLU F 668 32.97 -30.41 16.40
C GLU F 668 32.78 -30.17 14.93
N PHE F 669 32.55 -28.91 14.63
CA PHE F 669 32.05 -28.52 13.34
C PHE F 669 33.02 -27.44 12.86
N ARG F 670 33.88 -27.78 11.88
CA ARG F 670 34.95 -26.87 11.39
C ARG F 670 34.89 -26.52 9.91
N VAL F 671 34.75 -25.23 9.61
CA VAL F 671 34.77 -24.77 8.21
C VAL F 671 35.96 -23.84 7.99
N SER F 672 36.58 -24.02 6.83
CA SER F 672 37.75 -23.31 6.42
C SER F 672 37.52 -22.96 4.99
N LEU F 673 37.87 -21.75 4.65
CA LEU F 673 37.79 -21.37 3.27
C LEU F 673 39.21 -21.43 2.66
N LEU F 674 39.32 -21.95 1.44
CA LEU F 674 40.61 -22.10 0.83
C LEU F 674 41.31 -20.75 0.71
N ARG F 675 42.63 -20.75 0.87
CA ARG F 675 43.37 -19.52 0.76
C ARG F 675 44.15 -19.41 -0.53
N ASP F 676 44.28 -18.17 -0.98
CA ASP F 676 45.12 -17.82 -2.12
C ASP F 676 44.66 -18.49 -3.45
N CYS F 677 43.34 -18.50 -3.65
CA CYS F 677 42.74 -19.13 -4.83
C CYS F 677 41.74 -18.21 -5.55
N PRO F 678 42.22 -17.08 -6.15
CA PRO F 678 41.35 -16.09 -6.80
C PRO F 678 40.61 -16.59 -8.07
N ASN F 679 39.29 -16.43 -8.10
CA ASN F 679 38.53 -16.86 -9.29
C ASN F 679 38.64 -15.86 -10.45
N LYS F 680 39.38 -16.25 -11.49
CA LYS F 680 39.52 -15.47 -12.74
C LYS F 680 38.16 -14.89 -13.15
N LYS F 681 37.18 -15.79 -13.29
CA LYS F 681 35.93 -15.57 -13.99
C LYS F 681 34.81 -14.74 -13.31
N ALA F 682 34.93 -14.37 -12.02
CA ALA F 682 33.81 -13.71 -11.33
C ALA F 682 34.19 -12.52 -10.44
N ILE F 683 33.15 -11.74 -10.11
CA ILE F 683 33.23 -10.42 -9.48
C ILE F 683 34.21 -10.37 -8.32
N TYR F 684 35.18 -9.47 -8.43
CA TYR F 684 36.24 -9.30 -7.40
C TYR F 684 36.86 -10.63 -6.91
N ALA F 685 37.03 -11.55 -7.87
CA ALA F 685 37.66 -12.89 -7.75
C ALA F 685 36.96 -13.95 -6.83
N SER F 686 35.64 -13.79 -6.63
CA SER F 686 34.89 -14.63 -5.69
C SER F 686 34.31 -15.79 -6.43
N LYS F 687 33.73 -16.74 -5.69
CA LYS F 687 32.98 -17.87 -6.31
C LYS F 687 31.59 -18.06 -5.67
N ALA F 688 30.60 -18.47 -6.45
CA ALA F 688 29.32 -18.99 -5.88
C ALA F 688 29.54 -20.01 -4.75
N VAL F 689 28.70 -19.94 -3.72
CA VAL F 689 28.85 -20.74 -2.50
C VAL F 689 27.51 -21.37 -2.01
N GLY F 690 26.39 -20.94 -2.57
CA GLY F 690 25.07 -21.30 -2.04
C GLY F 690 24.74 -22.79 -2.05
N GLU F 691 24.69 -23.36 -3.25
CA GLU F 691 24.42 -24.81 -3.43
C GLU F 691 25.64 -25.76 -3.38
N PRO F 692 26.83 -25.35 -3.91
CA PRO F 692 28.01 -26.28 -3.84
C PRO F 692 28.31 -27.10 -2.53
N PRO F 693 28.20 -26.51 -1.31
CA PRO F 693 28.51 -27.31 -0.11
C PRO F 693 27.47 -28.36 0.31
N LEU F 694 26.25 -28.26 -0.19
CA LEU F 694 25.20 -29.10 0.33
C LEU F 694 25.58 -30.59 0.23
N PHE F 695 26.10 -31.03 -0.92
CA PHE F 695 26.39 -32.45 -1.12
C PHE F 695 27.44 -33.03 -0.16
N LEU F 696 28.25 -32.18 0.45
CA LEU F 696 29.20 -32.67 1.43
C LEU F 696 28.53 -33.10 2.72
N GLY F 697 27.22 -32.86 2.85
CA GLY F 697 26.48 -33.39 3.99
C GLY F 697 26.58 -34.93 3.97
N ALA F 698 26.82 -35.48 2.77
CA ALA F 698 26.83 -36.91 2.51
C ALA F 698 27.99 -37.60 3.16
N SER F 699 29.05 -36.86 3.43
CA SER F 699 30.16 -37.44 4.17
C SER F 699 29.69 -38.07 5.52
N VAL F 700 28.61 -37.53 6.12
CA VAL F 700 27.89 -38.17 7.22
C VAL F 700 27.29 -39.53 6.81
N PHE F 701 26.60 -39.57 5.67
CA PHE F 701 26.07 -40.80 5.13
C PHE F 701 27.15 -41.89 5.04
N PHE F 702 28.20 -41.61 4.29
CA PHE F 702 29.23 -42.61 3.99
C PHE F 702 30.05 -42.99 5.24
N ALA F 703 30.11 -42.09 6.20
CA ALA F 703 30.70 -42.36 7.50
C ALA F 703 29.79 -43.34 8.26
N ILE F 704 28.48 -43.12 8.22
CA ILE F 704 27.53 -44.08 8.79
C ILE F 704 27.65 -45.49 8.14
N LYS F 705 27.87 -45.51 6.81
CA LYS F 705 27.92 -46.72 5.99
C LYS F 705 29.15 -47.55 6.36
N ASP F 706 30.26 -46.85 6.62
CA ASP F 706 31.45 -47.39 7.27
C ASP F 706 31.18 -48.04 8.61
N ALA F 707 30.50 -47.31 9.49
CA ALA F 707 30.19 -47.81 10.81
C ALA F 707 29.30 -49.05 10.76
N ILE F 708 28.35 -49.07 9.81
CA ILE F 708 27.44 -50.19 9.64
C ILE F 708 28.26 -51.40 9.17
N ARG F 709 29.15 -51.16 8.21
CA ARG F 709 30.03 -52.20 7.67
C ARG F 709 30.88 -52.84 8.78
N ALA F 710 31.32 -52.03 9.74
CA ALA F 710 32.00 -52.51 10.91
C ALA F 710 31.09 -53.25 11.90
N ALA F 711 29.78 -52.96 11.90
CA ALA F 711 28.83 -53.66 12.75
C ALA F 711 28.56 -55.02 12.17
N ARG F 712 28.41 -55.03 10.84
CA ARG F 712 28.20 -56.27 10.12
C ARG F 712 29.41 -57.21 10.17
N ALA F 713 30.64 -56.68 10.20
CA ALA F 713 31.85 -57.52 10.27
C ALA F 713 31.87 -58.24 11.61
N GLN F 714 31.35 -57.55 12.62
CA GLN F 714 31.23 -58.06 13.96
C GLN F 714 30.09 -59.07 14.14
N HIS F 715 28.86 -58.72 13.78
CA HIS F 715 27.69 -59.55 14.13
C HIS F 715 27.16 -60.46 13.04
N THR F 716 27.27 -60.02 11.78
CA THR F 716 26.84 -60.85 10.63
C THR F 716 27.97 -61.86 10.31
N ASN F 717 28.14 -62.22 9.04
CA ASN F 717 29.37 -62.92 8.64
C ASN F 717 30.69 -62.08 8.88
N ASN F 718 31.64 -62.16 7.95
CA ASN F 718 32.85 -61.33 7.95
C ASN F 718 32.99 -60.78 6.54
N ASN F 719 33.17 -61.70 5.58
CA ASN F 719 33.09 -61.44 4.14
C ASN F 719 33.13 -59.94 3.88
N THR F 720 34.32 -59.38 4.09
CA THR F 720 34.54 -57.93 4.03
C THR F 720 34.05 -57.34 2.69
N LYS F 721 34.37 -58.03 1.59
CA LYS F 721 34.06 -57.56 0.21
C LYS F 721 32.58 -57.69 -0.13
N GLU F 722 31.80 -57.88 0.94
CA GLU F 722 30.34 -58.03 1.00
C GLU F 722 29.66 -56.69 0.85
N LEU F 723 28.80 -56.59 -0.16
CA LEU F 723 28.07 -55.34 -0.43
C LEU F 723 26.60 -55.48 -0.08
N PHE F 724 26.02 -54.39 0.40
CA PHE F 724 24.60 -54.33 0.78
C PHE F 724 24.12 -52.95 0.35
N ARG F 725 22.84 -52.84 0.02
CA ARG F 725 22.21 -51.60 -0.41
C ARG F 725 21.85 -50.75 0.80
N LEU F 726 22.31 -49.51 0.79
CA LEU F 726 21.84 -48.50 1.73
C LEU F 726 21.34 -47.36 0.84
N ASP F 727 20.01 -47.26 0.73
CA ASP F 727 19.37 -46.10 0.11
C ASP F 727 19.43 -44.83 1.03
N SER F 728 19.30 -43.63 0.43
CA SER F 728 19.12 -42.36 1.19
C SER F 728 17.63 -42.07 1.34
N PRO F 729 17.19 -41.54 2.50
CA PRO F 729 17.97 -41.25 3.72
C PRO F 729 18.28 -42.51 4.56
N ALA F 730 19.43 -42.50 5.23
CA ALA F 730 19.81 -43.52 6.17
C ALA F 730 19.20 -43.12 7.47
N THR F 731 17.93 -43.45 7.66
CA THR F 731 17.23 -43.22 8.94
C THR F 731 17.55 -44.29 10.00
N PRO F 732 17.18 -44.03 11.28
CA PRO F 732 17.31 -45.05 12.33
C PRO F 732 16.78 -46.45 11.93
N GLU F 733 15.67 -46.53 11.21
CA GLU F 733 15.13 -47.80 10.77
C GLU F 733 16.05 -48.51 9.79
N LYS F 734 16.57 -47.75 8.82
CA LYS F 734 17.50 -48.27 7.83
C LYS F 734 18.84 -48.71 8.41
N ILE F 735 19.39 -47.90 9.31
CA ILE F 735 20.66 -48.21 10.01
C ILE F 735 20.55 -49.46 10.88
N ARG F 736 19.46 -49.59 11.63
CA ARG F 736 19.22 -50.73 12.51
C ARG F 736 19.05 -52.03 11.74
N ASN F 737 18.25 -51.98 10.67
CA ASN F 737 17.91 -53.18 9.91
C ASN F 737 19.16 -53.72 9.21
N ALA F 738 20.10 -52.83 8.88
CA ALA F 738 21.35 -53.20 8.16
C ALA F 738 22.39 -53.76 9.11
N CYS F 739 22.22 -53.49 10.40
CA CYS F 739 23.07 -54.01 11.46
C CYS F 739 22.48 -55.33 11.88
N VAL F 740 22.53 -56.29 10.95
CA VAL F 740 22.01 -57.68 11.08
C VAL F 740 22.73 -58.36 12.26
N ASP F 741 21.98 -59.02 13.15
CA ASP F 741 22.56 -59.62 14.41
C ASP F 741 21.56 -60.58 15.05
N LYS F 742 21.88 -61.07 16.25
CA LYS F 742 21.03 -62.04 16.98
C LYS F 742 19.58 -61.59 17.15
N PHE F 743 19.36 -60.28 17.15
CA PHE F 743 18.03 -59.72 17.37
C PHE F 743 17.26 -59.55 16.07
N THR F 744 17.88 -58.96 15.07
CA THR F 744 17.21 -58.81 13.76
C THR F 744 16.81 -60.19 13.15
N THR F 745 17.68 -61.20 13.32
CA THR F 745 17.51 -62.54 12.73
C THR F 745 16.50 -63.56 13.39
#